data_4MMX
#
_entry.id   4MMX
#
_cell.length_a   129.859
_cell.length_b   129.859
_cell.length_c   305.831
_cell.angle_alpha   90.00
_cell.angle_beta   90.00
_cell.angle_gamma   120.00
#
_symmetry.space_group_name_H-M   'P 32 2 1'
#
loop_
_entity.id
_entity.type
_entity.pdbx_description
1 polymer 'Integrin alpha-V'
2 polymer 'Integrin beta-3'
3 polymer Fibronectin
4 branched alpha-D-mannopyranose-(1-3)-beta-D-mannopyranose-(1-4)-2-acetamido-2-deoxy-beta-D-glucopyranose-(1-4)-2-acetamido-2-deoxy-beta-D-glucopyranose
5 branched 2-acetamido-2-deoxy-beta-D-glucopyranose-(1-4)-2-acetamido-2-deoxy-beta-D-glucopyranose
6 branched alpha-D-mannopyranose-(1-4)-beta-D-mannopyranose-(1-6)-[alpha-D-mannopyranose-(1-3)]beta-D-mannopyranose-(1-4)-2-acetamido-2-deoxy-beta-D-glucopyranose-(1-4)-2-acetamido-2-deoxy-beta-D-glucopyranose
7 branched beta-D-mannopyranose-(1-4)-2-acetamido-2-deoxy-beta-D-glucopyranose-(1-4)-2-acetamido-2-deoxy-beta-D-glucopyranose
8 non-polymer 2-acetamido-2-deoxy-beta-D-glucopyranose
9 non-polymer 'MANGANESE (II) ION'
10 water water
#
loop_
_entity_poly.entity_id
_entity_poly.type
_entity_poly.pdbx_seq_one_letter_code
_entity_poly.pdbx_strand_id
1 'polypeptide(L)'
;FNLDVDSPAEYSGPEGSYFGFAVDFFVPSASSRMFLLVGAPKANTTQPGIVEGGQVLKCDWSSTRRCQPIEFDATGNRDY
AKDDPLEFKSHQWFGASVRSKQDKILACAPLYHWRTEMKQEREPVGTCFLQDGTKTVEYAPCRSQDIDADGQGFCQGGFS
IDFTKADRVLLGGPGSFYWQGQLISDQVAEIVSKYDPNVYSIKYNNQLATRTAQAIFDDSYLGYSVAVGDFNGDGIDDFV
SGVPRAARTLGMVYIYDGKNMSSLYNFTGEQMAAYFGFSVAATDINGDDYADVFIGAPLFMDRGSDGKLQEVGQVSVSLQ
RASGDFQTTKLNGFEVFARFGSAIAPLGDLDQDGFNDIAIAAPYGGEDKKGIVYIFNGRSTGLNAVPSQILEGQWAARSM
PPSFGYSMKGATDIDKNGYPDLIVGAFGVDRAILYRARPVITVNAGLEVYPSILNQDNKTCSLPGTALKVSCFNVRFCLK
ADGKGVLPRKLNFQVELLLDKLKQKGAIRRALFLYSRSPSHSKNMTISRGGLMQCEELIAYLRDESEFRDKLTPITIFME
YRLDYRTAADTTGLQPILNQFTPANISRQAHILLDCGEDNVCKPKLEVSVDSDQKKIYIGDDNPLTLIVKAQNQGEGAYE
AELIVSIPLQADFIGVVRNNEALARLSCAFKTENQTRQVVCDLGNPMKAGTQLLAGLRFSVHQQSEMDTSVKFDLQIQSS
NLFDKVSPVVSHKVDLAVLAAVEIRGVSSPDHVFLPIPNWEHKENPETEEDVGPVVQHIYELRNNGPSSFSKAMLHLQWP
YKYNNNTLLYILHYDIDGPMNCTSDMEINPLRIKISSLQTTEKNDTVAGQGERDHLITKRDLALSEGDIHTLGCGVAQCL
KIVCQVGRLDRGKSAILYVKSLLWTETFMNKENQNHSYSLKSSASFNVIEFPYKNLPIEDITNSTLVTTNVTWGIQPAP
;
A
2 'polypeptide(L)'
;GPNICTTRGVSSCQQCLAVSPMCAWCSDEALPLGSPRCDLKENLLKDNCAPESIEFPVSEARVLEDRPLSDKGSGDSSQV
TQVSPQRIALRLRPDDSKNFSIQVRQVEDYPVDIYYLMDLSYSMKDDLWSIQNLGTKLATQMRKLTSNLRIGFGAFVDKP
VSPYMYISPPEALENPCYDMKTTCLPMFGYKHVLTLTDQVTRFNEEVKKQSVSRNRDAPEGGFDAIMQATVCDEKIGWRN
DASHLLVFTTDAKTHIALDGRLAGIVQPNDGQCHVGSDNHYSASTTMDYPSLGLMTEKLSQKNINLIFAVTENVVNLYQN
YSELIPGTTVGVLSMDSSNVLQLIVDAYGKIRSKVELEVRDLPEELSLSFNATCLNNEVIPGLKSCMGLKIGDTVSFSIE
AKVRGCPQEKEKSFTIKPVGFKDSLIVQVTFDCDCACQAQAEPNSHRCNNGNGTFECGVCRCGPGWLGSQCECSEEDYRP
SQQDECSPREGQPVCSQRGECLCGQCVCHSSDFGKITGKYCECDDFSCVRYKGEMCSGHGQCSCGDCLCDSDWTGYYCNC
TTRTDTCMSSNGLLCSGRGKCECGSCVCIQPGSYGDTCEKCPTCPDACTFKKECVECKKFDRGALHDENTCNRYCRDEIE
SVKELKDTGKDAVNCTYKNEDDCVVRFQYYEDSSGKSILYVVEEPECPKGPD
;
B
3 'polypeptide(L)'
;SDVPRDLEVVAATPTSLLISWDAPAVTVRYYRITYGETGGNSPVQEFTVPGSKSTATISGLKPGVDYTITVYAVTGRGDS
PASSKPISINYRTGKKGK
;
C
#
loop_
_chem_comp.id
_chem_comp.type
_chem_comp.name
_chem_comp.formula
BMA D-saccharide, beta linking beta-D-mannopyranose 'C6 H12 O6'
MAN D-saccharide, alpha linking alpha-D-mannopyranose 'C6 H12 O6'
MN non-polymer 'MANGANESE (II) ION' 'Mn 2'
NAG D-saccharide, beta linking 2-acetamido-2-deoxy-beta-D-glucopyranose 'C8 H15 N O6'
#
# COMPACT_ATOMS: atom_id res chain seq x y z
N PHE A 1 -0.42 24.22 10.49
CA PHE A 1 -1.79 24.66 10.71
C PHE A 1 -1.88 26.18 10.77
N ASN A 2 -0.72 26.83 10.83
CA ASN A 2 -0.65 28.27 11.01
C ASN A 2 -0.48 29.04 9.71
N LEU A 3 -0.53 28.37 8.56
CA LEU A 3 -0.48 29.08 7.30
C LEU A 3 -1.80 29.79 7.05
N ASP A 4 -1.72 31.02 6.55
CA ASP A 4 -2.88 31.86 6.34
C ASP A 4 -3.34 31.71 4.90
N VAL A 5 -4.54 31.15 4.71
CA VAL A 5 -5.05 30.85 3.38
C VAL A 5 -6.09 31.87 2.91
N ASP A 6 -6.52 32.79 3.77
CA ASP A 6 -7.56 33.73 3.36
C ASP A 6 -7.02 34.84 2.46
N SER A 7 -5.78 35.28 2.69
CA SER A 7 -5.20 36.40 1.94
C SER A 7 -3.72 36.16 1.70
N PRO A 8 -3.38 35.25 0.78
CA PRO A 8 -1.97 35.08 0.41
C PRO A 8 -1.54 36.09 -0.64
N ALA A 9 -0.30 35.96 -1.12
CA ALA A 9 0.23 36.83 -2.16
C ALA A 9 0.30 36.05 -3.47
N GLU A 10 -0.39 36.55 -4.49
CA GLU A 10 -0.49 35.88 -5.78
C GLU A 10 0.32 36.64 -6.82
N TYR A 11 1.25 35.93 -7.45
CA TYR A 11 2.10 36.48 -8.51
C TYR A 11 1.83 35.70 -9.80
N SER A 12 1.72 36.42 -10.92
CA SER A 12 1.36 35.82 -12.19
C SER A 12 2.32 36.29 -13.27
N GLY A 13 2.87 35.35 -14.03
CA GLY A 13 3.68 35.66 -15.18
C GLY A 13 2.90 35.53 -16.46
N PRO A 14 3.57 35.74 -17.60
CA PRO A 14 2.88 35.60 -18.89
C PRO A 14 2.41 34.17 -19.11
N GLU A 15 1.23 34.04 -19.72
CA GLU A 15 0.66 32.72 -19.93
C GLU A 15 1.48 31.94 -20.96
N GLY A 16 1.56 30.62 -20.76
CA GLY A 16 2.34 29.76 -21.61
C GLY A 16 3.82 29.73 -21.30
N SER A 17 4.27 30.48 -20.31
CA SER A 17 5.68 30.54 -19.94
C SER A 17 6.04 29.55 -18.84
N TYR A 18 5.07 28.77 -18.35
CA TYR A 18 5.26 27.87 -17.21
C TYR A 18 5.79 28.66 -16.00
N PHE A 19 5.28 29.88 -15.84
CA PHE A 19 5.65 30.70 -14.70
C PHE A 19 5.27 29.99 -13.42
N GLY A 20 6.23 29.85 -12.52
CA GLY A 20 6.03 29.07 -11.31
C GLY A 20 6.52 27.64 -11.39
N PHE A 21 7.23 27.28 -12.46
CA PHE A 21 7.78 25.92 -12.57
C PHE A 21 8.87 25.68 -11.53
N ALA A 22 9.53 26.74 -11.09
CA ALA A 22 10.57 26.66 -10.07
C ALA A 22 10.48 27.90 -9.19
N VAL A 23 10.60 27.71 -7.88
CA VAL A 23 10.48 28.81 -6.93
C VAL A 23 11.61 28.70 -5.90
N ASP A 24 12.00 29.85 -5.36
CA ASP A 24 12.96 29.91 -4.26
C ASP A 24 12.90 31.32 -3.68
N PHE A 25 13.60 31.49 -2.56
CA PHE A 25 13.70 32.79 -1.90
C PHE A 25 15.02 33.45 -2.27
N PHE A 26 14.98 34.77 -2.43
CA PHE A 26 16.18 35.57 -2.62
C PHE A 26 16.34 36.48 -1.40
N VAL A 27 17.36 36.20 -0.59
CA VAL A 27 17.61 37.00 0.60
C VAL A 27 19.03 37.54 0.51
N PRO A 28 19.22 38.71 -0.10
CA PRO A 28 20.57 39.23 -0.30
C PRO A 28 21.17 39.74 1.02
N SER A 29 22.50 39.66 1.09
CA SER A 29 23.23 40.18 2.24
C SER A 29 23.48 41.68 2.15
N ALA A 30 23.29 42.29 0.98
CA ALA A 30 23.50 43.71 0.79
C ALA A 30 22.24 44.52 1.02
N SER A 31 21.12 43.88 1.34
CA SER A 31 19.85 44.57 1.51
C SER A 31 19.02 43.88 2.57
N SER A 32 18.26 44.67 3.32
CA SER A 32 17.29 44.12 4.27
C SER A 32 16.03 43.62 3.60
N ARG A 33 15.82 43.95 2.33
CA ARG A 33 14.67 43.47 1.59
C ARG A 33 14.85 42.01 1.17
N MET A 34 13.73 41.36 0.88
CA MET A 34 13.71 39.99 0.39
C MET A 34 12.82 39.91 -0.83
N PHE A 35 13.09 38.91 -1.67
CA PHE A 35 12.40 38.80 -2.95
C PHE A 35 12.03 37.35 -3.22
N LEU A 36 11.10 37.17 -4.16
CA LEU A 36 10.68 35.85 -4.60
C LEU A 36 11.29 35.57 -5.97
N LEU A 37 11.96 34.43 -6.10
CA LEU A 37 12.52 33.99 -7.36
C LEU A 37 11.58 32.96 -7.99
N VAL A 38 11.13 33.24 -9.20
CA VAL A 38 10.20 32.38 -9.91
C VAL A 38 10.78 32.09 -11.29
N GLY A 39 10.89 30.80 -11.63
CA GLY A 39 11.39 30.40 -12.95
C GLY A 39 10.26 30.26 -13.95
N ALA A 40 10.52 30.68 -15.18
CA ALA A 40 9.55 30.59 -16.28
C ALA A 40 10.27 30.06 -17.51
N PRO A 41 10.46 28.74 -17.60
CA PRO A 41 11.34 28.20 -18.65
C PRO A 41 10.82 28.37 -20.07
N LYS A 42 9.53 28.61 -20.27
CA LYS A 42 8.99 28.78 -21.62
C LYS A 42 8.75 30.24 -21.98
N ALA A 43 9.21 31.17 -21.15
CA ALA A 43 9.01 32.59 -21.43
C ALA A 43 9.86 33.05 -22.60
N ASN A 44 9.32 34.00 -23.35
CA ASN A 44 10.05 34.62 -24.45
C ASN A 44 11.02 35.68 -23.92
N THR A 45 12.13 35.86 -24.63
CA THR A 45 13.18 36.77 -24.21
C THR A 45 13.48 37.77 -25.31
N THR A 46 14.12 38.86 -24.91
CA THR A 46 14.64 39.85 -25.85
C THR A 46 15.88 39.37 -26.58
N GLN A 47 16.37 38.18 -26.25
CA GLN A 47 17.58 37.66 -26.87
C GLN A 47 17.37 37.49 -28.37
N PRO A 48 18.29 37.96 -29.21
CA PRO A 48 18.07 37.90 -30.66
C PRO A 48 17.95 36.47 -31.16
N GLY A 49 16.94 36.24 -31.99
CA GLY A 49 16.75 34.95 -32.62
C GLY A 49 16.47 33.81 -31.68
N ILE A 50 15.99 34.09 -30.47
CA ILE A 50 15.75 33.07 -29.45
C ILE A 50 14.26 33.06 -29.15
N VAL A 51 13.63 31.90 -29.33
CA VAL A 51 12.21 31.73 -29.08
C VAL A 51 12.05 30.87 -27.83
N GLU A 52 11.26 31.37 -26.88
CA GLU A 52 10.98 30.67 -25.63
C GLU A 52 12.27 30.26 -24.91
N GLY A 53 13.19 31.22 -24.80
CA GLY A 53 14.46 30.94 -24.14
C GLY A 53 14.33 30.72 -22.64
N GLY A 54 13.25 31.19 -22.04
CA GLY A 54 13.05 31.08 -20.61
C GLY A 54 13.75 32.19 -19.85
N GLN A 55 13.30 32.40 -18.61
CA GLN A 55 13.85 33.47 -17.79
C GLN A 55 13.47 33.25 -16.34
N VAL A 56 14.13 34.00 -15.47
CA VAL A 56 13.87 33.99 -14.03
C VAL A 56 13.51 35.41 -13.62
N LEU A 57 12.43 35.55 -12.86
CA LEU A 57 11.91 36.86 -12.47
C LEU A 57 12.14 37.10 -10.99
N LYS A 58 12.38 38.36 -10.64
CA LYS A 58 12.50 38.81 -9.26
C LYS A 58 11.21 39.50 -8.88
N CYS A 59 10.47 38.91 -7.93
CA CYS A 59 9.16 39.43 -7.52
C CYS A 59 9.30 40.14 -6.18
N ASP A 60 8.85 41.39 -6.14
CA ASP A 60 8.98 42.23 -4.94
C ASP A 60 7.79 41.98 -4.02
N TRP A 61 8.08 41.63 -2.77
CA TRP A 61 7.03 41.37 -1.79
C TRP A 61 6.42 42.64 -1.22
N SER A 62 7.11 43.78 -1.30
CA SER A 62 6.68 44.97 -0.57
C SER A 62 5.28 45.39 -0.99
N SER A 63 5.05 45.57 -2.28
CA SER A 63 3.77 46.00 -2.79
C SER A 63 3.73 45.78 -4.29
N THR A 64 2.54 45.98 -4.86
CA THR A 64 2.27 45.94 -6.30
C THR A 64 2.45 44.55 -6.90
N ARG A 65 2.97 43.61 -6.10
CA ARG A 65 3.24 42.24 -6.54
C ARG A 65 3.88 42.20 -7.92
N ARG A 66 4.76 43.16 -8.20
CA ARG A 66 5.36 43.29 -9.52
C ARG A 66 6.59 42.39 -9.62
N CYS A 67 6.73 41.73 -10.76
CA CYS A 67 7.84 40.83 -11.02
C CYS A 67 8.65 41.35 -12.20
N GLN A 68 9.97 41.36 -12.06
CA GLN A 68 10.87 41.80 -13.11
C GLN A 68 11.89 40.71 -13.42
N PRO A 69 12.18 40.46 -14.69
CA PRO A 69 13.12 39.39 -15.04
C PRO A 69 14.55 39.74 -14.65
N ILE A 70 15.28 38.75 -14.14
CA ILE A 70 16.70 38.90 -13.87
C ILE A 70 17.46 38.61 -15.15
N GLU A 71 18.32 39.54 -15.56
CA GLU A 71 19.01 39.44 -16.84
C GLU A 71 20.31 38.65 -16.66
N PHE A 72 20.38 37.48 -17.28
CA PHE A 72 21.58 36.66 -17.24
C PHE A 72 22.35 36.70 -18.55
N ASP A 73 21.72 36.30 -19.66
CA ASP A 73 22.43 36.18 -20.93
C ASP A 73 22.20 37.38 -21.83
N ALA A 74 20.94 37.65 -22.17
CA ALA A 74 20.47 38.75 -23.01
C ALA A 74 21.04 38.74 -24.44
N THR A 75 21.86 37.76 -24.80
CA THR A 75 22.53 37.74 -26.10
C THR A 75 21.98 36.63 -26.97
N GLY A 76 22.48 36.58 -28.21
CA GLY A 76 22.17 35.51 -29.14
C GLY A 76 22.87 34.23 -28.73
N ASN A 77 23.05 33.28 -29.65
CA ASN A 77 23.73 32.07 -29.19
C ASN A 77 25.25 32.17 -29.28
N ARG A 78 25.79 31.95 -30.49
CA ARG A 78 27.22 32.01 -30.77
C ARG A 78 27.43 31.53 -32.21
N ASP A 79 28.67 31.57 -32.69
CA ASP A 79 28.98 31.08 -34.02
C ASP A 79 30.24 30.22 -33.99
N TYR A 80 30.13 29.03 -34.58
CA TYR A 80 31.29 28.19 -34.84
C TYR A 80 31.94 28.50 -36.18
N ALA A 81 31.16 28.94 -37.16
CA ALA A 81 31.65 29.30 -38.48
C ALA A 81 30.78 30.43 -39.02
N LYS A 82 30.86 30.66 -40.33
CA LYS A 82 30.07 31.72 -40.96
C LYS A 82 28.61 31.62 -40.59
N ASP A 83 27.97 30.51 -40.95
CA ASP A 83 26.62 30.18 -40.47
C ASP A 83 26.71 28.78 -39.89
N ASP A 84 27.15 28.69 -38.63
CA ASP A 84 27.26 27.42 -37.92
C ASP A 84 27.07 27.70 -36.45
N PRO A 85 25.82 27.76 -36.00
CA PRO A 85 25.56 28.12 -34.60
C PRO A 85 26.29 27.21 -33.63
N LEU A 86 27.02 27.82 -32.70
CA LEU A 86 27.78 27.07 -31.71
C LEU A 86 26.94 26.63 -30.53
N GLU A 87 25.73 27.16 -30.40
CA GLU A 87 24.83 26.75 -29.32
C GLU A 87 23.42 27.14 -29.74
N PHE A 88 22.44 26.62 -28.99
CA PHE A 88 21.03 26.84 -29.31
C PHE A 88 20.29 27.16 -28.03
N LYS A 89 19.90 28.42 -27.87
CA LYS A 89 19.13 28.86 -26.72
C LYS A 89 17.62 28.68 -26.91
N SER A 90 17.18 28.34 -28.11
CA SER A 90 15.75 28.24 -28.38
C SER A 90 15.15 27.04 -27.64
N HIS A 91 14.09 27.31 -26.87
CA HIS A 91 13.41 26.28 -26.08
C HIS A 91 14.38 25.56 -25.15
N GLN A 92 15.35 26.31 -24.61
CA GLN A 92 16.36 25.72 -23.75
C GLN A 92 15.87 25.53 -22.32
N TRP A 93 14.66 26.01 -22.00
CA TRP A 93 14.09 25.84 -20.66
C TRP A 93 14.97 26.47 -19.60
N PHE A 94 15.43 27.69 -19.85
CA PHE A 94 16.23 28.39 -18.85
C PHE A 94 15.31 28.90 -17.74
N GLY A 95 15.67 28.54 -16.50
CA GLY A 95 14.82 28.80 -15.37
C GLY A 95 14.04 27.60 -14.89
N ALA A 96 14.21 26.45 -15.53
CA ALA A 96 13.55 25.23 -15.07
C ALA A 96 14.00 24.81 -13.68
N SER A 97 15.18 25.25 -13.26
CA SER A 97 15.67 24.99 -11.90
C SER A 97 16.35 26.24 -11.39
N VAL A 98 15.87 26.77 -10.27
CA VAL A 98 16.38 28.00 -9.69
C VAL A 98 16.66 27.78 -8.21
N ARG A 99 17.89 28.09 -7.78
CA ARG A 99 18.28 27.99 -6.40
C ARG A 99 19.08 29.23 -6.02
N SER A 100 18.96 29.64 -4.76
CA SER A 100 19.60 30.86 -4.30
C SER A 100 20.15 30.67 -2.90
N LYS A 101 21.41 31.03 -2.70
CA LYS A 101 22.04 31.04 -1.38
C LYS A 101 22.63 32.43 -1.15
N GLN A 102 22.12 33.12 -0.13
CA GLN A 102 22.59 34.45 0.27
C GLN A 102 22.45 35.37 -0.94
N ASP A 103 23.53 36.01 -1.41
CA ASP A 103 23.48 36.92 -2.53
C ASP A 103 23.72 36.22 -3.87
N LYS A 104 24.00 34.92 -3.84
CA LYS A 104 24.25 34.15 -5.05
C LYS A 104 22.95 33.50 -5.54
N ILE A 105 22.73 33.52 -6.85
CA ILE A 105 21.61 32.81 -7.46
C ILE A 105 22.13 31.99 -8.64
N LEU A 106 21.52 30.83 -8.84
CA LEU A 106 21.94 29.89 -9.88
C LEU A 106 20.71 29.40 -10.63
N ALA A 107 20.66 29.70 -11.93
CA ALA A 107 19.58 29.27 -12.80
C ALA A 107 20.16 28.46 -13.96
N CYS A 108 19.40 27.48 -14.44
CA CYS A 108 19.90 26.53 -15.42
C CYS A 108 18.92 26.35 -16.56
N ALA A 109 19.46 25.88 -17.68
CA ALA A 109 18.71 25.63 -18.92
C ALA A 109 18.96 24.18 -19.32
N PRO A 110 18.22 23.23 -18.75
CA PRO A 110 18.54 21.81 -18.99
C PRO A 110 18.39 21.38 -20.44
N LEU A 111 17.62 22.10 -21.26
CA LEU A 111 17.43 21.73 -22.66
C LEU A 111 18.34 22.51 -23.61
N TYR A 112 19.31 23.23 -23.08
CA TYR A 112 20.30 23.91 -23.90
C TYR A 112 21.10 22.90 -24.72
N HIS A 113 21.30 23.20 -26.01
CA HIS A 113 21.95 22.29 -26.94
C HIS A 113 23.24 22.91 -27.48
N TRP A 114 24.17 22.04 -27.91
CA TRP A 114 25.56 22.48 -28.09
C TRP A 114 26.06 22.42 -29.52
N ARG A 115 26.03 21.27 -30.20
CA ARG A 115 26.75 20.95 -31.44
C ARG A 115 28.24 20.67 -31.19
N THR A 116 28.75 20.90 -29.98
CA THR A 116 30.16 20.69 -29.65
C THR A 116 31.07 21.43 -30.62
N GLU A 117 32.31 20.97 -30.73
CA GLU A 117 33.29 21.61 -31.60
C GLU A 117 33.81 20.70 -32.69
N MET A 118 33.43 19.42 -32.71
CA MET A 118 34.01 18.48 -33.67
C MET A 118 33.14 18.35 -34.93
N LYS A 119 31.92 17.89 -34.77
CA LYS A 119 31.02 17.68 -35.90
C LYS A 119 29.68 18.34 -35.61
N GLN A 120 28.97 18.72 -36.68
CA GLN A 120 27.66 19.32 -36.53
C GLN A 120 26.74 18.37 -35.79
N GLU A 121 25.99 18.91 -34.83
CA GLU A 121 25.16 18.11 -33.94
C GLU A 121 24.26 19.07 -33.18
N ARG A 122 23.41 18.51 -32.33
CA ARG A 122 22.63 19.27 -31.34
C ARG A 122 22.54 18.37 -30.10
N GLU A 123 23.38 18.64 -29.11
CA GLU A 123 23.45 17.77 -27.94
C GLU A 123 22.99 18.54 -26.70
N PRO A 124 21.93 18.08 -26.03
CA PRO A 124 21.45 18.80 -24.84
C PRO A 124 22.37 18.66 -23.65
N VAL A 125 23.54 19.30 -23.70
CA VAL A 125 24.42 19.29 -22.54
C VAL A 125 23.81 20.06 -21.38
N GLY A 126 23.07 21.11 -21.68
CA GLY A 126 22.55 21.98 -20.65
C GLY A 126 23.59 22.95 -20.15
N THR A 127 23.12 24.04 -19.54
CA THR A 127 24.01 25.08 -19.03
C THR A 127 23.31 25.82 -17.91
N CYS A 128 24.10 26.52 -17.11
CA CYS A 128 23.61 27.30 -15.99
C CYS A 128 24.25 28.68 -16.03
N PHE A 129 23.77 29.55 -15.14
CA PHE A 129 24.33 30.88 -14.97
C PHE A 129 24.33 31.23 -13.49
N LEU A 130 25.48 31.64 -12.98
CA LEU A 130 25.63 32.10 -11.61
C LEU A 130 25.89 33.59 -11.61
N GLN A 131 25.11 34.33 -10.82
CA GLN A 131 25.21 35.77 -10.79
C GLN A 131 25.18 36.25 -9.35
N ASP A 132 26.10 37.15 -9.00
CA ASP A 132 26.13 37.80 -7.69
C ASP A 132 26.03 39.32 -7.88
N GLY A 133 24.81 39.83 -7.90
CA GLY A 133 24.57 41.26 -7.87
C GLY A 133 24.90 41.98 -9.16
N THR A 134 26.15 41.87 -9.61
CA THR A 134 26.58 42.48 -10.86
C THR A 134 27.09 41.45 -11.86
N LYS A 135 28.04 40.62 -11.46
CA LYS A 135 28.75 39.76 -12.39
C LYS A 135 27.99 38.47 -12.64
N THR A 136 27.96 38.05 -13.91
CA THR A 136 27.26 36.83 -14.32
C THR A 136 28.24 35.93 -15.04
N VAL A 137 28.38 34.69 -14.57
CA VAL A 137 29.23 33.70 -15.20
C VAL A 137 28.37 32.53 -15.68
N GLU A 138 28.85 31.85 -16.70
CA GLU A 138 28.16 30.68 -17.24
C GLU A 138 28.81 29.41 -16.70
N TYR A 139 27.97 28.47 -16.28
CA TYR A 139 28.42 27.22 -15.65
C TYR A 139 27.80 26.06 -16.40
N ALA A 140 28.63 25.28 -17.10
CA ALA A 140 28.17 24.17 -17.93
C ALA A 140 29.13 23.00 -17.80
N PRO A 141 29.12 22.30 -16.66
CA PRO A 141 30.06 21.18 -16.49
C PRO A 141 29.88 20.09 -17.52
N CYS A 142 28.65 19.81 -17.93
CA CYS A 142 28.46 18.73 -18.89
C CYS A 142 28.85 19.11 -20.30
N ARG A 143 29.14 20.38 -20.55
CA ARG A 143 29.64 20.83 -21.84
C ARG A 143 31.16 20.72 -21.83
N SER A 144 31.68 19.69 -22.50
CA SER A 144 33.10 19.37 -22.39
C SER A 144 33.52 18.57 -23.62
N GLN A 145 34.79 18.18 -23.64
CA GLN A 145 35.31 17.38 -24.73
C GLN A 145 34.83 15.94 -24.71
N ASP A 146 34.08 15.54 -23.68
CA ASP A 146 33.42 14.25 -23.63
C ASP A 146 32.02 14.41 -24.22
N ILE A 147 31.76 13.79 -25.37
CA ILE A 147 30.60 14.17 -26.17
C ILE A 147 29.71 12.97 -26.50
N ASP A 148 28.68 13.23 -27.31
CA ASP A 148 27.72 12.24 -27.77
C ASP A 148 26.95 11.65 -26.60
N ALA A 149 26.37 10.47 -26.78
CA ALA A 149 25.64 9.83 -25.70
C ALA A 149 26.56 9.04 -24.78
N ASP A 150 27.72 8.60 -25.30
CA ASP A 150 28.69 7.92 -24.45
C ASP A 150 29.21 8.83 -23.35
N GLY A 151 29.38 10.10 -23.65
CA GLY A 151 29.90 11.08 -22.72
C GLY A 151 28.80 11.89 -22.07
N GLN A 152 29.07 13.18 -21.88
CA GLN A 152 28.16 14.09 -21.21
C GLN A 152 27.29 14.88 -22.19
N GLY A 153 27.28 14.49 -23.47
CA GLY A 153 26.60 15.30 -24.47
C GLY A 153 25.11 15.44 -24.25
N PHE A 154 24.48 14.38 -23.76
CA PHE A 154 23.03 14.38 -23.51
C PHE A 154 22.69 14.58 -22.05
N CYS A 155 23.67 15.02 -21.24
CA CYS A 155 23.52 15.01 -19.80
C CYS A 155 22.40 15.92 -19.32
N GLN A 156 22.16 17.04 -20.01
CA GLN A 156 21.18 18.04 -19.58
C GLN A 156 21.47 18.50 -18.15
N GLY A 157 22.72 18.83 -17.90
CA GLY A 157 23.11 19.29 -16.58
C GLY A 157 22.36 20.55 -16.19
N GLY A 158 22.05 20.66 -14.90
CA GLY A 158 21.17 21.70 -14.41
C GLY A 158 19.74 21.26 -14.23
N PHE A 159 19.44 19.99 -14.52
CA PHE A 159 18.09 19.47 -14.30
C PHE A 159 17.66 19.64 -12.85
N SER A 160 18.60 19.49 -11.92
CA SER A 160 18.35 19.69 -10.49
C SER A 160 19.62 20.22 -9.84
N ILE A 161 19.48 21.28 -9.03
CA ILE A 161 20.63 21.94 -8.42
C ILE A 161 20.35 22.23 -6.95
N ASP A 162 21.43 22.43 -6.20
CA ASP A 162 21.34 22.76 -4.79
C ASP A 162 22.65 23.35 -4.32
N PHE A 163 22.60 24.05 -3.18
CA PHE A 163 23.76 24.65 -2.54
C PHE A 163 24.04 23.95 -1.22
N THR A 164 25.31 23.96 -0.81
CA THR A 164 25.71 23.48 0.50
C THR A 164 26.06 24.65 1.41
N LYS A 165 26.22 24.36 2.69
CA LYS A 165 26.63 25.39 3.64
C LYS A 165 28.04 25.90 3.38
N ALA A 166 28.87 25.10 2.71
CA ALA A 166 30.22 25.49 2.37
C ALA A 166 30.29 26.27 1.06
N ASP A 167 29.15 26.70 0.53
CA ASP A 167 29.07 27.38 -0.76
C ASP A 167 29.68 26.51 -1.86
N ARG A 168 29.17 25.29 -1.96
CA ARG A 168 29.53 24.36 -3.03
C ARG A 168 28.25 23.97 -3.77
N VAL A 169 28.29 24.06 -5.09
CA VAL A 169 27.12 23.78 -5.91
C VAL A 169 27.06 22.28 -6.19
N LEU A 170 25.92 21.68 -5.91
CA LEU A 170 25.63 20.30 -6.28
C LEU A 170 24.69 20.33 -7.48
N LEU A 171 25.15 19.78 -8.61
CA LEU A 171 24.42 19.85 -9.86
C LEU A 171 24.33 18.47 -10.48
N GLY A 172 23.11 18.00 -10.72
CA GLY A 172 22.92 16.70 -11.34
C GLY A 172 22.37 16.78 -12.76
N GLY A 173 22.53 15.70 -13.51
CA GLY A 173 21.99 15.61 -14.85
C GLY A 173 21.72 14.18 -15.25
N PRO A 174 20.51 13.91 -15.75
CA PRO A 174 20.12 12.51 -16.01
C PRO A 174 20.76 11.86 -17.23
N GLY A 175 21.18 12.65 -18.20
CA GLY A 175 21.55 12.10 -19.49
C GLY A 175 22.99 11.65 -19.69
N SER A 176 23.85 11.83 -18.69
CA SER A 176 25.25 11.46 -18.86
C SER A 176 25.39 9.95 -19.06
N PHE A 177 26.28 9.58 -19.98
CA PHE A 177 26.66 8.18 -20.22
C PHE A 177 25.44 7.31 -20.50
N TYR A 178 24.77 7.61 -21.62
CA TYR A 178 23.57 6.90 -22.03
C TYR A 178 22.52 6.89 -20.91
N TRP A 179 22.30 8.08 -20.35
CA TRP A 179 21.26 8.32 -19.34
C TRP A 179 21.49 7.50 -18.08
N GLN A 180 22.74 7.17 -17.79
CA GLN A 180 23.08 6.69 -16.45
C GLN A 180 22.84 7.79 -15.42
N GLY A 181 23.12 9.03 -15.79
CA GLY A 181 23.05 10.15 -14.88
C GLY A 181 24.42 10.48 -14.29
N GLN A 182 24.52 11.69 -13.76
CA GLN A 182 25.77 12.14 -13.17
C GLN A 182 25.50 13.25 -12.17
N LEU A 183 26.28 13.27 -11.10
CA LEU A 183 26.31 14.37 -10.16
C LEU A 183 27.65 15.05 -10.24
N ILE A 184 27.64 16.37 -10.43
CA ILE A 184 28.85 17.17 -10.53
C ILE A 184 28.78 18.28 -9.49
N SER A 185 29.86 18.48 -8.74
CA SER A 185 29.89 19.47 -7.68
C SER A 185 31.15 20.32 -7.78
N ASP A 186 30.99 21.61 -7.54
CA ASP A 186 32.08 22.57 -7.68
C ASP A 186 31.95 23.66 -6.63
N GLN A 187 33.09 24.22 -6.26
CA GLN A 187 33.11 25.36 -5.34
C GLN A 187 32.60 26.60 -6.05
N VAL A 188 31.72 27.34 -5.39
CA VAL A 188 31.15 28.55 -6.00
C VAL A 188 32.26 29.53 -6.37
N ALA A 189 33.14 29.81 -5.41
CA ALA A 189 34.25 30.74 -5.69
C ALA A 189 35.14 30.21 -6.81
N GLU A 190 35.26 28.88 -6.93
CA GLU A 190 36.03 28.32 -8.01
C GLU A 190 35.33 28.51 -9.35
N ILE A 191 34.00 28.48 -9.36
CA ILE A 191 33.26 28.64 -10.61
C ILE A 191 33.49 30.03 -11.19
N VAL A 192 33.33 31.06 -10.36
CA VAL A 192 33.47 32.42 -10.86
C VAL A 192 34.92 32.75 -11.19
N SER A 193 35.85 32.31 -10.33
CA SER A 193 37.25 32.67 -10.53
C SER A 193 37.84 32.02 -11.78
N LYS A 194 37.37 30.83 -12.13
CA LYS A 194 37.92 30.09 -13.27
C LYS A 194 37.19 30.38 -14.58
N TYR A 195 36.18 31.23 -14.57
CA TYR A 195 35.36 31.45 -15.75
C TYR A 195 36.09 32.29 -16.78
N ASP A 196 36.28 31.74 -17.98
CA ASP A 196 36.86 32.47 -19.09
C ASP A 196 35.85 32.52 -20.23
N PRO A 197 35.40 33.69 -20.67
CA PRO A 197 34.38 33.74 -21.72
C PRO A 197 34.85 33.21 -23.07
N ASN A 198 36.16 33.11 -23.28
CA ASN A 198 36.69 32.58 -24.53
C ASN A 198 36.96 31.08 -24.47
N VAL A 199 36.53 30.39 -23.41
CA VAL A 199 36.73 28.96 -23.26
C VAL A 199 35.38 28.31 -22.97
N TYR A 200 34.94 27.44 -23.87
CA TYR A 200 33.61 26.83 -23.74
C TYR A 200 33.60 25.63 -22.81
N SER A 201 34.70 24.88 -22.75
CA SER A 201 34.84 23.74 -21.84
C SER A 201 35.88 24.12 -20.79
N ILE A 202 35.41 24.39 -19.57
CA ILE A 202 36.24 24.95 -18.52
C ILE A 202 36.54 23.85 -17.50
N LYS A 203 37.82 23.60 -17.27
CA LYS A 203 38.27 22.63 -16.27
C LYS A 203 38.30 23.31 -14.91
N TYR A 204 37.55 22.76 -13.95
CA TYR A 204 37.46 23.32 -12.62
C TYR A 204 38.25 22.45 -11.64
N ASN A 205 39.10 23.08 -10.84
CA ASN A 205 39.79 22.37 -9.77
C ASN A 205 38.84 22.09 -8.62
N ASN A 206 39.15 21.01 -7.88
CA ASN A 206 38.33 20.56 -6.76
C ASN A 206 36.89 20.26 -7.20
N GLN A 207 36.76 19.65 -8.37
CA GLN A 207 35.45 19.23 -8.86
C GLN A 207 35.18 17.79 -8.44
N LEU A 208 34.01 17.57 -7.85
CA LEU A 208 33.56 16.24 -7.45
C LEU A 208 32.47 15.80 -8.41
N ALA A 209 32.72 14.72 -9.15
CA ALA A 209 31.77 14.24 -10.14
C ALA A 209 31.80 12.72 -10.19
N THR A 210 30.63 12.13 -10.43
CA THR A 210 30.54 10.69 -10.64
C THR A 210 31.00 10.33 -12.05
N ARG A 211 31.57 9.14 -12.20
CA ARG A 211 32.09 8.68 -13.46
C ARG A 211 31.06 7.80 -14.15
N THR A 212 31.38 7.38 -15.37
CA THR A 212 30.56 6.41 -16.07
C THR A 212 30.65 5.05 -15.39
N ALA A 213 29.63 4.22 -15.61
CA ALA A 213 29.58 2.89 -15.03
C ALA A 213 29.32 1.85 -16.10
N GLN A 214 29.08 0.60 -15.67
CA GLN A 214 28.75 -0.45 -16.62
C GLN A 214 27.42 -0.13 -17.30
N ALA A 215 27.26 -0.66 -18.52
CA ALA A 215 26.05 -0.37 -19.29
C ALA A 215 24.80 -0.93 -18.63
N ILE A 216 24.96 -1.84 -17.66
CA ILE A 216 23.81 -2.33 -16.90
C ILE A 216 23.09 -1.18 -16.21
N PHE A 217 23.83 -0.12 -15.88
CA PHE A 217 23.28 1.04 -15.19
C PHE A 217 22.73 2.09 -16.15
N ASP A 218 22.72 1.81 -17.44
CA ASP A 218 22.20 2.78 -18.40
C ASP A 218 20.72 3.05 -18.16
N ASP A 219 20.28 4.23 -18.59
CA ASP A 219 18.88 4.65 -18.46
C ASP A 219 18.41 4.68 -17.01
N SER A 220 19.32 5.00 -16.08
CA SER A 220 18.94 5.07 -14.68
C SER A 220 18.34 6.43 -14.32
N TYR A 221 18.77 7.49 -15.01
CA TYR A 221 18.33 8.87 -14.76
C TYR A 221 18.80 9.35 -13.38
N LEU A 222 20.07 9.14 -13.09
CA LEU A 222 20.67 9.72 -11.89
C LEU A 222 20.72 11.24 -12.02
N GLY A 223 20.46 11.93 -10.92
CA GLY A 223 20.41 13.38 -10.95
C GLY A 223 19.08 13.96 -11.38
N TYR A 224 18.03 13.13 -11.42
CA TYR A 224 16.69 13.65 -11.69
C TYR A 224 16.28 14.67 -10.64
N SER A 225 16.61 14.41 -9.38
CA SER A 225 16.38 15.33 -8.28
C SER A 225 17.53 15.18 -7.29
N VAL A 226 17.87 16.28 -6.61
CA VAL A 226 18.98 16.30 -5.66
C VAL A 226 18.59 17.07 -4.41
N ALA A 227 19.33 16.80 -3.32
CA ALA A 227 19.17 17.50 -2.06
C ALA A 227 20.47 17.35 -1.27
N VAL A 228 20.63 18.18 -0.25
CA VAL A 228 21.88 18.21 0.48
C VAL A 228 21.64 18.03 1.97
N GLY A 229 22.62 17.44 2.62
CA GLY A 229 22.56 17.19 4.04
C GLY A 229 23.72 16.31 4.44
N ASP A 230 24.01 16.32 5.74
CA ASP A 230 25.15 15.60 6.26
C ASP A 230 24.70 14.35 7.00
N PHE A 231 25.32 13.23 6.63
CA PHE A 231 24.99 11.94 7.19
C PHE A 231 26.18 11.19 7.78
N ASN A 232 27.38 11.76 7.73
CA ASN A 232 28.56 11.20 8.37
C ASN A 232 29.00 12.13 9.49
N GLY A 233 30.15 11.82 10.09
CA GLY A 233 30.62 12.60 11.24
C GLY A 233 30.91 14.05 10.92
N ASP A 234 31.48 14.31 9.74
CA ASP A 234 31.90 15.67 9.40
C ASP A 234 30.70 16.61 9.39
N GLY A 235 31.00 17.91 9.41
CA GLY A 235 29.97 18.91 9.29
C GLY A 235 29.60 19.27 7.87
N ILE A 236 30.32 18.75 6.89
CA ILE A 236 30.19 19.16 5.49
C ILE A 236 29.09 18.36 4.82
N ASP A 237 28.07 19.06 4.32
CA ASP A 237 26.91 18.44 3.68
C ASP A 237 27.33 17.39 2.66
N ASP A 238 26.59 16.28 2.64
CA ASP A 238 26.86 15.18 1.72
C ASP A 238 25.73 15.11 0.69
N PHE A 239 26.04 14.56 -0.47
CA PHE A 239 25.14 14.65 -1.62
C PHE A 239 24.09 13.54 -1.60
N VAL A 240 22.86 13.91 -1.94
CA VAL A 240 21.72 13.00 -2.01
C VAL A 240 20.99 13.24 -3.32
N SER A 241 20.84 12.18 -4.12
CA SER A 241 20.16 12.29 -5.40
C SER A 241 19.25 11.09 -5.63
N GLY A 242 18.01 11.37 -6.03
CA GLY A 242 17.12 10.30 -6.45
C GLY A 242 17.40 9.90 -7.89
N VAL A 243 17.29 8.60 -8.15
CA VAL A 243 17.53 8.08 -9.49
C VAL A 243 16.36 7.16 -9.84
N PRO A 244 15.31 7.71 -10.45
CA PRO A 244 14.01 7.01 -10.46
C PRO A 244 13.93 5.80 -11.37
N ARG A 245 14.71 5.76 -12.44
CA ARG A 245 14.67 4.62 -13.35
C ARG A 245 15.68 3.55 -13.00
N ALA A 246 16.40 3.71 -11.90
CA ALA A 246 17.41 2.73 -11.52
C ALA A 246 16.74 1.47 -10.98
N ALA A 247 17.58 0.44 -10.77
CA ALA A 247 17.15 -0.82 -10.17
C ALA A 247 15.93 -1.39 -10.90
N ARG A 248 16.16 -1.72 -12.18
CA ARG A 248 15.13 -2.26 -13.09
C ARG A 248 13.80 -1.54 -12.90
N THR A 249 13.87 -0.21 -12.89
CA THR A 249 12.77 0.75 -12.80
C THR A 249 12.14 0.83 -11.40
N LEU A 250 12.63 0.06 -10.42
CA LEU A 250 12.14 0.19 -9.05
C LEU A 250 12.38 1.59 -8.51
N GLY A 251 13.50 2.20 -8.92
CA GLY A 251 13.84 3.52 -8.40
C GLY A 251 14.79 3.43 -7.23
N MET A 252 15.72 4.37 -7.15
CA MET A 252 16.73 4.36 -6.10
C MET A 252 17.06 5.80 -5.72
N VAL A 253 17.70 5.93 -4.56
CA VAL A 253 18.21 7.21 -4.07
C VAL A 253 19.65 6.98 -3.63
N TYR A 254 20.59 7.69 -4.27
CA TYR A 254 22.00 7.57 -3.95
C TYR A 254 22.43 8.68 -3.00
N ILE A 255 23.30 8.32 -2.06
CA ILE A 255 23.89 9.27 -1.13
C ILE A 255 25.40 9.19 -1.27
N TYR A 256 26.04 10.30 -1.59
CA TYR A 256 27.48 10.38 -1.78
C TYR A 256 28.10 11.29 -0.74
N ASP A 257 29.34 10.98 -0.38
CA ASP A 257 30.09 11.80 0.57
C ASP A 257 30.33 13.18 -0.01
N GLY A 258 30.33 14.19 0.87
CA GLY A 258 30.69 15.53 0.44
C GLY A 258 32.17 15.73 0.24
N LYS A 259 33.02 14.92 0.89
CA LYS A 259 34.45 15.05 0.71
C LYS A 259 34.87 14.55 -0.67
N ASN A 260 34.64 13.27 -0.94
CA ASN A 260 34.84 12.69 -2.25
C ASN A 260 33.56 11.99 -2.67
N MET A 261 33.46 11.72 -3.96
CA MET A 261 32.22 11.21 -4.53
C MET A 261 31.89 9.79 -4.10
N SER A 262 32.60 9.18 -3.15
CA SER A 262 32.34 7.80 -2.77
C SER A 262 30.93 7.64 -2.25
N SER A 263 30.31 6.51 -2.60
CA SER A 263 28.95 6.23 -2.19
C SER A 263 28.87 6.01 -0.69
N LEU A 264 27.75 6.44 -0.10
CA LEU A 264 27.52 6.30 1.33
C LEU A 264 26.35 5.39 1.65
N TYR A 265 25.15 5.70 1.15
CA TYR A 265 23.96 4.93 1.48
C TYR A 265 23.06 4.84 0.25
N ASN A 266 22.17 3.85 0.27
CA ASN A 266 21.27 3.60 -0.85
C ASN A 266 19.85 3.40 -0.35
N PHE A 267 18.89 3.79 -1.19
CA PHE A 267 17.49 3.51 -0.98
C PHE A 267 16.92 2.92 -2.26
N THR A 268 15.93 2.04 -2.12
CA THR A 268 15.35 1.38 -3.27
C THR A 268 13.83 1.34 -3.13
N GLY A 269 13.14 1.62 -4.24
CA GLY A 269 11.69 1.50 -4.23
C GLY A 269 11.26 0.06 -4.19
N GLU A 270 10.07 -0.17 -3.61
CA GLU A 270 9.51 -1.51 -3.52
C GLU A 270 8.56 -1.84 -4.66
N GLN A 271 8.26 -0.88 -5.53
CA GLN A 271 7.33 -1.11 -6.63
C GLN A 271 7.91 -0.54 -7.91
N MET A 272 7.81 -1.33 -8.99
CA MET A 272 8.26 -0.88 -10.30
C MET A 272 7.39 0.25 -10.82
N ALA A 273 7.99 1.10 -11.67
CA ALA A 273 7.39 2.23 -12.38
C ALA A 273 6.82 3.30 -11.45
N ALA A 274 6.95 3.15 -10.13
CA ALA A 274 6.45 4.14 -9.19
C ALA A 274 7.26 5.43 -9.21
N TYR A 275 8.40 5.43 -9.91
CA TYR A 275 9.29 6.59 -9.98
C TYR A 275 9.78 7.00 -8.59
N PHE A 276 10.19 6.00 -7.82
CA PHE A 276 10.83 6.25 -6.53
C PHE A 276 12.07 7.10 -6.71
N GLY A 277 12.10 8.26 -6.07
CA GLY A 277 13.17 9.20 -6.27
C GLY A 277 12.87 10.34 -7.22
N PHE A 278 11.59 10.54 -7.58
CA PHE A 278 11.21 11.69 -8.39
C PHE A 278 11.51 13.00 -7.66
N SER A 279 11.43 12.99 -6.33
CA SER A 279 11.71 14.17 -5.53
C SER A 279 12.34 13.73 -4.22
N VAL A 280 13.29 14.52 -3.74
CA VAL A 280 14.02 14.20 -2.52
C VAL A 280 14.12 15.46 -1.67
N ALA A 281 14.32 15.26 -0.37
CA ALA A 281 14.45 16.37 0.57
C ALA A 281 15.24 15.89 1.78
N ALA A 282 15.88 16.84 2.45
CA ALA A 282 16.66 16.54 3.64
C ALA A 282 16.38 17.60 4.69
N THR A 283 15.91 17.16 5.85
CA THR A 283 15.68 18.03 7.00
C THR A 283 15.84 17.16 8.23
N ASP A 284 15.97 17.78 9.40
CA ASP A 284 15.78 17.02 10.63
C ASP A 284 14.39 17.30 11.14
N ILE A 285 13.57 16.25 11.17
CA ILE A 285 12.18 16.35 11.55
C ILE A 285 11.94 16.01 13.02
N ASN A 286 12.85 15.27 13.66
CA ASN A 286 12.69 14.92 15.07
C ASN A 286 13.52 15.82 16.00
N GLY A 287 14.16 16.85 15.47
CA GLY A 287 14.92 17.75 16.31
C GLY A 287 16.10 17.10 17.00
N ASP A 288 16.59 15.97 16.49
CA ASP A 288 17.71 15.25 17.07
C ASP A 288 19.04 15.67 16.47
N ASP A 289 19.06 16.74 15.66
CA ASP A 289 20.23 17.31 15.01
C ASP A 289 20.80 16.43 13.90
N TYR A 290 20.18 15.29 13.62
CA TYR A 290 20.58 14.41 12.52
C TYR A 290 19.59 14.54 11.38
N ALA A 291 20.08 14.95 10.21
CA ALA A 291 19.21 15.17 9.06
C ALA A 291 18.54 13.88 8.63
N ASP A 292 17.27 13.98 8.26
CA ASP A 292 16.46 12.82 7.93
C ASP A 292 15.95 12.96 6.49
N VAL A 293 15.79 11.81 5.80
CA VAL A 293 15.61 11.76 4.35
C VAL A 293 14.14 11.59 3.99
N PHE A 294 13.70 12.31 2.96
CA PHE A 294 12.34 12.24 2.43
C PHE A 294 12.42 11.94 0.94
N ILE A 295 11.75 10.88 0.50
CA ILE A 295 11.81 10.42 -0.88
C ILE A 295 10.40 10.32 -1.44
N GLY A 296 10.18 10.91 -2.60
CA GLY A 296 8.86 10.92 -3.23
C GLY A 296 8.73 9.86 -4.30
N ALA A 297 7.56 9.23 -4.34
CA ALA A 297 7.22 8.25 -5.37
C ALA A 297 5.79 8.52 -5.80
N PRO A 298 5.58 9.58 -6.61
CA PRO A 298 4.21 10.00 -6.91
C PRO A 298 3.38 8.99 -7.68
N LEU A 299 4.01 8.03 -8.35
CA LEU A 299 3.30 7.04 -9.15
C LEU A 299 3.08 5.74 -8.40
N PHE A 300 3.43 5.68 -7.12
CA PHE A 300 3.30 4.45 -6.36
C PHE A 300 1.84 4.05 -6.21
N MET A 301 1.57 2.75 -6.27
CA MET A 301 0.23 2.21 -6.15
C MET A 301 0.13 1.38 -4.88
N ASP A 302 -0.71 1.81 -3.95
CA ASP A 302 -1.08 1.02 -2.80
C ASP A 302 -2.35 0.22 -3.14
N ARG A 303 -2.95 -0.40 -2.15
CA ARG A 303 -4.17 -1.18 -2.35
C ARG A 303 -5.27 -0.65 -1.44
N GLY A 304 -6.45 -0.46 -2.01
CA GLY A 304 -7.58 0.07 -1.28
C GLY A 304 -8.24 -0.98 -0.40
N SER A 305 -9.42 -0.63 0.11
CA SER A 305 -10.13 -1.51 1.02
C SER A 305 -10.51 -2.82 0.35
N ASP A 306 -10.84 -2.78 -0.94
CA ASP A 306 -11.17 -3.99 -1.68
C ASP A 306 -9.94 -4.75 -2.16
N GLY A 307 -8.74 -4.20 -1.95
CA GLY A 307 -7.52 -4.87 -2.35
C GLY A 307 -7.04 -4.55 -3.76
N LYS A 308 -7.81 -3.78 -4.52
CA LYS A 308 -7.40 -3.44 -5.88
C LYS A 308 -6.23 -2.47 -5.86
N LEU A 309 -5.46 -2.49 -6.94
CA LEU A 309 -4.35 -1.55 -7.09
C LEU A 309 -4.87 -0.18 -7.50
N GLN A 310 -4.33 0.85 -6.86
CA GLN A 310 -4.70 2.22 -7.18
C GLN A 310 -3.50 3.11 -6.92
N GLU A 311 -3.29 4.08 -7.80
CA GLU A 311 -2.16 4.99 -7.71
C GLU A 311 -2.53 6.17 -6.83
N VAL A 312 -2.02 6.21 -5.61
CA VAL A 312 -2.17 7.36 -4.74
C VAL A 312 -0.86 8.10 -4.51
N GLY A 313 0.26 7.55 -4.94
CA GLY A 313 1.56 8.12 -4.62
C GLY A 313 2.02 7.73 -3.23
N GLN A 314 3.32 7.84 -3.01
CA GLN A 314 3.89 7.46 -1.73
C GLN A 314 5.14 8.27 -1.44
N VAL A 315 5.32 8.62 -0.17
CA VAL A 315 6.49 9.37 0.29
C VAL A 315 7.20 8.55 1.35
N SER A 316 8.51 8.40 1.19
CA SER A 316 9.34 7.61 2.11
C SER A 316 10.02 8.55 3.10
N VAL A 317 9.91 8.23 4.39
CA VAL A 317 10.50 9.03 5.46
C VAL A 317 11.52 8.16 6.19
N SER A 318 12.79 8.55 6.09
CA SER A 318 13.88 7.78 6.70
C SER A 318 14.57 8.63 7.75
N LEU A 319 14.50 8.17 9.01
CA LEU A 319 15.10 8.89 10.13
C LEU A 319 16.52 8.38 10.36
N GLN A 320 17.48 9.30 10.34
CA GLN A 320 18.86 8.95 10.62
C GLN A 320 19.07 8.83 12.12
N ARG A 321 19.75 7.78 12.54
CA ARG A 321 20.03 7.52 13.94
C ARG A 321 21.53 7.66 14.20
N ALA A 322 21.91 7.37 15.45
CA ALA A 322 23.30 7.53 15.86
C ALA A 322 24.22 6.60 15.07
N SER A 323 23.87 5.32 15.02
CA SER A 323 24.70 4.33 14.30
C SER A 323 24.78 4.61 12.81
N GLY A 324 23.80 5.32 12.25
CA GLY A 324 23.71 5.54 10.82
C GLY A 324 22.70 4.67 10.11
N ASP A 325 22.11 3.70 10.80
CA ASP A 325 21.09 2.84 10.21
C ASP A 325 19.75 3.55 10.27
N PHE A 326 19.16 3.79 9.10
CA PHE A 326 17.92 4.55 9.04
C PHE A 326 16.75 3.73 9.57
N GLN A 327 15.82 4.41 10.23
CA GLN A 327 14.52 3.86 10.61
C GLN A 327 13.48 4.51 9.70
N THR A 328 12.97 3.75 8.74
CA THR A 328 12.18 4.29 7.64
C THR A 328 10.71 3.97 7.82
N THR A 329 9.86 4.97 7.63
CA THR A 329 8.41 4.83 7.62
C THR A 329 7.86 5.39 6.33
N LYS A 330 6.72 4.87 5.89
CA LYS A 330 6.09 5.29 4.64
C LYS A 330 4.70 5.87 4.91
N LEU A 331 4.33 6.88 4.13
CA LEU A 331 2.97 7.40 4.12
C LEU A 331 2.48 7.53 2.68
N ASN A 332 1.17 7.34 2.51
CA ASN A 332 0.56 7.23 1.20
C ASN A 332 -0.33 8.43 0.91
N GLY A 333 -0.63 8.62 -0.37
CA GLY A 333 -1.53 9.65 -0.81
C GLY A 333 -2.98 9.31 -0.51
N PHE A 334 -3.87 10.21 -0.91
CA PHE A 334 -5.29 10.08 -0.62
C PHE A 334 -6.15 9.99 -1.86
N GLU A 335 -6.00 10.92 -2.80
CA GLU A 335 -6.73 10.86 -4.06
C GLU A 335 -5.92 10.08 -5.10
N VAL A 336 -6.63 9.30 -5.93
CA VAL A 336 -5.98 8.55 -6.99
C VAL A 336 -5.55 9.51 -8.10
N PHE A 337 -4.43 9.17 -8.74
CA PHE A 337 -3.76 9.96 -9.79
C PHE A 337 -3.34 11.33 -9.30
N ALA A 338 -3.44 11.61 -8.00
CA ALA A 338 -3.03 12.92 -7.48
C ALA A 338 -1.53 13.10 -7.46
N ARG A 339 -0.76 12.01 -7.54
CA ARG A 339 0.70 12.06 -7.54
C ARG A 339 1.22 12.77 -6.29
N PHE A 340 1.01 12.07 -5.16
CA PHE A 340 1.22 12.65 -3.85
C PHE A 340 2.68 13.04 -3.62
N GLY A 341 3.61 12.21 -4.06
CA GLY A 341 5.01 12.49 -3.76
C GLY A 341 5.71 13.36 -4.78
N SER A 342 4.96 14.21 -5.48
CA SER A 342 5.53 14.95 -6.60
C SER A 342 6.58 15.96 -6.12
N ALA A 343 6.28 16.69 -5.05
CA ALA A 343 7.16 17.74 -4.56
C ALA A 343 7.20 17.69 -3.04
N ILE A 344 8.40 17.55 -2.48
CA ILE A 344 8.62 17.49 -1.05
C ILE A 344 9.44 18.72 -0.68
N ALA A 345 8.86 19.63 0.09
CA ALA A 345 9.53 20.89 0.42
C ALA A 345 9.66 21.05 1.92
N PRO A 346 10.87 21.12 2.46
CA PRO A 346 11.03 21.48 3.88
C PRO A 346 10.67 22.94 4.07
N LEU A 347 9.77 23.19 5.02
CA LEU A 347 9.33 24.54 5.35
C LEU A 347 9.94 25.06 6.64
N GLY A 348 10.91 24.34 7.22
CA GLY A 348 11.47 24.74 8.49
C GLY A 348 10.59 24.28 9.65
N ASP A 349 10.58 25.07 10.72
CA ASP A 349 9.65 24.87 11.82
C ASP A 349 8.54 25.90 11.71
N LEU A 350 7.36 25.46 11.28
CA LEU A 350 6.26 26.37 10.99
C LEU A 350 5.61 26.89 12.26
N ASP A 351 5.30 25.99 13.19
CA ASP A 351 4.62 26.28 14.44
C ASP A 351 5.55 26.81 15.53
N GLN A 352 6.87 26.80 15.29
CA GLN A 352 7.86 27.07 16.32
C GLN A 352 7.70 26.12 17.51
N ASP A 353 7.33 24.87 17.22
CA ASP A 353 7.20 23.84 18.25
C ASP A 353 8.54 23.29 18.71
N GLY A 354 9.65 23.72 18.10
CA GLY A 354 10.95 23.18 18.38
C GLY A 354 11.37 22.06 17.45
N PHE A 355 10.44 21.52 16.67
CA PHE A 355 10.72 20.47 15.70
C PHE A 355 10.32 20.95 14.31
N ASN A 356 11.20 20.74 13.33
CA ASN A 356 10.94 21.18 11.98
C ASN A 356 9.76 20.43 11.37
N ASP A 357 9.12 21.08 10.40
CA ASP A 357 7.94 20.55 9.75
C ASP A 357 8.16 20.61 8.23
N ILE A 358 7.36 19.83 7.50
CA ILE A 358 7.59 19.64 6.07
C ILE A 358 6.26 19.65 5.32
N ALA A 359 6.34 19.94 4.02
CA ALA A 359 5.18 20.04 3.15
C ALA A 359 5.32 19.09 1.97
N ILE A 360 4.24 18.40 1.64
CA ILE A 360 4.16 17.48 0.51
C ILE A 360 2.95 17.86 -0.33
N ALA A 361 3.11 17.86 -1.66
CA ALA A 361 2.10 18.38 -2.57
C ALA A 361 1.65 17.32 -3.56
N ALA A 362 0.36 17.34 -3.90
CA ALA A 362 -0.23 16.51 -4.94
C ALA A 362 -0.78 17.43 -6.02
N PRO A 363 0.02 17.79 -7.02
CA PRO A 363 -0.38 18.86 -7.95
C PRO A 363 -1.59 18.56 -8.79
N TYR A 364 -1.90 17.30 -9.02
CA TYR A 364 -3.05 16.91 -9.82
C TYR A 364 -4.20 16.43 -8.96
N GLY A 365 -4.10 16.60 -7.64
CA GLY A 365 -5.17 16.26 -6.73
C GLY A 365 -6.09 17.45 -6.48
N GLY A 366 -6.84 17.34 -5.38
CA GLY A 366 -7.77 18.39 -5.02
C GLY A 366 -9.06 18.32 -5.81
N GLU A 367 -9.73 19.47 -5.90
CA GLU A 367 -10.99 19.59 -6.61
C GLU A 367 -10.72 19.74 -8.10
N ASP A 368 -11.11 18.74 -8.88
CA ASP A 368 -10.99 18.75 -10.33
C ASP A 368 -9.58 19.15 -10.78
N LYS A 369 -8.60 18.40 -10.27
CA LYS A 369 -7.21 18.50 -10.72
C LYS A 369 -6.64 19.90 -10.49
N LYS A 370 -7.16 20.61 -9.49
CA LYS A 370 -6.65 21.94 -9.19
C LYS A 370 -5.34 21.91 -8.42
N GLY A 371 -5.07 20.85 -7.69
CA GLY A 371 -3.85 20.76 -6.90
C GLY A 371 -4.12 20.93 -5.42
N ILE A 372 -3.26 20.33 -4.62
CA ILE A 372 -3.41 20.35 -3.16
C ILE A 372 -2.04 20.14 -2.54
N VAL A 373 -1.81 20.80 -1.40
CA VAL A 373 -0.53 20.74 -0.69
C VAL A 373 -0.80 20.39 0.77
N TYR A 374 -0.25 19.27 1.22
CA TYR A 374 -0.38 18.83 2.60
C TYR A 374 0.88 19.20 3.38
N ILE A 375 0.70 19.73 4.58
CA ILE A 375 1.81 20.05 5.47
C ILE A 375 1.74 19.14 6.68
N PHE A 376 2.92 18.77 7.19
CA PHE A 376 3.03 17.79 8.25
C PHE A 376 3.98 18.31 9.32
N ASN A 377 3.50 18.39 10.56
CA ASN A 377 4.35 18.81 11.68
C ASN A 377 5.21 17.65 12.16
N GLY A 378 6.48 17.94 12.46
CA GLY A 378 7.35 16.97 13.06
C GLY A 378 7.34 17.07 14.57
N ARG A 379 7.82 16.01 15.22
CA ARG A 379 7.86 15.97 16.68
C ARG A 379 9.01 15.06 17.12
N SER A 380 9.11 14.85 18.43
CA SER A 380 10.20 14.06 18.98
C SER A 380 10.15 12.63 18.49
N THR A 381 8.95 12.07 18.32
CA THR A 381 8.77 10.70 17.84
C THR A 381 9.13 10.54 16.37
N GLY A 382 9.60 11.59 15.71
CA GLY A 382 9.72 11.59 14.27
C GLY A 382 8.60 12.40 13.65
N LEU A 383 8.47 12.26 12.33
CA LEU A 383 7.41 12.96 11.61
C LEU A 383 6.06 12.33 11.93
N ASN A 384 5.15 13.14 12.47
CA ASN A 384 3.79 12.69 12.69
C ASN A 384 3.02 12.74 11.38
N ALA A 385 2.41 11.62 11.01
CA ALA A 385 1.84 11.42 9.68
C ALA A 385 0.34 11.71 9.72
N VAL A 386 0.01 12.99 9.59
CA VAL A 386 -1.35 13.44 9.33
C VAL A 386 -1.28 14.92 8.97
N PRO A 387 -1.98 15.38 7.93
CA PRO A 387 -1.92 16.80 7.59
C PRO A 387 -2.48 17.65 8.72
N SER A 388 -1.65 18.56 9.24
CA SER A 388 -2.14 19.55 10.19
C SER A 388 -2.83 20.71 9.49
N GLN A 389 -2.78 20.75 8.17
CA GLN A 389 -3.40 21.79 7.35
C GLN A 389 -3.35 21.35 5.90
N ILE A 390 -4.29 21.85 5.12
CA ILE A 390 -4.41 21.52 3.70
C ILE A 390 -4.45 22.81 2.91
N LEU A 391 -3.58 22.92 1.90
CA LEU A 391 -3.55 24.07 1.00
C LEU A 391 -4.15 23.64 -0.33
N GLU A 392 -5.33 24.15 -0.64
CA GLU A 392 -6.04 23.81 -1.87
C GLU A 392 -5.99 25.01 -2.80
N GLY A 393 -5.18 24.91 -3.86
CA GLY A 393 -5.10 25.99 -4.82
C GLY A 393 -6.36 26.06 -5.67
N GLN A 394 -6.89 27.27 -5.85
CA GLN A 394 -8.10 27.49 -6.64
C GLN A 394 -7.73 28.27 -7.89
N TRP A 395 -7.60 27.56 -9.02
CA TRP A 395 -7.36 28.19 -10.30
C TRP A 395 -7.97 27.31 -11.40
N ALA A 396 -8.47 27.96 -12.44
CA ALA A 396 -9.11 27.25 -13.54
C ALA A 396 -8.05 26.51 -14.36
N ALA A 397 -8.52 25.73 -15.34
CA ALA A 397 -7.63 24.98 -16.23
C ALA A 397 -7.87 25.46 -17.65
N ARG A 398 -6.82 25.99 -18.27
CA ARG A 398 -6.92 26.50 -19.63
C ARG A 398 -6.48 25.47 -20.67
N SER A 399 -5.22 25.03 -20.61
CA SER A 399 -4.70 24.06 -21.57
C SER A 399 -4.28 22.76 -20.88
N MET A 400 -3.42 22.83 -19.88
CA MET A 400 -2.90 21.67 -19.17
C MET A 400 -3.27 21.80 -17.71
N PRO A 401 -3.06 20.76 -16.88
CA PRO A 401 -3.45 20.87 -15.47
C PRO A 401 -2.81 22.07 -14.81
N PRO A 402 -3.58 22.85 -14.08
CA PRO A 402 -2.98 23.93 -13.28
C PRO A 402 -2.28 23.35 -12.07
N SER A 403 -1.06 22.87 -12.26
CA SER A 403 -0.41 22.07 -11.23
C SER A 403 -0.09 22.93 -10.01
N PHE A 404 -0.88 22.75 -8.95
CA PHE A 404 -0.63 23.46 -7.69
C PHE A 404 0.24 22.57 -6.82
N GLY A 405 1.44 23.03 -6.54
CA GLY A 405 2.51 22.16 -6.17
C GLY A 405 3.44 21.95 -7.34
N TYR A 406 4.20 20.85 -7.28
CA TYR A 406 5.18 20.51 -8.30
C TYR A 406 6.36 21.47 -8.21
N SER A 407 6.22 22.49 -7.35
CA SER A 407 7.26 23.49 -7.14
C SER A 407 6.95 24.20 -5.82
N MET A 408 7.81 24.04 -4.83
CA MET A 408 7.61 24.66 -3.53
C MET A 408 8.97 25.01 -2.93
N LYS A 409 8.99 26.06 -2.12
CA LYS A 409 10.18 26.41 -1.34
C LYS A 409 9.72 27.05 -0.04
N GLY A 410 10.22 26.52 1.09
CA GLY A 410 9.89 27.07 2.39
C GLY A 410 11.10 27.51 3.19
N ALA A 411 10.98 27.46 4.52
CA ALA A 411 12.10 27.67 5.43
C ALA A 411 12.71 29.07 5.27
N THR A 412 11.88 30.08 5.03
CA THR A 412 12.34 31.46 4.99
C THR A 412 11.23 32.37 5.47
N ASP A 413 11.59 33.38 6.25
CA ASP A 413 10.63 34.32 6.85
C ASP A 413 10.68 35.62 6.04
N ILE A 414 9.69 35.80 5.16
CA ILE A 414 9.72 36.95 4.27
C ILE A 414 9.05 38.17 4.89
N ASP A 415 8.02 37.96 5.71
CA ASP A 415 7.31 39.02 6.42
C ASP A 415 8.05 39.48 7.67
N LYS A 416 9.11 38.77 8.06
CA LYS A 416 9.82 39.03 9.32
C LYS A 416 8.88 38.95 10.51
N ASN A 417 7.90 38.06 10.44
CA ASN A 417 6.97 37.84 11.55
C ASN A 417 7.49 36.82 12.55
N GLY A 418 8.72 36.35 12.38
CA GLY A 418 9.27 35.30 13.21
C GLY A 418 8.81 33.91 12.83
N TYR A 419 8.08 33.78 11.73
CA TYR A 419 7.53 32.50 11.31
C TYR A 419 7.81 32.27 9.83
N PRO A 420 8.38 31.11 9.49
CA PRO A 420 8.70 30.81 8.09
C PRO A 420 7.43 30.77 7.25
N ASP A 421 7.59 31.18 6.00
CA ASP A 421 6.48 31.27 5.06
C ASP A 421 6.73 30.31 3.90
N LEU A 422 5.75 30.18 3.01
CA LEU A 422 5.78 29.12 2.01
C LEU A 422 5.37 29.65 0.64
N ILE A 423 6.12 29.25 -0.38
CA ILE A 423 5.83 29.57 -1.78
C ILE A 423 5.42 28.29 -2.49
N VAL A 424 4.28 28.35 -3.17
CA VAL A 424 3.78 27.25 -3.98
C VAL A 424 3.59 27.78 -5.40
N GLY A 425 4.29 27.18 -6.35
CA GLY A 425 4.22 27.61 -7.74
C GLY A 425 3.25 26.74 -8.54
N ALA A 426 2.56 27.37 -9.48
CA ALA A 426 1.60 26.69 -10.34
C ALA A 426 1.85 27.11 -11.78
N PHE A 427 2.54 26.27 -12.54
CA PHE A 427 2.89 26.62 -13.92
C PHE A 427 1.78 26.32 -14.90
N GLY A 428 0.74 25.58 -14.49
CA GLY A 428 -0.41 25.39 -15.37
C GLY A 428 -1.12 26.70 -15.65
N VAL A 429 -1.34 27.50 -14.61
CA VAL A 429 -1.90 28.84 -14.76
C VAL A 429 -0.83 29.92 -14.83
N ASP A 430 0.44 29.54 -14.82
CA ASP A 430 1.56 30.48 -14.85
C ASP A 430 1.47 31.46 -13.68
N ARG A 431 1.39 30.92 -12.47
CA ARG A 431 1.21 31.70 -11.26
C ARG A 431 2.01 31.11 -10.12
N ALA A 432 2.27 31.94 -9.12
CA ALA A 432 2.96 31.53 -7.91
C ALA A 432 2.30 32.20 -6.72
N ILE A 433 2.07 31.44 -5.65
CA ILE A 433 1.35 31.91 -4.47
C ILE A 433 2.28 31.85 -3.27
N LEU A 434 2.25 32.90 -2.45
CA LEU A 434 3.05 33.00 -1.25
C LEU A 434 2.10 33.00 -0.05
N TYR A 435 2.20 31.96 0.78
CA TYR A 435 1.42 31.86 2.01
C TYR A 435 2.28 32.27 3.19
N ARG A 436 1.68 33.01 4.12
CA ARG A 436 2.39 33.52 5.29
C ARG A 436 1.90 32.81 6.55
N ALA A 437 2.85 32.48 7.43
CA ALA A 437 2.51 31.81 8.67
C ALA A 437 1.95 32.81 9.69
N ARG A 438 1.33 32.27 10.73
CA ARG A 438 0.64 33.05 11.75
C ARG A 438 1.31 32.85 13.10
N PRO A 439 1.18 33.82 14.00
CA PRO A 439 2.01 33.82 15.22
C PRO A 439 1.79 32.65 16.19
N VAL A 440 0.68 31.92 16.10
CA VAL A 440 0.45 30.76 16.96
C VAL A 440 0.46 31.16 18.44
N ILE A 441 -0.66 31.70 18.92
CA ILE A 441 -0.80 32.04 20.33
C ILE A 441 -1.25 30.81 21.11
N THR A 442 -0.57 30.52 22.22
CA THR A 442 -0.95 29.43 23.12
C THR A 442 -1.56 30.06 24.36
N VAL A 443 -2.86 29.81 24.57
CA VAL A 443 -3.62 30.40 25.67
C VAL A 443 -3.84 29.36 26.75
N ASN A 444 -3.49 29.69 27.98
CA ASN A 444 -3.68 28.82 29.13
C ASN A 444 -4.78 29.40 30.00
N ALA A 445 -5.87 28.65 30.16
CA ALA A 445 -7.04 29.11 30.90
C ALA A 445 -7.29 28.21 32.11
N GLY A 446 -7.91 28.79 33.12
CA GLY A 446 -8.24 28.06 34.33
C GLY A 446 -9.53 28.56 34.93
N LEU A 447 -10.24 27.67 35.60
CA LEU A 447 -11.53 27.98 36.21
C LEU A 447 -11.60 27.35 37.60
N GLU A 448 -11.94 28.16 38.60
CA GLU A 448 -12.09 27.69 39.97
C GLU A 448 -13.42 28.16 40.51
N VAL A 449 -14.20 27.24 41.05
CA VAL A 449 -15.50 27.57 41.64
C VAL A 449 -15.35 27.57 43.16
N TYR A 450 -15.92 28.59 43.78
CA TYR A 450 -15.84 28.79 45.22
C TYR A 450 -16.88 27.93 45.92
N PRO A 451 -16.75 27.72 47.29
CA PRO A 451 -17.48 26.63 47.96
C PRO A 451 -18.20 25.63 47.08
N SER A 452 -17.46 24.74 46.41
CA SER A 452 -18.03 23.87 45.39
C SER A 452 -19.16 23.00 45.91
N ILE A 453 -19.21 22.73 47.21
CA ILE A 453 -20.30 21.99 47.83
C ILE A 453 -21.28 23.02 48.38
N LEU A 454 -22.50 23.01 47.86
CA LEU A 454 -23.48 24.04 48.17
C LEU A 454 -24.42 23.55 49.27
N ASN A 455 -24.57 24.37 50.30
CA ASN A 455 -25.52 24.08 51.37
C ASN A 455 -26.83 24.80 51.08
N GLN A 456 -27.91 24.02 50.93
CA GLN A 456 -29.20 24.60 50.57
C GLN A 456 -29.65 25.63 51.59
N ASP A 457 -29.38 25.38 52.87
CA ASP A 457 -29.89 26.20 53.96
C ASP A 457 -28.93 27.32 54.37
N ASN A 458 -27.80 27.45 53.70
CA ASN A 458 -26.85 28.54 53.96
C ASN A 458 -27.15 29.66 52.98
N LYS A 459 -27.85 30.68 53.45
CA LYS A 459 -28.36 31.76 52.61
C LYS A 459 -27.56 33.05 52.77
N THR A 460 -26.25 32.94 53.02
CA THR A 460 -25.42 34.05 53.50
C THR A 460 -25.51 35.33 52.66
N CYS A 461 -25.07 35.28 51.40
CA CYS A 461 -24.98 36.47 50.57
C CYS A 461 -26.21 36.55 49.67
N SER A 462 -26.97 37.63 49.80
CA SER A 462 -28.10 37.88 48.92
C SER A 462 -28.20 39.37 48.70
N LEU A 463 -28.11 39.79 47.44
CA LEU A 463 -28.50 41.14 47.08
C LEU A 463 -29.29 41.14 45.76
N PRO A 464 -30.33 40.28 45.62
CA PRO A 464 -31.10 40.29 44.36
C PRO A 464 -32.29 41.26 44.33
N GLY A 465 -32.00 42.55 44.24
CA GLY A 465 -33.07 43.50 44.03
C GLY A 465 -34.04 43.65 45.19
N THR A 466 -33.62 44.38 46.24
CA THR A 466 -34.30 44.38 47.54
C THR A 466 -34.23 42.99 48.16
N ALA A 467 -33.00 42.66 48.56
CA ALA A 467 -32.55 41.30 48.82
C ALA A 467 -33.46 40.52 49.77
N LEU A 468 -33.55 39.22 49.49
CA LEU A 468 -34.02 38.20 50.42
C LEU A 468 -32.99 37.08 50.42
N LYS A 469 -32.72 36.52 51.60
CA LYS A 469 -31.59 35.61 51.79
C LYS A 469 -31.62 34.45 50.82
N VAL A 470 -30.46 34.14 50.22
CA VAL A 470 -30.35 33.10 49.21
C VAL A 470 -28.93 32.54 49.26
N SER A 471 -28.80 31.27 48.85
CA SER A 471 -27.51 30.59 48.87
C SER A 471 -26.66 31.01 47.67
N CYS A 472 -25.39 31.29 47.93
CA CYS A 472 -24.50 31.95 46.99
C CYS A 472 -23.18 31.19 46.89
N PHE A 473 -22.49 31.40 45.76
CA PHE A 473 -21.12 30.95 45.59
C PHE A 473 -20.49 31.80 44.50
N ASN A 474 -19.16 31.78 44.46
CA ASN A 474 -18.41 32.62 43.54
C ASN A 474 -17.75 31.78 42.45
N VAL A 475 -17.63 32.37 41.27
CA VAL A 475 -17.00 31.72 40.12
C VAL A 475 -15.80 32.57 39.70
N ARG A 476 -14.61 31.99 39.82
CA ARG A 476 -13.36 32.68 39.50
C ARG A 476 -12.69 31.96 38.35
N PHE A 477 -12.22 32.73 37.36
CA PHE A 477 -11.64 32.17 36.15
C PHE A 477 -10.47 33.05 35.70
N CYS A 478 -9.35 32.42 35.37
CA CYS A 478 -8.14 33.14 35.01
C CYS A 478 -7.70 32.77 33.60
N LEU A 479 -6.97 33.68 32.97
CA LEU A 479 -6.65 33.58 31.55
C LEU A 479 -5.21 33.99 31.31
N LYS A 480 -4.42 33.08 30.74
CA LYS A 480 -3.03 33.34 30.40
C LYS A 480 -2.85 33.27 28.89
N ALA A 481 -2.10 34.21 28.33
CA ALA A 481 -1.86 34.26 26.89
C ALA A 481 -0.39 34.56 26.63
N ASP A 482 0.28 33.71 25.87
CA ASP A 482 1.67 33.94 25.49
C ASP A 482 1.94 33.25 24.17
N GLY A 483 2.99 33.71 23.48
CA GLY A 483 3.35 33.15 22.21
C GLY A 483 4.78 33.51 21.84
N LYS A 484 5.15 33.15 20.60
CA LYS A 484 6.47 33.39 20.08
C LYS A 484 6.38 34.22 18.81
N GLY A 485 7.52 34.78 18.40
CA GLY A 485 7.53 35.65 17.25
C GLY A 485 6.89 37.00 17.59
N VAL A 486 6.69 37.80 16.55
CA VAL A 486 6.07 39.10 16.73
C VAL A 486 4.56 38.93 16.85
N LEU A 487 3.97 39.62 17.81
CA LEU A 487 2.55 39.59 18.08
C LEU A 487 2.21 40.71 19.05
N PRO A 488 1.02 41.30 18.96
CA PRO A 488 0.73 42.52 19.72
C PRO A 488 0.91 42.32 21.22
N ARG A 489 1.16 43.44 21.91
CA ARG A 489 1.45 43.40 23.33
C ARG A 489 0.29 42.81 24.11
N LYS A 490 -0.94 43.16 23.74
CA LYS A 490 -2.12 42.72 24.46
C LYS A 490 -3.14 42.13 23.49
N LEU A 491 -3.86 41.12 23.98
CA LEU A 491 -4.85 40.40 23.19
C LEU A 491 -6.23 40.55 23.83
N ASN A 492 -7.27 40.41 23.02
CA ASN A 492 -8.65 40.60 23.46
C ASN A 492 -9.42 39.30 23.33
N PHE A 493 -9.88 38.76 24.46
CA PHE A 493 -10.66 37.53 24.51
C PHE A 493 -12.11 37.84 24.85
N GLN A 494 -13.01 36.99 24.35
CA GLN A 494 -14.42 37.04 24.69
C GLN A 494 -14.78 35.75 25.45
N VAL A 495 -15.10 35.89 26.72
CA VAL A 495 -15.34 34.75 27.61
C VAL A 495 -16.84 34.56 27.77
N GLU A 496 -17.27 33.29 27.73
CA GLU A 496 -18.67 32.93 27.92
C GLU A 496 -18.78 31.92 29.05
N LEU A 497 -19.64 32.21 30.02
CA LEU A 497 -19.84 31.35 31.19
C LEU A 497 -21.24 30.75 31.16
N LEU A 498 -21.32 29.44 31.37
CA LEU A 498 -22.59 28.72 31.39
C LEU A 498 -22.68 27.93 32.70
N LEU A 499 -23.83 28.06 33.38
CA LEU A 499 -24.06 27.39 34.65
C LEU A 499 -24.91 26.15 34.46
N ASP A 500 -24.44 25.03 35.00
CA ASP A 500 -25.17 23.76 34.97
C ASP A 500 -25.44 23.33 33.52
N LYS A 501 -24.34 23.14 32.78
CA LYS A 501 -24.45 22.84 31.36
C LYS A 501 -25.19 21.51 31.12
N LEU A 502 -25.12 20.58 32.08
CA LEU A 502 -25.84 19.33 31.93
C LEU A 502 -27.33 19.56 31.78
N LYS A 503 -27.88 20.51 32.53
CA LYS A 503 -29.28 20.88 32.44
C LYS A 503 -29.47 21.87 31.29
N GLN A 504 -30.62 22.54 31.28
CA GLN A 504 -31.00 23.57 30.31
C GLN A 504 -31.32 22.97 28.94
N LYS A 505 -31.12 21.67 28.80
CA LYS A 505 -31.47 20.94 27.59
C LYS A 505 -32.86 20.33 27.82
N GLY A 506 -33.89 21.08 27.46
CA GLY A 506 -35.25 20.66 27.75
C GLY A 506 -35.48 20.42 29.23
N ALA A 507 -34.84 21.22 30.08
CA ALA A 507 -34.83 20.95 31.51
C ALA A 507 -34.75 22.27 32.27
N ILE A 508 -34.93 22.17 33.58
CA ILE A 508 -34.95 23.34 34.44
C ILE A 508 -33.53 23.88 34.62
N ARG A 509 -33.43 25.21 34.71
CA ARG A 509 -32.17 25.89 34.98
C ARG A 509 -32.01 26.04 36.49
N ARG A 510 -30.95 25.45 37.03
CA ARG A 510 -30.82 25.26 38.47
C ARG A 510 -29.91 26.27 39.16
N ALA A 511 -29.29 27.18 38.43
CA ALA A 511 -28.39 28.16 39.04
C ALA A 511 -28.36 29.42 38.22
N LEU A 512 -28.28 30.57 38.90
CA LEU A 512 -28.29 31.87 38.25
C LEU A 512 -27.22 32.75 38.88
N PHE A 513 -26.75 33.73 38.10
CA PHE A 513 -25.85 34.74 38.63
C PHE A 513 -26.62 35.74 39.47
N LEU A 514 -25.94 36.33 40.46
CA LEU A 514 -26.61 37.18 41.44
C LEU A 514 -27.14 38.45 40.78
N TYR A 515 -26.25 39.24 40.17
CA TYR A 515 -26.67 40.50 39.57
C TYR A 515 -27.40 40.27 38.26
N SER A 516 -26.93 39.33 37.44
CA SER A 516 -27.50 39.13 36.12
C SER A 516 -28.85 38.42 36.16
N ARG A 517 -29.09 37.61 37.20
CA ARG A 517 -30.29 36.76 37.28
C ARG A 517 -30.40 35.83 36.08
N SER A 518 -29.26 35.45 35.51
CA SER A 518 -29.24 34.68 34.28
C SER A 518 -28.31 33.48 34.43
N PRO A 519 -28.59 32.38 33.72
CA PRO A 519 -27.66 31.24 33.73
C PRO A 519 -26.35 31.52 33.01
N SER A 520 -26.29 32.56 32.17
CA SER A 520 -25.12 32.84 31.35
C SER A 520 -24.65 34.26 31.56
N HIS A 521 -23.34 34.46 31.41
CA HIS A 521 -22.74 35.77 31.52
C HIS A 521 -21.49 35.81 30.67
N SER A 522 -21.22 36.98 30.08
CA SER A 522 -20.06 37.16 29.20
C SER A 522 -19.36 38.46 29.55
N LYS A 523 -18.06 38.49 29.28
CA LYS A 523 -17.24 39.67 29.58
C LYS A 523 -16.05 39.71 28.64
N ASN A 524 -15.64 40.93 28.28
CA ASN A 524 -14.48 41.14 27.43
C ASN A 524 -13.23 41.28 28.29
N MET A 525 -12.16 40.59 27.89
CA MET A 525 -10.94 40.50 28.67
C MET A 525 -9.73 40.88 27.82
N THR A 526 -8.62 41.17 28.51
CA THR A 526 -7.37 41.54 27.86
C THR A 526 -6.19 41.02 28.66
N ILE A 527 -5.29 40.27 28.01
CA ILE A 527 -4.09 39.73 28.62
C ILE A 527 -2.89 40.26 27.82
N SER A 528 -1.70 40.18 28.41
CA SER A 528 -0.50 40.59 27.70
C SER A 528 0.50 39.45 27.49
N ARG A 529 0.97 38.82 28.56
CA ARG A 529 2.11 37.90 28.47
C ARG A 529 1.82 36.68 29.33
N GLY A 530 2.79 35.76 29.35
CA GLY A 530 2.65 34.53 30.12
C GLY A 530 2.85 34.77 31.61
N GLY A 531 2.15 33.96 32.41
CA GLY A 531 2.18 34.13 33.84
C GLY A 531 1.45 35.36 34.34
N LEU A 532 0.73 36.05 33.46
CA LEU A 532 0.05 37.30 33.76
C LEU A 532 -1.44 37.08 34.02
N MET A 533 -1.83 35.86 34.39
CA MET A 533 -3.23 35.44 34.42
C MET A 533 -4.11 36.46 35.11
N GLN A 534 -5.10 36.96 34.38
CA GLN A 534 -6.04 37.95 34.89
C GLN A 534 -7.38 37.26 35.12
N CYS A 535 -7.90 37.37 36.33
CA CYS A 535 -9.13 36.70 36.71
C CYS A 535 -10.23 37.72 36.97
N GLU A 536 -11.45 37.21 37.14
CA GLU A 536 -12.59 38.03 37.51
C GLU A 536 -13.45 37.28 38.50
N GLU A 537 -14.11 38.03 39.38
CA GLU A 537 -14.89 37.47 40.49
C GLU A 537 -16.36 37.74 40.23
N LEU A 538 -17.12 36.68 39.96
CA LEU A 538 -18.57 36.76 39.80
C LEU A 538 -19.23 35.92 40.89
N ILE A 539 -20.41 36.36 41.30
CA ILE A 539 -21.19 35.68 42.34
C ILE A 539 -22.45 35.14 41.70
N ALA A 540 -22.62 33.83 41.75
CA ALA A 540 -23.81 33.16 41.25
C ALA A 540 -24.50 32.45 42.41
N TYR A 541 -25.79 32.70 42.57
CA TYR A 541 -26.52 32.13 43.68
C TYR A 541 -27.21 30.84 43.26
N LEU A 542 -27.86 30.20 44.22
CA LEU A 542 -28.61 28.97 43.99
C LEU A 542 -30.08 29.23 44.28
N ARG A 543 -30.95 28.88 43.34
CA ARG A 543 -32.36 29.20 43.50
C ARG A 543 -32.95 28.44 44.68
N ASP A 544 -34.13 28.91 45.11
CA ASP A 544 -34.74 28.39 46.34
C ASP A 544 -35.04 26.90 46.21
N GLU A 545 -34.99 26.22 47.37
CA GLU A 545 -35.18 24.78 47.40
C GLU A 545 -36.51 24.36 46.78
N SER A 546 -37.54 25.16 46.93
CA SER A 546 -38.87 24.83 46.44
C SER A 546 -39.07 25.20 44.97
N GLU A 547 -38.12 25.91 44.35
CA GLU A 547 -38.28 26.32 42.97
C GLU A 547 -38.07 25.17 41.98
N PHE A 548 -37.56 24.02 42.43
CA PHE A 548 -37.25 22.93 41.54
C PHE A 548 -37.16 21.64 42.34
N ARG A 549 -36.94 20.53 41.64
CA ARG A 549 -36.88 19.20 42.20
C ARG A 549 -35.49 18.86 42.75
N ASP A 550 -34.61 19.84 42.82
CA ASP A 550 -33.19 19.64 43.19
C ASP A 550 -32.59 18.63 42.22
N LYS A 551 -31.53 17.95 42.63
CA LYS A 551 -30.89 16.87 41.86
C LYS A 551 -29.77 16.29 42.72
N LEU A 552 -29.34 15.09 42.35
CA LEU A 552 -27.99 14.65 42.63
C LEU A 552 -27.05 15.01 41.49
N THR A 553 -27.57 15.65 40.45
CA THR A 553 -26.78 16.00 39.30
C THR A 553 -25.90 17.20 39.62
N PRO A 554 -24.59 17.10 39.42
CA PRO A 554 -23.70 18.23 39.72
C PRO A 554 -23.98 19.41 38.80
N ILE A 555 -23.63 20.59 39.30
CA ILE A 555 -23.74 21.83 38.53
C ILE A 555 -22.40 22.08 37.85
N THR A 556 -22.37 21.97 36.53
CA THR A 556 -21.15 22.13 35.75
C THR A 556 -21.04 23.57 35.28
N ILE A 557 -19.99 24.25 35.73
CA ILE A 557 -19.70 25.62 35.29
C ILE A 557 -18.83 25.53 34.05
N PHE A 558 -19.29 26.15 32.96
CA PHE A 558 -18.68 25.99 31.64
C PHE A 558 -18.13 27.32 31.17
N MET A 559 -16.81 27.40 31.00
CA MET A 559 -16.16 28.61 30.51
C MET A 559 -15.66 28.37 29.08
N GLU A 560 -15.95 29.31 28.19
CA GLU A 560 -15.52 29.26 26.81
C GLU A 560 -14.98 30.63 26.40
N TYR A 561 -13.87 30.63 25.66
CA TYR A 561 -13.21 31.86 25.24
C TYR A 561 -13.11 31.92 23.71
N ARG A 562 -13.05 33.15 23.18
CA ARG A 562 -13.18 33.38 21.75
C ARG A 562 -11.92 33.95 21.10
N LEU A 563 -11.40 35.08 21.61
CA LEU A 563 -10.23 35.75 21.04
C LEU A 563 -10.48 36.19 19.59
N ASP A 564 -11.37 37.18 19.46
CA ASP A 564 -11.56 37.85 18.18
C ASP A 564 -10.24 38.45 17.70
N TYR A 565 -10.03 38.42 16.38
CA TYR A 565 -8.72 38.66 15.79
C TYR A 565 -8.66 40.07 15.18
N ARG A 566 -7.91 40.95 15.84
CA ARG A 566 -7.53 42.25 15.28
C ARG A 566 -6.07 42.48 15.63
N THR A 567 -5.18 42.35 14.65
CA THR A 567 -3.76 42.16 14.91
C THR A 567 -2.97 42.49 13.66
N ALA A 568 -1.64 42.44 13.79
CA ALA A 568 -0.70 42.44 12.66
C ALA A 568 -0.87 43.67 11.78
N ALA A 569 -0.51 44.82 12.36
CA ALA A 569 -0.62 46.11 11.71
C ALA A 569 -0.16 46.08 10.26
N ASP A 570 -0.96 46.67 9.39
CA ASP A 570 -0.72 46.72 7.94
C ASP A 570 -0.53 45.30 7.40
N THR A 571 0.24 45.16 6.32
CA THR A 571 0.47 43.89 5.64
C THR A 571 -0.85 43.14 5.46
N THR A 572 -1.79 43.79 4.78
CA THR A 572 -3.17 43.32 4.72
C THR A 572 -3.67 43.08 6.14
N GLY A 573 -3.79 41.82 6.51
CA GLY A 573 -4.03 41.44 7.89
C GLY A 573 -3.54 40.04 8.11
N LEU A 574 -3.05 39.77 9.32
CA LEU A 574 -2.55 38.44 9.67
C LEU A 574 -3.14 38.05 11.00
N GLN A 575 -3.99 37.02 11.00
CA GLN A 575 -4.71 36.60 12.19
C GLN A 575 -3.90 35.53 12.92
N PRO A 576 -3.39 35.80 14.12
CA PRO A 576 -2.79 34.72 14.90
C PRO A 576 -3.82 33.66 15.23
N ILE A 577 -3.40 32.40 15.18
CA ILE A 577 -4.29 31.28 15.47
C ILE A 577 -3.84 30.63 16.77
N LEU A 578 -4.79 30.01 17.46
CA LEU A 578 -4.49 29.34 18.72
C LEU A 578 -3.66 28.09 18.47
N ASN A 579 -3.26 27.42 19.56
CA ASN A 579 -2.42 26.25 19.44
C ASN A 579 -3.15 25.13 18.71
N GLN A 580 -2.37 24.22 18.13
CA GLN A 580 -2.94 23.12 17.36
C GLN A 580 -3.92 22.32 18.20
N PHE A 581 -3.42 21.70 19.28
CA PHE A 581 -4.25 20.99 20.23
C PHE A 581 -4.34 21.85 21.49
N THR A 582 -5.47 22.53 21.65
CA THR A 582 -5.71 23.34 22.83
C THR A 582 -7.18 23.25 23.19
N PRO A 583 -7.52 23.29 24.48
CA PRO A 583 -8.94 23.32 24.85
C PRO A 583 -9.57 24.65 24.44
N ALA A 584 -10.74 24.55 23.81
CA ALA A 584 -11.55 25.72 23.50
C ALA A 584 -12.42 26.14 24.69
N ASN A 585 -12.38 25.38 25.78
CA ASN A 585 -13.25 25.58 26.93
C ASN A 585 -12.75 24.70 28.06
N ILE A 586 -13.25 24.96 29.26
CA ILE A 586 -12.99 24.11 30.41
C ILE A 586 -14.23 24.09 31.29
N SER A 587 -14.39 23.01 32.05
CA SER A 587 -15.54 22.82 32.90
C SER A 587 -15.10 22.47 34.31
N ARG A 588 -15.95 22.80 35.28
CA ARG A 588 -15.74 22.41 36.66
C ARG A 588 -17.10 22.28 37.33
N GLN A 589 -17.22 21.32 38.23
CA GLN A 589 -18.51 20.92 38.77
C GLN A 589 -18.65 21.32 40.23
N ALA A 590 -19.84 21.76 40.58
CA ALA A 590 -20.24 22.00 41.96
C ALA A 590 -21.39 21.06 42.30
N HIS A 591 -21.46 20.68 43.58
CA HIS A 591 -22.45 19.71 44.04
C HIS A 591 -23.26 20.29 45.18
N ILE A 592 -24.51 19.86 45.26
CA ILE A 592 -25.41 20.26 46.34
C ILE A 592 -25.24 19.29 47.49
N LEU A 593 -25.16 19.82 48.71
CA LEU A 593 -24.91 19.00 49.89
C LEU A 593 -26.11 18.11 50.18
N LEU A 594 -25.89 16.81 50.25
CA LEU A 594 -26.95 15.86 50.53
C LEU A 594 -26.37 14.62 51.19
N ASP A 595 -26.91 14.25 52.35
CA ASP A 595 -26.53 13.03 53.06
C ASP A 595 -25.03 12.96 53.33
N CYS A 596 -24.48 14.07 53.81
CA CYS A 596 -23.09 14.10 54.27
C CYS A 596 -22.96 13.91 55.77
N GLY A 597 -24.05 13.63 56.47
CA GLY A 597 -23.99 13.39 57.90
C GLY A 597 -24.07 14.66 58.70
N GLU A 598 -24.07 14.49 60.03
CA GLU A 598 -24.13 15.62 60.95
C GLU A 598 -22.90 16.52 60.84
N ASP A 599 -21.79 15.98 60.34
CA ASP A 599 -20.59 16.78 60.11
C ASP A 599 -20.73 17.72 58.93
N ASN A 600 -21.79 17.59 58.14
CA ASN A 600 -22.04 18.40 56.95
C ASN A 600 -20.91 18.31 55.93
N VAL A 601 -20.14 17.22 55.98
CA VAL A 601 -19.09 16.96 55.02
C VAL A 601 -19.06 15.46 54.73
N CYS A 602 -18.95 15.12 53.46
CA CYS A 602 -18.98 13.73 53.03
C CYS A 602 -17.57 13.16 53.04
N LYS A 603 -17.36 12.11 53.84
CA LYS A 603 -16.06 11.47 54.02
C LYS A 603 -16.19 10.01 53.63
N PRO A 604 -15.94 9.67 52.36
CA PRO A 604 -16.16 8.30 51.90
C PRO A 604 -15.07 7.34 52.36
N LYS A 605 -15.47 6.07 52.49
CA LYS A 605 -14.54 4.96 52.71
C LYS A 605 -14.46 4.16 51.41
N LEU A 606 -13.35 4.29 50.70
CA LEU A 606 -13.18 3.69 49.39
C LEU A 606 -12.18 2.55 49.48
N GLU A 607 -12.52 1.42 48.85
CA GLU A 607 -11.65 0.26 48.81
C GLU A 607 -11.85 -0.46 47.48
N VAL A 608 -10.73 -0.88 46.87
CA VAL A 608 -10.74 -1.51 45.56
C VAL A 608 -10.10 -2.89 45.70
N SER A 609 -10.80 -3.91 45.22
CA SER A 609 -10.31 -5.28 45.24
C SER A 609 -10.16 -5.78 43.81
N VAL A 610 -9.29 -6.78 43.64
CA VAL A 610 -8.98 -7.30 42.31
C VAL A 610 -8.64 -8.78 42.43
N ASP A 611 -9.10 -9.56 41.46
CA ASP A 611 -8.84 -10.99 41.41
C ASP A 611 -7.91 -11.33 40.25
N SER A 612 -7.15 -12.42 40.43
CA SER A 612 -6.08 -12.75 39.49
C SER A 612 -6.62 -13.15 38.12
N ASP A 613 -7.71 -13.91 38.09
CA ASP A 613 -8.25 -14.50 36.86
C ASP A 613 -7.14 -15.37 36.26
N GLN A 614 -6.62 -15.09 35.08
CA GLN A 614 -5.54 -15.90 34.52
C GLN A 614 -4.27 -15.72 35.35
N LYS A 615 -3.73 -16.82 35.86
CA LYS A 615 -2.54 -16.76 36.69
C LYS A 615 -1.27 -16.55 35.86
N LYS A 616 -1.29 -16.97 34.59
CA LYS A 616 -0.09 -17.01 33.77
C LYS A 616 -0.33 -16.25 32.47
N ILE A 617 0.72 -15.57 32.00
CA ILE A 617 0.73 -14.97 30.66
C ILE A 617 2.08 -15.29 30.02
N TYR A 618 2.04 -15.80 28.80
CA TYR A 618 3.24 -16.31 28.15
C TYR A 618 3.97 -15.21 27.41
N ILE A 619 5.26 -15.44 27.18
CA ILE A 619 6.19 -14.36 26.83
C ILE A 619 5.90 -13.82 25.44
N GLY A 620 6.05 -14.66 24.42
CA GLY A 620 6.05 -14.16 23.06
C GLY A 620 4.70 -13.84 22.46
N ASP A 621 3.62 -14.26 23.10
CA ASP A 621 2.29 -14.10 22.53
C ASP A 621 1.62 -12.83 23.04
N ASP A 622 0.45 -12.52 22.49
CA ASP A 622 -0.43 -11.50 23.01
C ASP A 622 -1.55 -12.20 23.77
N ASN A 623 -1.77 -11.79 25.01
CA ASN A 623 -2.61 -12.59 25.87
C ASN A 623 -3.87 -11.84 26.28
N PRO A 624 -5.00 -12.54 26.42
CA PRO A 624 -6.27 -11.91 26.86
C PRO A 624 -6.36 -11.79 28.37
N LEU A 625 -5.58 -10.86 28.92
CA LEU A 625 -5.55 -10.65 30.36
C LEU A 625 -6.75 -9.82 30.79
N THR A 626 -7.57 -10.38 31.69
CA THR A 626 -8.75 -9.71 32.20
C THR A 626 -8.63 -9.59 33.72
N LEU A 627 -8.92 -8.39 34.23
CA LEU A 627 -8.85 -8.09 35.65
C LEU A 627 -10.24 -7.73 36.16
N ILE A 628 -10.71 -8.47 37.15
CA ILE A 628 -12.01 -8.20 37.77
C ILE A 628 -11.78 -7.31 38.98
N VAL A 629 -12.44 -6.16 39.01
CA VAL A 629 -12.25 -5.16 40.05
C VAL A 629 -13.52 -5.04 40.89
N LYS A 630 -13.34 -4.86 42.19
CA LYS A 630 -14.43 -4.67 43.15
C LYS A 630 -14.27 -3.29 43.75
N ALA A 631 -15.15 -2.35 43.36
CA ALA A 631 -15.11 -0.98 43.86
C ALA A 631 -16.22 -0.81 44.88
N GLN A 632 -15.84 -0.47 46.12
CA GLN A 632 -16.79 -0.33 47.21
C GLN A 632 -16.63 1.04 47.86
N ASN A 633 -17.75 1.69 48.15
CA ASN A 633 -17.78 2.90 48.97
C ASN A 633 -18.60 2.58 50.22
N GLN A 634 -17.91 2.38 51.34
CA GLN A 634 -18.57 2.09 52.61
C GLN A 634 -18.81 3.35 53.43
N GLY A 635 -18.38 4.52 52.95
CA GLY A 635 -18.59 5.77 53.63
C GLY A 635 -19.64 6.63 52.93
N GLU A 636 -19.66 7.90 53.30
CA GLU A 636 -20.61 8.84 52.71
C GLU A 636 -20.27 9.06 51.23
N GLY A 637 -21.22 9.66 50.52
CA GLY A 637 -21.10 9.82 49.07
C GLY A 637 -19.84 10.52 48.59
N ALA A 638 -19.19 9.93 47.60
CA ALA A 638 -17.93 10.47 47.06
C ALA A 638 -18.20 11.12 45.72
N TYR A 639 -17.90 12.41 45.61
CA TYR A 639 -18.13 13.15 44.38
C TYR A 639 -17.07 12.82 43.34
N GLU A 640 -17.51 12.68 42.08
CA GLU A 640 -16.63 12.50 40.94
C GLU A 640 -15.68 11.32 41.15
N ALA A 641 -16.24 10.21 41.63
CA ALA A 641 -15.43 9.03 41.87
C ALA A 641 -14.92 8.46 40.55
N GLU A 642 -13.64 8.10 40.53
CA GLU A 642 -13.01 7.52 39.36
C GLU A 642 -12.07 6.40 39.78
N LEU A 643 -12.05 5.33 38.98
CA LEU A 643 -11.15 4.21 39.18
C LEU A 643 -9.91 4.41 38.32
N ILE A 644 -8.75 4.47 38.97
CA ILE A 644 -7.49 4.73 38.29
C ILE A 644 -6.75 3.41 38.13
N VAL A 645 -6.53 3.01 36.89
CA VAL A 645 -5.83 1.77 36.56
C VAL A 645 -4.52 2.15 35.89
N SER A 646 -3.40 1.89 36.56
CA SER A 646 -2.08 2.22 36.04
C SER A 646 -1.51 1.01 35.31
N ILE A 647 -1.38 1.14 33.99
CA ILE A 647 -0.87 0.06 33.14
C ILE A 647 0.54 0.44 32.70
N PRO A 648 1.58 -0.24 33.16
CA PRO A 648 2.94 0.15 32.80
C PRO A 648 3.38 -0.45 31.48
N LEU A 649 4.10 0.37 30.70
CA LEU A 649 4.96 -0.08 29.61
C LEU A 649 4.15 -0.89 28.60
N GLN A 650 4.45 -2.18 28.42
CA GLN A 650 3.91 -2.99 27.33
C GLN A 650 2.39 -3.14 27.39
N ALA A 651 1.79 -2.98 28.58
CA ALA A 651 0.35 -3.14 28.72
C ALA A 651 -0.39 -2.03 27.98
N ASP A 652 -1.38 -2.41 27.18
CA ASP A 652 -2.25 -1.45 26.51
C ASP A 652 -3.69 -1.89 26.68
N PHE A 653 -4.57 -0.91 26.85
CA PHE A 653 -5.98 -1.17 27.17
C PHE A 653 -6.72 -1.66 25.92
N ILE A 654 -7.64 -2.61 26.15
CA ILE A 654 -8.50 -3.13 25.08
C ILE A 654 -9.92 -2.61 25.21
N GLY A 655 -10.59 -2.91 26.32
CA GLY A 655 -11.98 -2.49 26.48
C GLY A 655 -12.55 -3.01 27.77
N VAL A 656 -13.89 -2.96 27.85
CA VAL A 656 -14.62 -3.43 29.00
C VAL A 656 -15.55 -4.56 28.54
N VAL A 657 -15.94 -5.41 29.49
CA VAL A 657 -16.72 -6.60 29.19
C VAL A 657 -18.20 -6.23 29.20
N ARG A 658 -18.81 -6.22 28.02
CA ARG A 658 -20.24 -5.99 27.90
C ARG A 658 -21.05 -7.28 27.96
N ASN A 659 -20.44 -8.40 27.58
CA ASN A 659 -21.18 -9.66 27.46
C ASN A 659 -21.65 -10.19 28.82
N ASN A 660 -20.88 -9.97 29.88
CA ASN A 660 -21.19 -10.55 31.17
C ASN A 660 -22.30 -9.76 31.86
N GLU A 661 -23.31 -10.48 32.36
CA GLU A 661 -24.37 -9.87 33.14
C GLU A 661 -23.91 -9.51 34.55
N ALA A 662 -23.02 -10.32 35.13
CA ALA A 662 -22.51 -10.08 36.47
C ALA A 662 -21.50 -8.94 36.54
N LEU A 663 -21.09 -8.40 35.40
CA LEU A 663 -20.10 -7.35 35.34
C LEU A 663 -20.72 -6.08 34.78
N ALA A 664 -20.03 -4.96 35.01
CA ALA A 664 -20.57 -3.64 34.73
C ALA A 664 -20.06 -3.12 33.39
N ARG A 665 -20.92 -2.32 32.74
CA ARG A 665 -20.63 -1.71 31.45
C ARG A 665 -19.92 -0.37 31.58
N LEU A 666 -19.29 -0.10 32.73
CA LEU A 666 -18.81 1.24 33.05
C LEU A 666 -17.87 1.77 31.98
N SER A 667 -18.09 3.01 31.58
CA SER A 667 -17.31 3.61 30.51
C SER A 667 -15.92 3.97 31.01
N CYS A 668 -14.91 3.50 30.30
CA CYS A 668 -13.51 3.76 30.63
C CYS A 668 -12.83 4.39 29.43
N ALA A 669 -11.78 5.17 29.71
CA ALA A 669 -11.01 5.83 28.68
C ALA A 669 -9.52 5.66 28.95
N PHE A 670 -8.75 5.58 27.88
CA PHE A 670 -7.29 5.45 27.96
C PHE A 670 -6.69 6.84 27.84
N LYS A 671 -6.05 7.29 28.93
CA LYS A 671 -5.52 8.65 29.03
C LYS A 671 -4.02 8.61 29.27
N THR A 672 -3.28 9.36 28.47
CA THR A 672 -1.83 9.48 28.61
C THR A 672 -1.47 10.95 28.73
N GLU A 673 -0.83 11.31 29.84
CA GLU A 673 -0.39 12.68 30.06
C GLU A 673 0.53 12.72 31.27
N ASN A 674 1.34 13.79 31.33
CA ASN A 674 2.32 13.98 32.40
C ASN A 674 3.21 12.76 32.56
N GLN A 675 3.63 12.20 31.43
CA GLN A 675 4.52 11.03 31.38
C GLN A 675 3.92 9.84 32.13
N THR A 676 2.60 9.71 32.11
CA THR A 676 1.92 8.63 32.82
C THR A 676 0.75 8.14 31.96
N ARG A 677 0.78 6.86 31.61
CA ARG A 677 -0.30 6.22 30.88
C ARG A 677 -1.12 5.36 31.85
N GLN A 678 -2.44 5.44 31.71
CA GLN A 678 -3.33 4.80 32.68
C GLN A 678 -4.74 4.77 32.11
N VAL A 679 -5.63 4.13 32.86
CA VAL A 679 -7.04 3.96 32.49
C VAL A 679 -7.89 4.58 33.58
N VAL A 680 -8.87 5.40 33.17
CA VAL A 680 -9.79 6.04 34.10
C VAL A 680 -11.20 5.51 33.81
N CYS A 681 -11.96 5.29 34.88
CA CYS A 681 -13.31 4.76 34.77
C CYS A 681 -14.22 5.51 35.74
N ASP A 682 -15.42 5.86 35.29
CA ASP A 682 -16.36 6.60 36.11
C ASP A 682 -17.09 5.65 37.06
N LEU A 683 -16.96 5.89 38.36
CA LEU A 683 -17.66 5.14 39.38
C LEU A 683 -18.94 5.83 39.83
N GLY A 684 -19.31 6.92 39.19
CA GLY A 684 -20.51 7.65 39.57
C GLY A 684 -20.16 8.99 40.18
N ASN A 685 -21.01 9.98 39.89
CA ASN A 685 -20.81 11.35 40.36
C ASN A 685 -22.13 11.87 40.91
N PRO A 686 -22.35 11.73 42.22
CA PRO A 686 -21.48 11.12 43.21
C PRO A 686 -21.61 9.60 43.27
N MET A 687 -20.64 8.92 43.87
CA MET A 687 -20.74 7.50 44.15
C MET A 687 -21.37 7.33 45.52
N LYS A 688 -22.60 6.83 45.55
CA LYS A 688 -23.39 6.84 46.79
C LYS A 688 -22.88 5.77 47.77
N ALA A 689 -23.32 5.90 49.01
CA ALA A 689 -22.89 5.01 50.07
C ALA A 689 -23.33 3.58 49.81
N GLY A 690 -22.50 2.63 50.22
CA GLY A 690 -22.81 1.23 50.07
C GLY A 690 -22.72 0.70 48.66
N THR A 691 -22.20 1.50 47.73
CA THR A 691 -22.12 1.09 46.34
C THR A 691 -21.00 0.06 46.17
N GLN A 692 -21.33 -1.07 45.55
CA GLN A 692 -20.36 -2.10 45.21
C GLN A 692 -20.50 -2.44 43.74
N LEU A 693 -19.39 -2.42 43.01
CA LEU A 693 -19.41 -2.64 41.57
C LEU A 693 -18.39 -3.70 41.18
N LEU A 694 -18.72 -4.44 40.12
CA LEU A 694 -17.84 -5.44 39.55
C LEU A 694 -17.79 -5.24 38.04
N ALA A 695 -16.59 -5.12 37.49
CA ALA A 695 -16.41 -4.98 36.06
C ALA A 695 -15.03 -5.51 35.68
N GLY A 696 -14.94 -6.11 34.50
CA GLY A 696 -13.69 -6.64 34.00
C GLY A 696 -13.02 -5.70 33.03
N LEU A 697 -11.69 -5.78 32.96
CA LEU A 697 -10.88 -4.94 32.09
C LEU A 697 -9.91 -5.82 31.32
N ARG A 698 -10.04 -5.82 29.99
CA ARG A 698 -9.19 -6.64 29.14
C ARG A 698 -7.98 -5.85 28.66
N PHE A 699 -6.82 -6.50 28.64
CA PHE A 699 -5.57 -5.90 28.20
C PHE A 699 -4.84 -6.89 27.31
N SER A 700 -3.70 -6.45 26.78
CA SER A 700 -2.81 -7.31 26.01
C SER A 700 -1.37 -6.99 26.41
N VAL A 701 -0.65 -8.00 26.88
CA VAL A 701 0.70 -7.85 27.39
C VAL A 701 1.65 -8.57 26.43
N HIS A 702 2.67 -7.85 25.93
CA HIS A 702 3.62 -8.52 25.06
C HIS A 702 4.93 -8.86 25.77
N GLN A 703 5.73 -7.83 26.09
CA GLN A 703 6.97 -7.95 26.84
C GLN A 703 7.64 -6.58 26.90
N GLN A 704 8.62 -6.47 27.79
CA GLN A 704 9.57 -5.34 27.80
C GLN A 704 10.96 -5.93 27.97
N SER A 705 11.79 -5.82 26.94
CA SER A 705 13.12 -6.48 26.89
C SER A 705 12.90 -7.96 27.20
N GLU A 706 13.61 -8.53 28.17
CA GLU A 706 13.39 -9.91 28.57
C GLU A 706 13.58 -10.02 30.08
N MET A 707 13.26 -11.20 30.60
CA MET A 707 13.39 -11.56 32.02
C MET A 707 12.92 -10.44 32.95
N ASP A 708 11.63 -10.10 32.81
CA ASP A 708 11.00 -9.15 33.71
C ASP A 708 10.26 -9.82 34.85
N THR A 709 10.34 -11.14 34.97
CA THR A 709 9.63 -11.93 35.97
C THR A 709 8.14 -11.63 35.81
N SER A 710 7.47 -11.01 36.77
CA SER A 710 6.05 -10.73 36.67
C SER A 710 5.81 -9.33 36.12
N VAL A 711 4.53 -8.95 36.02
CA VAL A 711 4.11 -7.63 35.58
C VAL A 711 3.12 -7.08 36.60
N LYS A 712 3.27 -5.80 36.95
CA LYS A 712 2.57 -5.20 38.08
C LYS A 712 1.55 -4.18 37.60
N PHE A 713 0.32 -4.29 38.10
CA PHE A 713 -0.74 -3.33 37.89
C PHE A 713 -1.06 -2.60 39.18
N ASP A 714 -1.48 -1.34 39.07
CA ASP A 714 -1.77 -0.50 40.22
C ASP A 714 -3.20 0.02 40.13
N LEU A 715 -3.99 -0.23 41.16
CA LEU A 715 -5.40 0.13 41.19
C LEU A 715 -5.68 1.02 42.39
N GLN A 716 -6.36 2.14 42.15
CA GLN A 716 -6.73 3.05 43.22
C GLN A 716 -7.98 3.81 42.84
N ILE A 717 -8.85 4.06 43.82
CA ILE A 717 -10.04 4.87 43.65
C ILE A 717 -9.76 6.25 44.23
N GLN A 718 -10.14 7.29 43.51
CA GLN A 718 -9.97 8.64 44.01
C GLN A 718 -11.19 9.47 43.67
N SER A 719 -11.44 10.50 44.48
CA SER A 719 -12.61 11.35 44.35
C SER A 719 -12.23 12.79 44.67
N SER A 720 -13.13 13.71 44.35
CA SER A 720 -12.90 15.13 44.53
C SER A 720 -13.32 15.63 45.91
N ASN A 721 -13.65 14.72 46.84
CA ASN A 721 -14.03 15.14 48.18
C ASN A 721 -12.85 15.77 48.91
N LEU A 722 -13.16 16.59 49.90
CA LEU A 722 -12.10 17.27 50.64
C LEU A 722 -11.36 16.33 51.58
N PHE A 723 -12.03 15.31 52.10
CA PHE A 723 -11.43 14.40 53.05
C PHE A 723 -11.76 12.96 52.67
N ASP A 724 -10.81 12.06 52.97
CA ASP A 724 -10.94 10.64 52.65
C ASP A 724 -11.28 10.43 51.18
N LYS A 725 -10.65 11.24 50.33
CA LYS A 725 -10.99 11.31 48.91
C LYS A 725 -10.42 10.17 48.09
N VAL A 726 -9.60 9.30 48.68
CA VAL A 726 -8.95 8.23 47.94
C VAL A 726 -9.10 6.92 48.68
N SER A 727 -8.98 5.83 47.92
CA SER A 727 -8.85 4.49 48.47
C SER A 727 -7.38 4.18 48.70
N PRO A 728 -7.05 3.05 49.33
CA PRO A 728 -5.67 2.61 49.34
C PRO A 728 -5.22 2.22 47.93
N VAL A 729 -3.93 1.96 47.80
CA VAL A 729 -3.33 1.51 46.56
C VAL A 729 -3.20 0.00 46.63
N VAL A 730 -3.96 -0.69 45.79
CA VAL A 730 -3.95 -2.16 45.73
C VAL A 730 -3.30 -2.55 44.41
N SER A 731 -2.15 -3.19 44.50
CA SER A 731 -1.42 -3.63 43.33
C SER A 731 -1.56 -5.13 43.14
N HIS A 732 -1.72 -5.55 41.88
CA HIS A 732 -1.91 -6.95 41.53
C HIS A 732 -0.94 -7.32 40.42
N LYS A 733 -0.29 -8.47 40.56
CA LYS A 733 0.68 -8.93 39.59
C LYS A 733 0.32 -10.33 39.11
N VAL A 734 0.76 -10.65 37.90
CA VAL A 734 0.58 -11.98 37.31
C VAL A 734 1.91 -12.43 36.76
N ASP A 735 2.28 -13.68 37.04
CA ASP A 735 3.58 -14.20 36.64
C ASP A 735 3.63 -14.49 35.15
N LEU A 736 4.76 -14.15 34.53
CA LEU A 736 5.00 -14.47 33.13
C LEU A 736 5.58 -15.87 33.02
N ALA A 737 4.99 -16.69 32.16
CA ALA A 737 5.41 -18.07 31.96
C ALA A 737 6.10 -18.24 30.61
N VAL A 738 6.99 -19.21 30.54
CA VAL A 738 7.72 -19.55 29.32
C VAL A 738 7.12 -20.82 28.76
N LEU A 739 6.49 -20.73 27.59
CA LEU A 739 5.93 -21.89 26.91
C LEU A 739 6.25 -21.77 25.42
N ALA A 740 7.05 -22.71 24.92
CA ALA A 740 7.41 -22.76 23.50
C ALA A 740 7.21 -24.19 23.01
N ALA A 741 6.20 -24.39 22.17
CA ALA A 741 5.89 -25.71 21.64
C ALA A 741 6.84 -26.03 20.48
N VAL A 742 7.70 -27.03 20.69
CA VAL A 742 8.72 -27.39 19.71
C VAL A 742 8.42 -28.78 19.22
N GLU A 743 8.22 -28.92 17.91
CA GLU A 743 7.99 -30.20 17.26
C GLU A 743 9.14 -30.49 16.32
N ILE A 744 9.41 -31.78 16.11
CA ILE A 744 10.45 -32.24 15.20
C ILE A 744 9.80 -33.14 14.16
N ARG A 745 9.98 -32.79 12.89
CA ARG A 745 9.34 -33.49 11.78
C ARG A 745 10.40 -34.00 10.80
N GLY A 746 10.02 -35.04 10.06
CA GLY A 746 10.95 -35.63 9.11
C GLY A 746 10.21 -36.31 7.98
N VAL A 747 10.85 -36.32 6.80
CA VAL A 747 10.31 -36.98 5.61
C VAL A 747 11.47 -37.62 4.86
N SER A 748 11.11 -38.56 3.98
CA SER A 748 12.08 -39.25 3.13
C SER A 748 11.61 -39.18 1.69
N SER A 749 12.48 -38.71 0.80
CA SER A 749 12.18 -38.61 -0.62
C SER A 749 13.14 -39.50 -1.41
N PRO A 750 12.66 -40.60 -2.02
CA PRO A 750 11.28 -41.11 -2.00
C PRO A 750 10.93 -41.84 -0.72
N ASP A 751 9.65 -42.17 -0.52
CA ASP A 751 9.26 -43.02 0.58
C ASP A 751 9.74 -44.44 0.39
N HIS A 752 9.86 -44.88 -0.87
CA HIS A 752 10.18 -46.26 -1.18
C HIS A 752 11.08 -46.33 -2.39
N VAL A 753 11.82 -47.44 -2.49
CA VAL A 753 12.67 -47.73 -3.64
C VAL A 753 12.32 -49.14 -4.11
N PHE A 754 11.98 -49.28 -5.38
CA PHE A 754 11.53 -50.55 -5.94
C PHE A 754 12.69 -51.25 -6.62
N LEU A 755 13.09 -52.41 -6.08
CA LEU A 755 14.09 -53.24 -6.73
C LEU A 755 13.41 -54.29 -7.61
N PRO A 756 14.03 -54.68 -8.72
CA PRO A 756 15.33 -54.25 -9.26
C PRO A 756 15.32 -52.82 -9.78
N ILE A 757 16.49 -52.24 -9.99
CA ILE A 757 16.65 -50.82 -10.28
C ILE A 757 17.11 -50.68 -11.73
N PRO A 758 16.50 -49.79 -12.53
CA PRO A 758 16.88 -49.68 -13.95
C PRO A 758 18.33 -49.29 -14.14
N ASN A 759 18.95 -49.87 -15.17
CA ASN A 759 20.32 -49.56 -15.58
C ASN A 759 21.28 -49.65 -14.39
N TRP A 760 21.34 -50.84 -13.80
CA TRP A 760 22.20 -51.11 -12.65
C TRP A 760 23.30 -52.07 -13.05
N GLU A 761 24.54 -51.61 -12.96
CA GLU A 761 25.71 -52.42 -13.20
C GLU A 761 26.68 -52.25 -12.04
N HIS A 762 26.90 -53.32 -11.29
CA HIS A 762 27.81 -53.27 -10.15
C HIS A 762 29.24 -53.10 -10.62
N LYS A 763 29.93 -52.12 -10.03
CA LYS A 763 31.33 -51.85 -10.35
C LYS A 763 32.19 -52.18 -9.14
N GLU A 764 33.36 -52.77 -9.39
CA GLU A 764 34.24 -53.15 -8.29
C GLU A 764 34.67 -51.95 -7.46
N ASN A 765 34.95 -50.83 -8.12
CA ASN A 765 35.37 -49.60 -7.46
C ASN A 765 34.38 -48.50 -7.85
N PRO A 766 33.36 -48.24 -7.03
CA PRO A 766 32.34 -47.26 -7.40
C PRO A 766 32.92 -45.86 -7.57
N GLU A 767 32.37 -45.12 -8.53
CA GLU A 767 32.84 -43.76 -8.83
C GLU A 767 31.76 -42.70 -8.61
N THR A 768 30.58 -42.86 -9.20
CA THR A 768 29.53 -41.85 -9.17
C THR A 768 28.27 -42.42 -8.54
N GLU A 769 27.24 -41.58 -8.45
CA GLU A 769 25.95 -42.04 -7.98
C GLU A 769 25.39 -43.14 -8.88
N GLU A 770 25.67 -43.06 -10.17
CA GLU A 770 25.23 -44.12 -11.08
C GLU A 770 25.85 -45.46 -10.71
N ASP A 771 27.06 -45.45 -10.19
CA ASP A 771 27.74 -46.68 -9.81
C ASP A 771 27.35 -47.18 -8.43
N VAL A 772 26.58 -46.41 -7.66
CA VAL A 772 26.20 -46.77 -6.30
C VAL A 772 24.72 -47.12 -6.21
N GLY A 773 23.85 -46.17 -6.53
CA GLY A 773 22.42 -46.38 -6.47
C GLY A 773 21.64 -45.09 -6.51
N PRO A 774 20.32 -45.19 -6.34
CA PRO A 774 19.48 -43.98 -6.38
C PRO A 774 19.73 -43.07 -5.18
N VAL A 775 19.06 -41.92 -5.16
CA VAL A 775 19.29 -40.88 -4.16
C VAL A 775 18.11 -40.91 -3.18
N VAL A 776 18.39 -41.27 -1.94
CA VAL A 776 17.42 -41.19 -0.85
C VAL A 776 17.78 -40.00 0.01
N GLN A 777 16.81 -39.12 0.24
CA GLN A 777 17.04 -37.87 0.95
C GLN A 777 16.09 -37.78 2.14
N HIS A 778 16.67 -37.69 3.34
CA HIS A 778 15.92 -37.47 4.57
C HIS A 778 16.01 -36.01 4.97
N ILE A 779 14.87 -35.39 5.25
CA ILE A 779 14.79 -34.00 5.67
C ILE A 779 14.23 -33.97 7.08
N TYR A 780 14.94 -33.33 7.99
CA TYR A 780 14.50 -33.19 9.38
C TYR A 780 14.31 -31.71 9.70
N GLU A 781 13.16 -31.37 10.25
CA GLU A 781 12.83 -30.00 10.61
C GLU A 781 12.56 -29.90 12.10
N LEU A 782 13.28 -28.99 12.77
CA LEU A 782 13.05 -28.67 14.17
C LEU A 782 12.43 -27.27 14.21
N ARG A 783 11.15 -27.20 14.56
CA ARG A 783 10.40 -25.95 14.48
C ARG A 783 9.91 -25.54 15.86
N ASN A 784 10.09 -24.27 16.19
CA ASN A 784 9.56 -23.70 17.42
C ASN A 784 8.24 -23.00 17.09
N ASN A 785 7.17 -23.44 17.74
CA ASN A 785 5.83 -22.90 17.50
C ASN A 785 5.36 -22.00 18.63
N GLY A 786 5.44 -22.49 19.87
CA GLY A 786 4.89 -21.81 21.03
C GLY A 786 5.39 -20.39 21.17
N PRO A 787 4.67 -19.60 21.97
CA PRO A 787 4.99 -18.16 22.03
C PRO A 787 6.42 -17.86 22.43
N SER A 788 6.98 -18.61 23.37
CA SER A 788 8.32 -18.32 23.86
C SER A 788 9.37 -18.74 22.83
N SER A 789 10.62 -18.44 23.14
CA SER A 789 11.76 -18.79 22.30
C SER A 789 12.82 -19.44 23.16
N PHE A 790 13.62 -20.32 22.55
CA PHE A 790 14.70 -20.99 23.27
C PHE A 790 16.04 -20.56 22.69
N SER A 791 17.02 -20.41 23.59
CA SER A 791 18.33 -19.87 23.20
C SER A 791 19.27 -20.94 22.66
N LYS A 792 19.20 -22.16 23.19
CA LYS A 792 20.06 -23.24 22.73
C LYS A 792 19.31 -24.56 22.83
N ALA A 793 19.63 -25.48 21.93
CA ALA A 793 19.05 -26.81 21.93
C ALA A 793 19.96 -27.78 21.20
N MET A 794 19.74 -29.06 21.44
CA MET A 794 20.54 -30.12 20.85
C MET A 794 19.68 -30.98 19.93
N LEU A 795 20.32 -31.54 18.90
CA LEU A 795 19.66 -32.37 17.92
C LEU A 795 20.52 -33.60 17.67
N HIS A 796 19.92 -34.78 17.81
CA HIS A 796 20.63 -36.05 17.63
C HIS A 796 20.00 -36.83 16.49
N LEU A 797 20.83 -37.26 15.54
CA LEU A 797 20.39 -38.07 14.42
C LEU A 797 21.07 -39.43 14.50
N GLN A 798 20.27 -40.49 14.33
CA GLN A 798 20.77 -41.86 14.31
C GLN A 798 20.55 -42.41 12.91
N TRP A 799 21.64 -42.65 12.17
CA TRP A 799 21.54 -43.08 10.79
C TRP A 799 21.93 -44.56 10.69
N PRO A 800 21.15 -45.37 9.98
CA PRO A 800 21.52 -46.79 9.82
C PRO A 800 22.67 -46.95 8.84
N TYR A 801 23.90 -46.80 9.33
CA TYR A 801 25.06 -46.76 8.44
C TYR A 801 25.27 -48.10 7.73
N LYS A 802 25.46 -49.17 8.49
CA LYS A 802 25.76 -50.47 7.92
C LYS A 802 24.99 -51.55 8.65
N TYR A 803 24.80 -52.68 7.95
CA TYR A 803 24.19 -53.87 8.53
C TYR A 803 25.02 -55.06 8.08
N ASN A 804 25.67 -55.73 9.03
CA ASN A 804 26.52 -56.88 8.75
C ASN A 804 27.63 -56.52 7.76
N ASN A 805 28.38 -55.47 8.09
CA ASN A 805 29.60 -55.04 7.40
C ASN A 805 29.37 -54.47 6.01
N ASN A 806 28.13 -54.35 5.54
CA ASN A 806 27.85 -53.77 4.23
C ASN A 806 26.94 -52.57 4.36
N THR A 807 27.17 -51.56 3.53
CA THR A 807 26.51 -50.27 3.66
C THR A 807 25.04 -50.35 3.26
N LEU A 808 24.19 -49.68 4.04
CA LEU A 808 22.76 -49.56 3.73
C LEU A 808 22.44 -48.25 3.00
N LEU A 809 22.65 -47.12 3.67
CA LEU A 809 22.43 -45.80 3.10
C LEU A 809 23.73 -45.02 3.20
N TYR A 810 24.33 -44.72 2.05
CA TYR A 810 25.63 -44.07 2.01
C TYR A 810 25.43 -42.56 1.94
N ILE A 811 25.83 -41.85 3.00
CA ILE A 811 25.63 -40.42 3.07
C ILE A 811 26.73 -39.71 2.29
N LEU A 812 26.33 -38.81 1.39
CA LEU A 812 27.27 -38.04 0.59
C LEU A 812 27.59 -36.69 1.22
N HIS A 813 26.56 -35.86 1.38
CA HIS A 813 26.71 -34.49 1.84
C HIS A 813 25.42 -34.05 2.50
N TYR A 814 25.54 -33.31 3.60
CA TYR A 814 24.39 -32.78 4.31
C TYR A 814 24.54 -31.27 4.46
N ASP A 815 23.45 -30.55 4.26
CA ASP A 815 23.41 -29.10 4.37
C ASP A 815 22.51 -28.70 5.53
N ILE A 816 22.61 -27.43 5.90
CA ILE A 816 21.91 -26.89 7.07
C ILE A 816 21.22 -25.61 6.68
N ASP A 817 19.95 -25.49 7.05
CA ASP A 817 19.18 -24.25 6.89
C ASP A 817 18.85 -23.73 8.29
N GLY A 818 19.27 -22.51 8.58
CA GLY A 818 19.01 -21.91 9.86
C GLY A 818 20.22 -21.91 10.77
N PRO A 819 20.02 -21.50 12.03
CA PRO A 819 21.12 -21.39 13.00
C PRO A 819 21.46 -22.73 13.65
N MET A 820 22.27 -23.51 12.96
CA MET A 820 22.63 -24.84 13.45
C MET A 820 23.99 -25.24 12.91
N ASN A 821 24.82 -25.80 13.79
CA ASN A 821 26.07 -26.44 13.41
C ASN A 821 25.92 -27.94 13.66
N CYS A 822 26.53 -28.75 12.79
CA CYS A 822 26.38 -30.19 12.88
C CYS A 822 27.74 -30.87 12.76
N THR A 823 27.83 -32.05 13.37
CA THR A 823 29.06 -32.83 13.39
C THR A 823 28.70 -34.31 13.22
N SER A 824 29.50 -35.01 12.43
CA SER A 824 29.30 -36.43 12.19
C SER A 824 30.39 -37.23 12.89
N ASP A 825 29.99 -38.23 13.66
CA ASP A 825 30.98 -39.06 14.35
C ASP A 825 31.79 -39.91 13.37
N MET A 826 31.25 -40.17 12.18
CA MET A 826 31.96 -40.86 11.11
C MET A 826 32.12 -39.94 9.93
N GLU A 827 33.24 -40.08 9.22
CA GLU A 827 33.51 -39.23 8.07
C GLU A 827 32.51 -39.49 6.96
N ILE A 828 31.86 -38.43 6.48
CA ILE A 828 30.95 -38.53 5.36
C ILE A 828 31.76 -38.61 4.07
N ASN A 829 31.29 -39.45 3.14
CA ASN A 829 31.98 -39.72 1.88
C ASN A 829 33.42 -40.17 2.10
N PRO A 830 33.65 -41.33 2.74
CA PRO A 830 35.02 -41.85 2.79
C PRO A 830 35.58 -42.18 1.41
N LEU A 831 34.73 -42.67 0.52
CA LEU A 831 35.11 -42.95 -0.87
C LEU A 831 34.87 -41.75 -1.77
N ARG A 832 34.38 -40.65 -1.22
CA ARG A 832 33.96 -39.46 -1.93
C ARG A 832 32.91 -39.79 -2.99
N ILE A 833 32.62 -38.80 -3.85
CA ILE A 833 31.56 -38.91 -4.83
C ILE A 833 31.75 -37.76 -5.81
N LYS A 834 31.14 -37.87 -6.98
CA LYS A 834 31.12 -36.71 -7.89
C LYS A 834 29.88 -35.86 -7.63
N ILE A 835 28.70 -36.43 -7.92
CA ILE A 835 27.42 -35.75 -7.76
C ILE A 835 26.32 -36.63 -8.36
N ASP A 868 5.84 -60.43 5.36
CA ASP A 868 6.44 -59.77 6.51
C ASP A 868 7.57 -58.84 6.09
N ILE A 869 7.77 -57.77 6.85
CA ILE A 869 8.78 -56.76 6.55
C ILE A 869 9.74 -56.67 7.73
N HIS A 870 11.04 -56.64 7.42
CA HIS A 870 12.09 -56.56 8.44
C HIS A 870 12.54 -55.11 8.58
N THR A 871 12.45 -54.58 9.79
CA THR A 871 12.82 -53.19 10.08
C THR A 871 14.28 -53.12 10.47
N LEU A 872 15.01 -52.17 9.87
CA LEU A 872 16.42 -51.94 10.17
C LEU A 872 16.59 -50.56 10.79
N GLY A 873 16.73 -50.50 12.10
CA GLY A 873 17.00 -49.27 12.80
C GLY A 873 18.44 -49.16 13.22
N CYS A 874 18.77 -48.02 13.81
CA CYS A 874 20.13 -47.86 14.32
C CYS A 874 20.40 -48.76 15.51
N GLY A 875 19.35 -49.19 16.22
CA GLY A 875 19.56 -50.13 17.31
C GLY A 875 20.03 -51.50 16.85
N VAL A 876 19.44 -52.02 15.77
CA VAL A 876 19.77 -53.36 15.28
C VAL A 876 20.82 -53.34 14.19
N ALA A 877 21.39 -52.18 13.87
CA ALA A 877 22.42 -52.05 12.85
C ALA A 877 23.53 -51.14 13.37
N GLN A 878 24.54 -50.92 12.54
CA GLN A 878 25.62 -50.01 12.88
C GLN A 878 25.17 -48.58 12.70
N CYS A 879 25.44 -47.74 13.69
CA CYS A 879 24.89 -46.40 13.77
C CYS A 879 25.92 -45.35 13.38
N LEU A 880 25.57 -44.50 12.42
CA LEU A 880 26.31 -43.28 12.15
C LEU A 880 25.51 -42.12 12.76
N LYS A 881 26.06 -41.52 13.81
CA LYS A 881 25.36 -40.52 14.59
C LYS A 881 25.77 -39.13 14.15
N ILE A 882 24.79 -38.23 14.05
CA ILE A 882 25.02 -36.84 13.74
C ILE A 882 24.45 -35.99 14.88
N VAL A 883 25.32 -35.26 15.56
CA VAL A 883 24.95 -34.40 16.68
C VAL A 883 25.05 -32.95 16.23
N CYS A 884 23.98 -32.19 16.42
CA CYS A 884 23.92 -30.81 15.96
C CYS A 884 23.67 -29.87 17.14
N GLN A 885 24.31 -28.71 17.09
CA GLN A 885 24.10 -27.65 18.06
C GLN A 885 23.14 -26.63 17.45
N VAL A 886 22.03 -26.37 18.14
CA VAL A 886 21.01 -25.43 17.70
C VAL A 886 20.94 -24.27 18.68
N GLY A 887 20.61 -23.09 18.17
CA GLY A 887 20.50 -21.93 19.03
C GLY A 887 19.56 -20.89 18.46
N ARG A 888 18.88 -20.19 19.35
CA ARG A 888 18.10 -18.98 19.05
C ARG A 888 17.10 -19.22 17.90
N LEU A 889 16.13 -20.07 18.18
CA LEU A 889 14.97 -20.26 17.31
C LEU A 889 13.79 -19.51 17.93
N ASP A 890 13.37 -18.43 17.29
CA ASP A 890 12.32 -17.58 17.82
C ASP A 890 10.94 -18.16 17.46
N ARG A 891 9.90 -17.36 17.65
CA ARG A 891 8.53 -17.83 17.48
C ARG A 891 8.31 -18.38 16.06
N GLY A 892 8.68 -17.62 15.04
CA GLY A 892 8.40 -18.03 13.69
C GLY A 892 9.43 -18.96 13.07
N LYS A 893 10.70 -18.70 13.35
CA LYS A 893 11.78 -19.37 12.63
C LYS A 893 11.91 -20.82 13.07
N SER A 894 12.49 -21.62 12.19
CA SER A 894 12.80 -23.02 12.46
C SER A 894 14.16 -23.35 11.85
N ALA A 895 14.65 -24.55 12.16
CA ALA A 895 15.96 -25.02 11.70
C ALA A 895 15.80 -26.35 10.97
N ILE A 896 16.52 -26.51 9.86
CA ILE A 896 16.36 -27.65 8.96
C ILE A 896 17.70 -28.35 8.80
N LEU A 897 17.63 -29.67 8.54
CA LEU A 897 18.80 -30.47 8.21
C LEU A 897 18.45 -31.36 7.02
N TYR A 898 19.16 -31.16 5.90
CA TYR A 898 18.96 -31.95 4.70
C TYR A 898 20.07 -32.98 4.61
N VAL A 899 19.69 -34.26 4.51
CA VAL A 899 20.63 -35.36 4.43
C VAL A 899 20.44 -36.05 3.08
N LYS A 900 21.43 -35.92 2.20
CA LYS A 900 21.39 -36.55 0.89
C LYS A 900 22.24 -37.82 0.93
N SER A 901 21.63 -38.95 0.62
CA SER A 901 22.32 -40.23 0.70
C SER A 901 22.02 -41.06 -0.55
N LEU A 902 22.90 -42.02 -0.82
CA LEU A 902 22.71 -42.97 -1.91
C LEU A 902 22.41 -44.34 -1.31
N LEU A 903 21.37 -44.99 -1.82
CA LEU A 903 21.12 -46.38 -1.46
C LEU A 903 22.23 -47.24 -2.04
N TRP A 904 22.77 -48.14 -1.22
CA TRP A 904 23.85 -49.02 -1.65
C TRP A 904 23.24 -50.26 -2.27
N THR A 905 23.21 -50.30 -3.60
CA THR A 905 22.60 -51.43 -4.29
C THR A 905 23.45 -52.69 -4.16
N GLU A 906 24.77 -52.55 -4.10
CA GLU A 906 25.66 -53.70 -4.02
C GLU A 906 25.38 -54.55 -2.79
N THR A 907 24.84 -53.93 -1.72
CA THR A 907 24.56 -54.68 -0.50
C THR A 907 23.38 -55.62 -0.69
N PHE A 908 22.34 -55.18 -1.40
CA PHE A 908 21.15 -56.00 -1.56
C PHE A 908 21.40 -57.12 -2.56
N MET A 909 20.36 -57.90 -2.82
CA MET A 909 20.45 -59.16 -3.58
C MET A 909 21.38 -60.09 -2.82
N ASN A 910 22.34 -60.75 -3.47
CA ASN A 910 23.37 -61.56 -2.82
C ASN A 910 22.82 -62.56 -1.80
N LYS A 911 23.55 -62.71 -0.69
CA LYS A 911 23.09 -63.50 0.44
C LYS A 911 22.27 -62.67 1.42
N GLU A 912 21.95 -61.43 1.05
CA GLU A 912 21.11 -60.50 1.81
C GLU A 912 19.63 -60.88 1.76
N ASN A 913 19.30 -62.10 1.31
CA ASN A 913 17.92 -62.53 1.14
C ASN A 913 17.20 -61.60 0.15
N GLN A 914 17.63 -61.72 -1.11
CA GLN A 914 17.23 -60.83 -2.20
C GLN A 914 15.78 -60.36 -2.07
N ASN A 915 14.83 -61.29 -2.03
CA ASN A 915 13.43 -60.94 -1.85
C ASN A 915 13.13 -60.88 -0.36
N HIS A 916 13.20 -59.68 0.20
CA HIS A 916 12.78 -59.43 1.57
C HIS A 916 12.48 -57.94 1.71
N SER A 917 11.47 -57.62 2.51
CA SER A 917 11.03 -56.25 2.68
C SER A 917 11.85 -55.59 3.80
N TYR A 918 12.63 -54.59 3.43
CA TYR A 918 13.48 -53.85 4.36
C TYR A 918 12.98 -52.42 4.48
N SER A 919 12.83 -51.95 5.71
CA SER A 919 12.50 -50.55 6.00
C SER A 919 13.66 -49.94 6.75
N LEU A 920 14.21 -48.86 6.21
CA LEU A 920 15.38 -48.20 6.78
C LEU A 920 14.93 -47.07 7.69
N LYS A 921 15.12 -47.24 9.00
CA LYS A 921 14.57 -46.37 10.02
C LYS A 921 15.68 -45.48 10.59
N SER A 922 15.56 -44.17 10.37
CA SER A 922 16.47 -43.21 10.95
C SER A 922 15.73 -42.42 12.02
N SER A 923 16.38 -42.25 13.18
CA SER A 923 15.78 -41.58 14.32
C SER A 923 16.40 -40.21 14.51
N ALA A 924 15.59 -39.27 15.00
CA ALA A 924 16.04 -37.91 15.27
C ALA A 924 15.44 -37.45 16.59
N SER A 925 16.30 -37.07 17.53
CA SER A 925 15.90 -36.60 18.84
C SER A 925 16.31 -35.15 19.00
N PHE A 926 15.53 -34.40 19.77
CA PHE A 926 15.87 -33.02 20.08
C PHE A 926 15.61 -32.75 21.55
N ASN A 927 16.44 -31.88 22.13
CA ASN A 927 16.30 -31.48 23.53
C ASN A 927 16.65 -30.01 23.65
N VAL A 928 15.79 -29.25 24.30
CA VAL A 928 15.99 -27.82 24.50
C VAL A 928 16.72 -27.63 25.83
N ILE A 929 17.92 -27.04 25.77
CA ILE A 929 18.82 -27.00 26.91
C ILE A 929 18.90 -25.64 27.58
N GLU A 930 18.37 -24.59 26.96
CA GLU A 930 18.54 -23.25 27.51
C GLU A 930 17.46 -22.33 26.98
N PHE A 931 17.22 -21.25 27.71
CA PHE A 931 16.25 -20.24 27.33
C PHE A 931 16.86 -18.86 27.55
N PRO A 932 16.46 -17.87 26.75
CA PRO A 932 17.03 -16.52 26.93
C PRO A 932 16.55 -15.81 28.17
N TYR A 933 15.36 -16.13 28.67
CA TYR A 933 14.80 -15.45 29.83
C TYR A 933 15.26 -16.14 31.11
N LYS A 934 16.00 -15.41 31.94
CA LYS A 934 16.46 -15.94 33.22
C LYS A 934 15.52 -15.51 34.34
N ASN A 935 15.75 -16.08 35.52
CA ASN A 935 14.92 -15.87 36.71
C ASN A 935 13.47 -16.26 36.47
N LEU A 936 13.21 -17.08 35.47
CA LEU A 936 11.88 -17.61 35.19
C LEU A 936 11.94 -19.13 35.23
N PRO A 937 11.12 -19.78 36.06
CA PRO A 937 11.14 -21.25 36.10
C PRO A 937 10.84 -21.84 34.74
N ILE A 938 11.61 -22.86 34.38
CA ILE A 938 11.60 -23.42 33.03
C ILE A 938 11.44 -24.94 33.13
N GLU A 939 10.97 -25.52 32.03
CA GLU A 939 10.79 -26.96 31.92
C GLU A 939 11.45 -27.44 30.63
N ASP A 940 12.14 -28.58 30.71
CA ASP A 940 12.86 -29.11 29.56
C ASP A 940 11.87 -29.60 28.51
N ILE A 941 12.26 -29.42 27.24
CA ILE A 941 11.44 -29.81 26.09
C ILE A 941 12.21 -30.86 25.31
N THR A 942 11.61 -32.04 25.14
CA THR A 942 12.26 -33.15 24.46
C THR A 942 11.20 -33.96 23.73
N ASN A 943 11.55 -34.44 22.54
CA ASN A 943 10.67 -35.31 21.77
C ASN A 943 11.48 -35.92 20.63
N SER A 944 10.91 -36.96 20.03
CA SER A 944 11.61 -37.74 19.01
C SER A 944 10.68 -38.02 17.84
N THR A 945 11.29 -38.33 16.70
CA THR A 945 10.55 -38.75 15.52
C THR A 945 11.46 -39.64 14.68
N LEU A 946 10.84 -40.45 13.82
CA LEU A 946 11.57 -41.40 13.00
C LEU A 946 11.16 -41.24 11.54
N VAL A 947 12.09 -41.54 10.65
CA VAL A 947 11.87 -41.45 9.21
C VAL A 947 12.27 -42.79 8.59
N THR A 948 11.37 -43.36 7.79
CA THR A 948 11.55 -44.69 7.24
C THR A 948 11.61 -44.63 5.72
N THR A 949 12.55 -45.38 5.15
CA THR A 949 12.68 -45.58 3.71
C THR A 949 12.56 -47.06 3.43
N ASN A 950 11.48 -47.48 2.79
CA ASN A 950 11.15 -48.89 2.59
C ASN A 950 11.59 -49.32 1.19
N VAL A 951 12.58 -50.20 1.12
CA VAL A 951 13.03 -50.78 -0.14
C VAL A 951 12.41 -52.16 -0.28
N THR A 952 11.69 -52.38 -1.38
CA THR A 952 10.92 -53.60 -1.57
C THR A 952 11.10 -54.11 -2.99
N TRP A 953 10.44 -55.22 -3.30
CA TRP A 953 10.50 -55.86 -4.61
C TRP A 953 9.12 -55.87 -5.24
N GLY A 954 9.01 -55.30 -6.45
CA GLY A 954 7.77 -55.35 -7.18
C GLY A 954 7.48 -56.68 -7.84
N ILE A 955 8.51 -57.49 -8.07
CA ILE A 955 8.37 -58.80 -8.70
C ILE A 955 9.15 -59.81 -7.87
N GLN A 956 8.51 -60.94 -7.56
CA GLN A 956 9.15 -62.00 -6.78
C GLN A 956 9.37 -63.25 -7.63
N GLY B 1 -42.46 -9.64 24.69
CA GLY B 1 -41.94 -8.68 25.65
C GLY B 1 -41.19 -7.54 25.00
N PRO B 2 -40.46 -6.75 25.80
CA PRO B 2 -39.68 -5.65 25.24
C PRO B 2 -38.63 -6.16 24.27
N ASN B 3 -38.49 -5.44 23.15
CA ASN B 3 -37.51 -5.83 22.13
C ASN B 3 -36.70 -4.63 21.67
N ILE B 4 -35.88 -4.82 20.63
CA ILE B 4 -35.06 -3.74 20.13
C ILE B 4 -35.91 -2.64 19.50
N CYS B 5 -37.07 -2.99 18.94
CA CYS B 5 -37.91 -1.99 18.28
C CYS B 5 -38.61 -1.11 19.30
N THR B 6 -39.17 -1.69 20.37
CA THR B 6 -39.92 -0.91 21.35
C THR B 6 -39.03 -0.10 22.28
N THR B 7 -37.71 -0.28 22.21
CA THR B 7 -36.79 0.47 23.06
C THR B 7 -36.11 1.63 22.36
N ARG B 8 -36.20 1.71 21.03
CA ARG B 8 -35.55 2.79 20.30
C ARG B 8 -36.52 3.64 19.48
N GLY B 9 -37.30 3.02 18.60
CA GLY B 9 -37.99 3.74 17.55
C GLY B 9 -39.37 4.25 17.88
N VAL B 10 -39.75 4.25 19.15
CA VAL B 10 -41.07 4.74 19.53
C VAL B 10 -41.23 6.23 19.26
N SER B 11 -40.14 6.93 18.94
CA SER B 11 -40.20 8.38 18.74
C SER B 11 -41.01 8.75 17.50
N SER B 12 -40.87 8.00 16.41
CA SER B 12 -41.46 8.39 15.13
C SER B 12 -41.71 7.16 14.27
N CYS B 13 -42.23 7.40 13.06
CA CYS B 13 -42.42 6.33 12.08
C CYS B 13 -41.13 6.03 11.33
N GLN B 14 -40.58 7.04 10.65
CA GLN B 14 -39.37 6.84 9.86
C GLN B 14 -38.21 6.41 10.75
N GLN B 15 -38.12 6.97 11.96
CA GLN B 15 -37.09 6.52 12.89
C GLN B 15 -37.32 5.09 13.35
N CYS B 16 -38.58 4.64 13.38
CA CYS B 16 -38.86 3.25 13.73
C CYS B 16 -38.50 2.31 12.59
N LEU B 17 -38.64 2.74 11.35
CA LEU B 17 -38.27 1.90 10.22
C LEU B 17 -36.78 1.54 10.26
N ALA B 18 -35.97 2.40 10.86
CA ALA B 18 -34.54 2.12 11.01
C ALA B 18 -34.26 1.89 12.49
N VAL B 19 -34.51 0.66 12.94
CA VAL B 19 -33.96 0.15 14.19
C VAL B 19 -33.31 -1.18 13.88
N SER B 20 -34.13 -2.11 13.41
CA SER B 20 -33.73 -3.41 12.88
C SER B 20 -34.63 -3.69 11.69
N PRO B 21 -34.15 -4.43 10.69
CA PRO B 21 -35.01 -4.76 9.56
C PRO B 21 -36.26 -5.53 9.94
N MET B 22 -36.29 -6.14 11.13
CA MET B 22 -37.46 -6.87 11.58
C MET B 22 -38.57 -5.96 12.10
N CYS B 23 -38.27 -4.71 12.41
CA CYS B 23 -39.27 -3.83 13.02
C CYS B 23 -40.36 -3.46 12.02
N ALA B 24 -41.51 -3.04 12.57
CA ALA B 24 -42.66 -2.61 11.78
C ALA B 24 -43.28 -1.39 12.45
N TRP B 25 -44.38 -0.91 11.88
CA TRP B 25 -45.02 0.32 12.33
C TRP B 25 -46.53 0.19 12.19
N CYS B 26 -47.27 0.89 13.06
CA CYS B 26 -48.72 0.85 13.05
C CYS B 26 -49.29 2.25 12.86
N SER B 27 -49.98 2.44 11.74
CA SER B 27 -50.85 3.59 11.47
C SER B 27 -52.25 3.23 12.00
N ASP B 28 -53.30 3.89 11.48
CA ASP B 28 -54.66 3.56 11.87
C ASP B 28 -54.91 3.90 13.33
N GLU B 29 -55.04 5.20 13.62
CA GLU B 29 -55.11 5.76 14.96
C GLU B 29 -56.18 5.13 15.85
N ALA B 30 -57.03 4.26 15.28
CA ALA B 30 -58.02 3.57 16.09
C ALA B 30 -57.37 2.85 17.26
N LEU B 31 -57.94 3.03 18.46
CA LEU B 31 -57.45 2.50 19.71
C LEU B 31 -55.98 2.89 19.92
N PRO B 32 -55.70 4.16 20.23
CA PRO B 32 -54.31 4.60 20.41
C PRO B 32 -53.75 4.13 21.74
N LEU B 33 -52.49 4.48 21.97
CA LEU B 33 -51.74 4.17 23.21
C LEU B 33 -51.83 2.67 23.49
N GLY B 34 -51.82 2.31 24.77
CA GLY B 34 -51.97 0.93 25.19
C GLY B 34 -50.87 -0.03 24.80
N SER B 35 -49.95 0.42 23.95
CA SER B 35 -48.88 -0.41 23.40
C SER B 35 -47.91 0.44 22.61
N PRO B 36 -46.66 0.02 22.45
CA PRO B 36 -45.75 0.73 21.54
C PRO B 36 -46.20 0.58 20.10
N ARG B 37 -46.02 1.65 19.33
CA ARG B 37 -46.33 1.63 17.91
C ARG B 37 -45.19 1.11 17.05
N CYS B 38 -43.99 0.95 17.64
CA CYS B 38 -42.80 0.57 16.89
C CYS B 38 -42.54 -0.92 16.92
N ASP B 39 -43.43 -1.72 17.50
CA ASP B 39 -43.18 -3.16 17.61
C ASP B 39 -43.12 -3.82 16.24
N LEU B 40 -42.80 -5.12 16.21
CA LEU B 40 -42.42 -5.80 14.98
C LEU B 40 -43.38 -6.92 14.61
N LYS B 41 -43.19 -7.42 13.39
CA LYS B 41 -43.77 -8.66 12.87
C LYS B 41 -45.26 -8.74 13.21
N GLU B 42 -45.72 -9.82 13.85
CA GLU B 42 -47.12 -10.08 14.15
C GLU B 42 -47.55 -9.52 15.50
N ASN B 43 -46.63 -8.87 16.24
CA ASN B 43 -47.01 -8.24 17.50
C ASN B 43 -48.01 -7.10 17.29
N LEU B 44 -47.87 -6.35 16.20
CA LEU B 44 -48.90 -5.42 15.80
C LEU B 44 -50.08 -6.12 15.16
N LEU B 45 -49.89 -7.36 14.69
CA LEU B 45 -51.02 -8.18 14.24
C LEU B 45 -51.78 -8.81 15.41
N LYS B 46 -51.16 -8.87 16.59
CA LYS B 46 -51.89 -9.28 17.78
C LYS B 46 -53.05 -8.33 18.07
N ASP B 47 -52.74 -7.05 18.26
CA ASP B 47 -53.77 -6.04 18.16
C ASP B 47 -54.28 -6.00 16.72
N ASN B 48 -55.49 -5.48 16.54
CA ASN B 48 -56.08 -5.58 15.20
C ASN B 48 -55.21 -4.87 14.17
N CYS B 49 -55.17 -3.54 14.19
CA CYS B 49 -54.20 -2.69 13.51
C CYS B 49 -53.67 -3.29 12.20
N ALA B 50 -54.55 -3.82 11.35
CA ALA B 50 -54.13 -4.41 10.08
C ALA B 50 -54.98 -3.94 8.91
N PRO B 51 -55.01 -2.62 8.64
CA PRO B 51 -55.41 -2.16 7.31
C PRO B 51 -54.22 -2.13 6.38
N GLU B 52 -54.37 -1.57 5.18
CA GLU B 52 -53.21 -1.15 4.41
C GLU B 52 -52.31 -0.21 5.20
N SER B 53 -52.85 0.38 6.28
CA SER B 53 -52.10 1.30 7.12
C SER B 53 -50.85 0.69 7.74
N ILE B 54 -50.79 -0.64 7.87
CA ILE B 54 -49.63 -1.28 8.46
C ILE B 54 -48.39 -1.01 7.61
N GLU B 55 -47.30 -0.63 8.26
CA GLU B 55 -46.05 -0.27 7.59
C GLU B 55 -44.99 -1.31 7.92
N PHE B 56 -44.63 -2.11 6.92
CA PHE B 56 -43.55 -3.09 7.06
C PHE B 56 -42.85 -3.25 5.71
N PRO B 57 -41.99 -2.31 5.34
CA PRO B 57 -41.22 -2.46 4.11
C PRO B 57 -40.31 -3.69 4.17
N VAL B 58 -40.29 -4.45 3.08
CA VAL B 58 -39.52 -5.69 2.99
C VAL B 58 -38.50 -5.53 1.88
N SER B 59 -37.23 -5.78 2.20
CA SER B 59 -36.17 -5.65 1.20
C SER B 59 -36.33 -6.73 0.13
N GLU B 60 -36.21 -6.33 -1.13
CA GLU B 60 -36.42 -7.22 -2.26
C GLU B 60 -35.23 -7.17 -3.20
N ALA B 61 -34.99 -8.30 -3.87
CA ALA B 61 -34.05 -8.40 -4.98
C ALA B 61 -34.73 -9.19 -6.07
N ARG B 62 -35.14 -8.51 -7.15
CA ARG B 62 -35.96 -9.11 -8.19
C ARG B 62 -35.21 -9.07 -9.51
N VAL B 63 -35.25 -10.17 -10.24
CA VAL B 63 -34.57 -10.27 -11.53
C VAL B 63 -35.44 -9.59 -12.59
N LEU B 64 -34.88 -8.58 -13.25
CA LEU B 64 -35.60 -7.88 -14.30
C LEU B 64 -35.41 -8.56 -15.65
N GLU B 65 -34.15 -8.73 -16.06
CA GLU B 65 -33.83 -9.35 -17.35
C GLU B 65 -32.82 -10.47 -17.12
N ASP B 66 -33.22 -11.70 -17.42
CA ASP B 66 -32.32 -12.84 -17.36
C ASP B 66 -32.46 -13.65 -18.65
N ARG B 67 -31.50 -13.53 -19.50
CA ARG B 67 -31.47 -14.39 -20.68
C ARG B 67 -30.67 -15.65 -20.38
N PRO B 68 -31.03 -16.78 -20.98
CA PRO B 68 -30.25 -18.00 -20.76
C PRO B 68 -28.84 -17.87 -21.31
N LEU B 69 -27.91 -18.58 -20.67
CA LEU B 69 -26.53 -18.56 -21.11
C LEU B 69 -26.40 -19.15 -22.51
N SER B 70 -25.56 -18.52 -23.32
CA SER B 70 -25.35 -18.98 -24.69
C SER B 70 -24.51 -20.25 -24.71
N ASP B 71 -24.41 -20.87 -25.89
CA ASP B 71 -23.59 -22.06 -26.08
C ASP B 71 -22.44 -21.79 -27.04
N LYS B 72 -22.71 -21.29 -28.24
CA LYS B 72 -21.70 -20.97 -29.22
C LYS B 72 -21.75 -19.48 -29.55
N GLY B 73 -20.64 -18.97 -30.07
CA GLY B 73 -20.51 -17.54 -30.32
C GLY B 73 -20.98 -17.07 -31.67
N SER B 74 -21.87 -17.84 -32.30
CA SER B 74 -22.38 -17.48 -33.62
C SER B 74 -23.38 -16.33 -33.50
N GLY B 75 -23.95 -15.94 -34.65
CA GLY B 75 -24.82 -14.79 -34.72
C GLY B 75 -26.31 -15.10 -34.64
N ASP B 76 -26.67 -16.37 -34.63
CA ASP B 76 -28.06 -16.78 -34.53
C ASP B 76 -28.52 -16.98 -33.08
N SER B 77 -27.68 -16.64 -32.11
CA SER B 77 -28.03 -16.75 -30.71
C SER B 77 -28.98 -15.62 -30.32
N SER B 78 -29.21 -15.45 -29.03
CA SER B 78 -30.12 -14.40 -28.58
C SER B 78 -29.60 -13.04 -29.02
N GLN B 79 -28.53 -12.57 -28.36
CA GLN B 79 -27.50 -11.79 -29.03
C GLN B 79 -26.16 -12.48 -28.78
N VAL B 80 -25.74 -12.52 -27.52
CA VAL B 80 -24.76 -13.42 -26.94
C VAL B 80 -24.89 -13.18 -25.44
N THR B 81 -24.88 -14.24 -24.64
CA THR B 81 -25.09 -14.08 -23.21
C THR B 81 -24.10 -14.95 -22.45
N GLN B 82 -23.15 -14.33 -21.77
CA GLN B 82 -22.21 -15.03 -20.91
C GLN B 82 -22.49 -14.81 -19.43
N VAL B 83 -23.53 -14.04 -19.08
CA VAL B 83 -23.83 -13.73 -17.69
C VAL B 83 -25.34 -13.81 -17.49
N SER B 84 -25.78 -14.67 -16.57
CA SER B 84 -27.18 -14.76 -16.18
C SER B 84 -27.30 -14.52 -14.68
N PRO B 85 -28.17 -13.61 -14.24
CA PRO B 85 -29.06 -12.73 -15.03
C PRO B 85 -28.33 -11.50 -15.56
N GLN B 86 -29.07 -10.50 -16.05
CA GLN B 86 -28.48 -9.27 -16.56
C GLN B 86 -28.87 -8.05 -15.75
N ARG B 87 -30.17 -7.82 -15.52
CA ARG B 87 -30.64 -6.69 -14.74
C ARG B 87 -31.35 -7.19 -13.50
N ILE B 88 -30.99 -6.62 -12.34
CA ILE B 88 -31.62 -6.95 -11.07
C ILE B 88 -32.03 -5.67 -10.38
N ALA B 89 -33.28 -5.62 -9.92
CA ALA B 89 -33.76 -4.51 -9.11
C ALA B 89 -33.58 -4.85 -7.64
N LEU B 90 -32.96 -3.93 -6.90
CA LEU B 90 -32.67 -4.13 -5.48
C LEU B 90 -33.36 -3.05 -4.67
N ARG B 91 -34.24 -3.47 -3.76
CA ARG B 91 -34.87 -2.58 -2.81
C ARG B 91 -34.38 -2.94 -1.41
N LEU B 92 -33.94 -1.93 -0.66
CA LEU B 92 -33.33 -2.15 0.65
C LEU B 92 -33.91 -1.18 1.66
N ARG B 93 -34.36 -1.72 2.79
CA ARG B 93 -34.66 -0.92 3.97
C ARG B 93 -33.39 -0.74 4.79
N PRO B 94 -33.33 0.31 5.62
CA PRO B 94 -32.06 0.63 6.29
C PRO B 94 -31.54 -0.52 7.15
N ASP B 95 -30.22 -0.70 7.11
CA ASP B 95 -29.53 -1.73 7.89
C ASP B 95 -30.08 -3.12 7.61
N ASP B 96 -30.30 -3.42 6.33
CA ASP B 96 -30.80 -4.72 5.92
C ASP B 96 -30.04 -5.19 4.68
N SER B 97 -30.07 -6.50 4.45
CA SER B 97 -29.32 -7.11 3.37
C SER B 97 -30.12 -8.21 2.72
N LYS B 98 -30.06 -8.28 1.39
CA LYS B 98 -30.60 -9.38 0.61
C LYS B 98 -29.56 -9.85 -0.38
N ASN B 99 -29.58 -11.14 -0.70
CA ASN B 99 -28.54 -11.77 -1.49
C ASN B 99 -29.10 -12.31 -2.80
N PHE B 100 -28.22 -12.39 -3.80
CA PHE B 100 -28.57 -12.90 -5.11
C PHE B 100 -27.39 -13.71 -5.67
N SER B 101 -27.55 -14.22 -6.88
CA SER B 101 -26.58 -15.12 -7.50
C SER B 101 -26.37 -14.70 -8.95
N ILE B 102 -25.21 -15.09 -9.50
CA ILE B 102 -24.87 -14.77 -10.87
C ILE B 102 -24.05 -15.91 -11.45
N GLN B 103 -24.36 -16.28 -12.69
CA GLN B 103 -23.62 -17.30 -13.43
C GLN B 103 -22.82 -16.65 -14.54
N VAL B 104 -21.59 -17.12 -14.73
CA VAL B 104 -20.70 -16.62 -15.78
C VAL B 104 -20.16 -17.81 -16.55
N ARG B 105 -20.15 -17.70 -17.88
CA ARG B 105 -19.73 -18.81 -18.74
C ARG B 105 -18.80 -18.31 -19.82
N GLN B 106 -17.66 -19.00 -19.96
CA GLN B 106 -16.79 -18.84 -21.13
C GLN B 106 -17.38 -19.64 -22.28
N VAL B 107 -17.74 -18.97 -23.37
CA VAL B 107 -18.49 -19.60 -24.46
C VAL B 107 -17.53 -19.96 -25.58
N GLU B 108 -17.80 -21.08 -26.24
CA GLU B 108 -16.97 -21.55 -27.33
C GLU B 108 -17.22 -20.76 -28.60
N ASP B 109 -16.21 -20.76 -29.48
CA ASP B 109 -16.24 -20.01 -30.74
C ASP B 109 -16.52 -18.53 -30.52
N TYR B 110 -16.04 -17.99 -29.41
CA TYR B 110 -16.22 -16.58 -29.13
C TYR B 110 -15.29 -15.76 -30.02
N PRO B 111 -15.81 -14.80 -30.79
CA PRO B 111 -14.95 -14.06 -31.72
C PRO B 111 -13.80 -13.35 -31.01
N VAL B 112 -12.66 -13.28 -31.69
CA VAL B 112 -11.42 -12.75 -31.11
C VAL B 112 -10.89 -11.65 -32.01
N ASP B 113 -10.58 -10.50 -31.42
CA ASP B 113 -9.90 -9.40 -32.10
C ASP B 113 -8.47 -9.32 -31.60
N ILE B 114 -7.52 -9.29 -32.54
CA ILE B 114 -6.10 -9.24 -32.21
C ILE B 114 -5.50 -8.04 -32.92
N TYR B 115 -4.98 -7.09 -32.15
CA TYR B 115 -4.26 -5.94 -32.68
C TYR B 115 -2.82 -6.01 -32.22
N TYR B 116 -1.91 -5.88 -33.16
CA TYR B 116 -0.48 -6.04 -32.89
C TYR B 116 0.17 -4.67 -32.73
N LEU B 117 0.94 -4.52 -31.65
CA LEU B 117 1.78 -3.35 -31.44
C LEU B 117 3.23 -3.80 -31.56
N MET B 118 3.90 -3.35 -32.62
CA MET B 118 5.25 -3.80 -32.96
C MET B 118 6.25 -2.65 -32.80
N ASP B 119 7.37 -2.97 -32.17
CA ASP B 119 8.46 -2.02 -32.01
C ASP B 119 9.29 -1.98 -33.28
N LEU B 120 9.35 -0.81 -33.92
CA LEU B 120 10.09 -0.66 -35.17
C LEU B 120 11.45 0.03 -34.96
N SER B 121 11.92 0.13 -33.72
CA SER B 121 13.22 0.72 -33.47
C SER B 121 14.34 -0.19 -33.98
N TYR B 122 15.54 0.38 -34.06
CA TYR B 122 16.64 -0.31 -34.72
C TYR B 122 17.02 -1.61 -34.00
N SER B 123 16.76 -1.70 -32.70
CA SER B 123 17.05 -2.91 -31.94
C SER B 123 16.18 -4.09 -32.36
N MET B 124 15.13 -3.82 -33.13
CA MET B 124 14.17 -4.84 -33.56
C MET B 124 14.45 -5.37 -34.96
N LYS B 125 15.51 -4.92 -35.62
CA LYS B 125 15.83 -5.46 -36.93
C LYS B 125 16.25 -6.92 -36.83
N ASP B 126 16.91 -7.29 -35.73
CA ASP B 126 17.29 -8.68 -35.51
C ASP B 126 16.07 -9.56 -35.22
N ASP B 127 15.05 -9.00 -34.59
CA ASP B 127 13.87 -9.75 -34.19
C ASP B 127 12.72 -9.59 -35.19
N LEU B 128 12.96 -8.95 -36.35
CA LEU B 128 11.91 -8.70 -37.33
C LEU B 128 11.47 -9.95 -38.07
N TRP B 129 12.16 -11.08 -37.89
CA TRP B 129 11.73 -12.33 -38.51
C TRP B 129 10.34 -12.75 -38.07
N SER B 130 9.94 -12.34 -36.86
CA SER B 130 8.66 -12.80 -36.31
C SER B 130 7.48 -12.12 -37.00
N ILE B 131 7.67 -10.92 -37.55
CA ILE B 131 6.56 -10.24 -38.23
C ILE B 131 6.21 -10.97 -39.52
N GLN B 132 7.18 -11.63 -40.14
CA GLN B 132 6.89 -12.40 -41.34
C GLN B 132 5.93 -13.54 -41.02
N ASN B 133 5.29 -14.08 -42.06
CA ASN B 133 4.18 -15.01 -41.88
C ASN B 133 3.09 -14.32 -41.08
N LEU B 134 3.02 -14.61 -39.78
CA LEU B 134 2.09 -13.95 -38.87
C LEU B 134 0.67 -14.18 -39.34
N GLY B 135 0.04 -13.15 -39.90
CA GLY B 135 -1.37 -13.21 -40.31
C GLY B 135 -1.78 -14.49 -41.00
N THR B 136 -0.88 -15.07 -41.79
CA THR B 136 -1.12 -16.41 -42.31
C THR B 136 -1.02 -17.46 -41.21
N LYS B 137 0.05 -17.39 -40.41
CA LYS B 137 0.24 -18.35 -39.33
C LYS B 137 -0.54 -17.97 -38.08
N LEU B 138 -0.77 -16.66 -37.86
CA LEU B 138 -1.61 -16.22 -36.75
C LEU B 138 -2.97 -16.90 -36.80
N ALA B 139 -3.56 -16.99 -38.00
CA ALA B 139 -4.89 -17.56 -38.15
C ALA B 139 -4.91 -19.05 -37.86
N THR B 140 -3.92 -19.79 -38.36
CA THR B 140 -3.98 -21.25 -38.35
C THR B 140 -4.21 -21.79 -36.95
N GLN B 141 -3.39 -21.35 -35.99
CA GLN B 141 -3.54 -21.86 -34.63
C GLN B 141 -4.67 -21.20 -33.86
N MET B 142 -5.20 -20.07 -34.37
CA MET B 142 -6.40 -19.49 -33.80
C MET B 142 -7.68 -20.11 -34.35
N ARG B 143 -7.59 -20.85 -35.46
CA ARG B 143 -8.79 -21.45 -36.04
C ARG B 143 -9.38 -22.51 -35.10
N LYS B 144 -8.55 -23.15 -34.27
CA LYS B 144 -9.04 -24.18 -33.38
C LYS B 144 -10.06 -23.61 -32.40
N LEU B 145 -9.73 -22.49 -31.76
CA LEU B 145 -10.59 -21.96 -30.71
C LEU B 145 -11.70 -21.08 -31.26
N THR B 146 -11.40 -20.27 -32.27
CA THR B 146 -12.33 -19.23 -32.72
C THR B 146 -12.33 -19.15 -34.23
N SER B 147 -13.49 -19.37 -34.83
CA SER B 147 -13.75 -18.93 -36.19
C SER B 147 -14.26 -17.50 -36.16
N ASN B 148 -14.10 -16.80 -37.29
CA ASN B 148 -14.47 -15.39 -37.42
C ASN B 148 -13.70 -14.52 -36.43
N LEU B 149 -12.39 -14.45 -36.66
CA LEU B 149 -11.51 -13.55 -35.96
C LEU B 149 -10.94 -12.52 -36.94
N ARG B 150 -10.57 -11.35 -36.40
CA ARG B 150 -10.07 -10.26 -37.22
C ARG B 150 -8.76 -9.74 -36.63
N ILE B 151 -7.79 -9.46 -37.52
CA ILE B 151 -6.44 -9.06 -37.12
C ILE B 151 -6.13 -7.67 -37.66
N GLY B 152 -5.05 -7.10 -37.14
CA GLY B 152 -4.59 -5.78 -37.53
C GLY B 152 -3.41 -5.39 -36.67
N PHE B 153 -2.73 -4.32 -37.08
CA PHE B 153 -1.50 -3.98 -36.38
C PHE B 153 -1.19 -2.49 -36.50
N GLY B 154 -0.32 -2.03 -35.62
CA GLY B 154 0.23 -0.69 -35.63
C GLY B 154 1.64 -0.73 -35.07
N ALA B 155 2.37 0.36 -35.25
CA ALA B 155 3.78 0.40 -34.89
C ALA B 155 4.10 1.64 -34.06
N PHE B 156 5.19 1.53 -33.30
CA PHE B 156 5.68 2.60 -32.46
C PHE B 156 7.21 2.58 -32.47
N VAL B 157 7.81 3.76 -32.31
CA VAL B 157 9.26 3.84 -32.14
C VAL B 157 9.59 4.54 -30.83
N ASP B 158 9.27 5.84 -30.75
CA ASP B 158 9.52 6.66 -29.56
C ASP B 158 8.99 8.07 -29.82
N LYS B 159 9.14 8.95 -28.85
CA LYS B 159 8.66 10.31 -29.03
C LYS B 159 9.58 11.08 -29.97
N PRO B 160 9.07 11.63 -31.08
CA PRO B 160 9.89 12.35 -32.07
C PRO B 160 10.25 13.77 -31.62
N VAL B 161 11.02 13.83 -30.54
CA VAL B 161 11.40 15.06 -29.86
C VAL B 161 12.85 14.95 -29.43
N SER B 162 13.23 15.78 -28.47
CA SER B 162 14.48 15.86 -27.72
C SER B 162 14.93 14.47 -27.29
N PRO B 163 16.10 14.30 -26.62
CA PRO B 163 17.09 13.30 -27.05
C PRO B 163 16.59 12.06 -27.77
N TYR B 164 15.38 11.57 -27.45
CA TYR B 164 14.86 10.36 -28.07
C TYR B 164 15.17 10.30 -29.57
N MET B 165 14.91 11.36 -30.31
CA MET B 165 15.13 11.39 -31.75
C MET B 165 16.45 12.07 -32.09
N TYR B 166 16.88 11.90 -33.34
CA TYR B 166 18.10 12.52 -33.85
C TYR B 166 17.80 13.90 -34.41
N ILE B 167 18.21 14.94 -33.68
CA ILE B 167 18.16 16.31 -34.18
C ILE B 167 19.48 16.69 -34.87
N SER B 168 20.35 15.71 -35.17
CA SER B 168 21.66 15.85 -35.78
C SER B 168 21.53 16.39 -37.20
N PRO B 169 22.62 16.57 -37.95
CA PRO B 169 22.54 17.20 -39.29
C PRO B 169 21.34 16.74 -40.09
N PRO B 170 20.78 17.63 -40.92
CA PRO B 170 19.43 17.42 -41.45
C PRO B 170 19.22 16.13 -42.22
N GLU B 171 20.26 15.57 -42.86
CA GLU B 171 20.07 14.32 -43.57
C GLU B 171 19.72 13.18 -42.63
N ALA B 172 19.94 13.34 -41.32
CA ALA B 172 19.51 12.37 -40.33
C ALA B 172 18.07 12.57 -39.90
N LEU B 173 17.45 13.72 -40.21
CA LEU B 173 16.03 13.87 -39.96
C LEU B 173 15.22 12.96 -40.88
N GLU B 174 15.52 13.00 -42.18
CA GLU B 174 14.84 12.11 -43.12
C GLU B 174 15.36 10.68 -43.01
N ASN B 175 16.64 10.52 -42.72
CA ASN B 175 17.28 9.20 -42.62
C ASN B 175 18.06 9.12 -41.33
N PRO B 176 17.41 8.71 -40.21
CA PRO B 176 18.11 8.63 -38.92
C PRO B 176 19.40 7.83 -38.96
N CYS B 177 19.57 7.02 -40.00
CA CYS B 177 20.80 6.27 -40.22
C CYS B 177 21.63 7.05 -41.24
N TYR B 178 22.56 7.86 -40.74
CA TYR B 178 23.65 8.37 -41.56
C TYR B 178 24.98 7.83 -41.07
N ASP B 179 25.24 7.95 -39.77
CA ASP B 179 26.24 7.13 -39.13
C ASP B 179 25.85 5.66 -39.29
N MET B 180 26.86 4.79 -39.28
CA MET B 180 26.81 3.34 -39.52
C MET B 180 26.69 3.03 -41.02
N LYS B 181 26.73 4.04 -41.90
CA LYS B 181 26.79 3.84 -43.35
C LYS B 181 25.62 3.00 -43.87
N THR B 182 24.45 3.19 -43.26
CA THR B 182 23.24 2.49 -43.67
C THR B 182 22.11 3.51 -43.77
N THR B 183 20.97 3.06 -44.30
CA THR B 183 19.79 3.90 -44.45
C THR B 183 18.60 3.21 -43.82
N CYS B 184 17.89 3.94 -42.95
CA CYS B 184 16.68 3.44 -42.31
C CYS B 184 15.59 4.50 -42.40
N LEU B 185 14.44 4.21 -41.80
CA LEU B 185 13.26 5.06 -41.91
C LEU B 185 13.24 6.13 -40.83
N PRO B 186 12.59 7.26 -41.10
CA PRO B 186 12.42 8.28 -40.04
C PRO B 186 11.49 7.80 -38.94
N MET B 187 11.82 8.17 -37.71
CA MET B 187 11.10 7.64 -36.56
C MET B 187 9.81 8.43 -36.33
N PHE B 188 8.95 7.85 -35.48
CA PHE B 188 7.61 8.36 -35.24
C PHE B 188 7.14 7.84 -33.89
N GLY B 189 6.00 8.37 -33.44
CA GLY B 189 5.35 7.87 -32.24
C GLY B 189 4.60 6.59 -32.54
N TYR B 190 3.42 6.42 -31.95
CA TYR B 190 2.55 5.34 -32.37
C TYR B 190 1.97 5.65 -33.75
N LYS B 191 1.94 4.64 -34.61
CA LYS B 191 1.43 4.78 -35.97
C LYS B 191 0.47 3.63 -36.26
N HIS B 192 -0.80 3.97 -36.48
CA HIS B 192 -1.77 2.97 -36.89
C HIS B 192 -1.57 2.62 -38.35
N VAL B 193 -1.55 1.32 -38.66
CA VAL B 193 -1.28 0.85 -40.02
C VAL B 193 -2.50 0.18 -40.62
N LEU B 194 -2.96 -0.92 -40.01
CA LEU B 194 -4.04 -1.72 -40.57
C LEU B 194 -5.14 -1.88 -39.53
N THR B 195 -6.33 -1.38 -39.86
CA THR B 195 -7.50 -1.59 -39.03
C THR B 195 -7.89 -3.06 -39.07
N LEU B 196 -8.56 -3.53 -38.01
CA LEU B 196 -8.97 -4.92 -37.92
C LEU B 196 -9.87 -5.28 -39.10
N THR B 197 -9.47 -6.30 -39.86
CA THR B 197 -10.20 -6.75 -41.03
C THR B 197 -10.24 -8.27 -41.05
N ASP B 198 -10.90 -8.82 -42.07
CA ASP B 198 -11.03 -10.27 -42.26
C ASP B 198 -9.86 -10.85 -43.04
N GLN B 199 -9.36 -10.14 -44.04
CA GLN B 199 -8.39 -10.70 -44.96
C GLN B 199 -7.02 -10.86 -44.30
N VAL B 200 -6.48 -12.08 -44.37
CA VAL B 200 -5.11 -12.29 -43.91
C VAL B 200 -4.11 -11.92 -45.00
N THR B 201 -4.50 -12.01 -46.28
CA THR B 201 -3.63 -11.59 -47.36
C THR B 201 -3.36 -10.10 -47.29
N ARG B 202 -4.40 -9.30 -47.01
CA ARG B 202 -4.20 -7.87 -46.80
C ARG B 202 -3.26 -7.62 -45.62
N PHE B 203 -3.24 -8.53 -44.66
CA PHE B 203 -2.39 -8.37 -43.48
C PHE B 203 -0.93 -8.67 -43.82
N ASN B 204 -0.65 -9.86 -44.35
CA ASN B 204 0.73 -10.25 -44.62
C ASN B 204 1.38 -9.30 -45.63
N GLU B 205 0.63 -8.89 -46.65
CA GLU B 205 1.16 -7.97 -47.64
C GLU B 205 1.57 -6.65 -47.00
N GLU B 206 0.70 -6.09 -46.16
CA GLU B 206 1.03 -4.83 -45.50
C GLU B 206 2.09 -5.00 -44.42
N VAL B 207 2.20 -6.20 -43.85
CA VAL B 207 3.17 -6.43 -42.78
C VAL B 207 4.60 -6.47 -43.33
N LYS B 208 4.80 -7.11 -44.48
CA LYS B 208 6.15 -7.25 -45.02
C LYS B 208 6.75 -5.90 -45.40
N LYS B 209 5.91 -4.91 -45.70
CA LYS B 209 6.38 -3.58 -46.07
C LYS B 209 7.08 -2.88 -44.91
N GLN B 210 6.80 -3.27 -43.67
CA GLN B 210 7.34 -2.57 -42.52
C GLN B 210 8.85 -2.76 -42.42
N SER B 211 9.54 -1.67 -42.11
CA SER B 211 10.99 -1.65 -41.93
C SER B 211 11.31 -0.98 -40.60
N VAL B 212 12.60 -0.89 -40.28
CA VAL B 212 13.04 -0.42 -38.97
C VAL B 212 13.47 1.03 -39.05
N SER B 213 13.27 1.75 -37.96
CA SER B 213 13.71 3.12 -37.78
C SER B 213 14.76 3.14 -36.67
N ARG B 214 15.19 4.34 -36.28
CA ARG B 214 16.26 4.46 -35.30
C ARG B 214 16.01 5.62 -34.35
N ASN B 215 16.32 5.38 -33.07
CA ASN B 215 16.42 6.41 -32.06
C ASN B 215 17.55 6.01 -31.12
N ARG B 216 18.03 6.97 -30.33
CA ARG B 216 19.21 6.69 -29.50
C ARG B 216 18.89 6.33 -28.06
N ASP B 217 17.66 6.57 -27.60
CA ASP B 217 17.28 6.27 -26.24
C ASP B 217 16.80 4.83 -26.13
N ALA B 218 17.42 4.06 -25.22
CA ALA B 218 17.18 2.62 -25.18
C ALA B 218 15.73 2.26 -24.88
N PRO B 219 15.07 2.80 -23.85
CA PRO B 219 13.64 2.52 -23.71
C PRO B 219 12.86 3.16 -24.85
N GLU B 220 11.95 2.38 -25.44
CA GLU B 220 11.25 2.78 -26.66
C GLU B 220 9.90 3.43 -26.39
N GLY B 221 9.38 3.36 -25.17
CA GLY B 221 8.12 4.00 -24.87
C GLY B 221 6.94 3.49 -25.68
N GLY B 222 6.78 2.16 -25.72
CA GLY B 222 5.62 1.61 -26.38
C GLY B 222 4.32 1.80 -25.63
N PHE B 223 4.39 2.22 -24.36
CA PHE B 223 3.17 2.47 -23.60
C PHE B 223 2.31 3.54 -24.27
N ASP B 224 2.94 4.46 -25.00
CA ASP B 224 2.17 5.42 -25.79
C ASP B 224 1.27 4.71 -26.78
N ALA B 225 1.78 3.69 -27.47
CA ALA B 225 0.97 2.94 -28.41
C ALA B 225 -0.13 2.17 -27.70
N ILE B 226 0.18 1.57 -26.55
CA ILE B 226 -0.82 0.80 -25.80
C ILE B 226 -1.99 1.69 -25.41
N MET B 227 -1.69 2.90 -24.92
CA MET B 227 -2.73 3.81 -24.49
C MET B 227 -3.63 4.20 -25.64
N GLN B 228 -3.05 4.50 -26.82
CA GLN B 228 -3.86 4.97 -27.94
C GLN B 228 -4.69 3.84 -28.55
N ALA B 229 -4.08 2.67 -28.74
CA ALA B 229 -4.83 1.55 -29.30
C ALA B 229 -5.97 1.11 -28.40
N THR B 230 -5.88 1.41 -27.09
CA THR B 230 -6.96 1.07 -26.17
C THR B 230 -8.08 2.09 -26.21
N VAL B 231 -7.75 3.37 -26.24
CA VAL B 231 -8.77 4.42 -26.15
C VAL B 231 -9.37 4.80 -27.50
N CYS B 232 -8.72 4.44 -28.60
CA CYS B 232 -9.23 4.74 -29.94
C CYS B 232 -9.98 3.52 -30.45
N ASP B 233 -11.31 3.56 -30.37
CA ASP B 233 -12.08 2.39 -30.77
C ASP B 233 -12.28 2.33 -32.28
N GLU B 234 -12.63 3.46 -32.89
CA GLU B 234 -12.95 3.47 -34.31
C GLU B 234 -11.71 3.21 -35.17
N LYS B 235 -10.60 3.88 -34.85
CA LYS B 235 -9.40 3.71 -35.65
C LYS B 235 -8.89 2.28 -35.59
N ILE B 236 -8.90 1.68 -34.39
CA ILE B 236 -8.45 0.30 -34.27
C ILE B 236 -9.50 -0.66 -34.83
N GLY B 237 -10.77 -0.41 -34.55
CA GLY B 237 -11.83 -1.30 -34.98
C GLY B 237 -12.20 -2.39 -33.99
N TRP B 238 -11.94 -2.17 -32.70
CA TRP B 238 -12.35 -3.15 -31.70
C TRP B 238 -13.84 -3.41 -31.78
N ARG B 239 -14.22 -4.68 -31.85
CA ARG B 239 -15.62 -5.06 -31.90
C ARG B 239 -16.18 -5.20 -30.49
N ASN B 240 -17.48 -5.42 -30.40
CA ASN B 240 -18.14 -5.70 -29.14
C ASN B 240 -18.60 -7.15 -29.11
N ASP B 241 -18.71 -7.71 -27.91
CA ASP B 241 -19.01 -9.13 -27.72
C ASP B 241 -17.97 -9.99 -28.43
N ALA B 242 -16.71 -9.58 -28.35
CA ALA B 242 -15.60 -10.32 -28.92
C ALA B 242 -14.37 -10.13 -28.02
N SER B 243 -13.53 -11.15 -27.95
CA SER B 243 -12.33 -11.08 -27.13
C SER B 243 -11.36 -10.08 -27.74
N HIS B 244 -10.87 -9.15 -26.91
CA HIS B 244 -9.96 -8.11 -27.36
C HIS B 244 -8.55 -8.47 -26.88
N LEU B 245 -7.67 -8.76 -27.82
CA LEU B 245 -6.28 -9.09 -27.53
C LEU B 245 -5.38 -8.01 -28.12
N LEU B 246 -4.59 -7.37 -27.27
CA LEU B 246 -3.58 -6.41 -27.68
C LEU B 246 -2.22 -6.99 -27.34
N VAL B 247 -1.49 -7.43 -28.38
CA VAL B 247 -0.21 -8.10 -28.19
C VAL B 247 0.90 -7.08 -28.42
N PHE B 248 1.85 -7.03 -27.48
CA PHE B 248 2.90 -6.02 -27.44
C PHE B 248 4.26 -6.70 -27.60
N THR B 249 5.06 -6.20 -28.54
CA THR B 249 6.38 -6.76 -28.80
C THR B 249 7.44 -5.67 -28.76
N THR B 250 8.57 -5.97 -28.12
CA THR B 250 9.68 -5.02 -28.07
C THR B 250 10.97 -5.76 -27.82
N ASP B 251 12.07 -5.15 -28.28
CA ASP B 251 13.40 -5.72 -28.08
C ASP B 251 13.93 -5.46 -26.67
N ALA B 252 13.58 -4.33 -26.08
CA ALA B 252 14.24 -3.86 -24.88
C ALA B 252 13.19 -3.28 -23.93
N LYS B 253 13.67 -2.55 -22.92
CA LYS B 253 12.81 -1.97 -21.90
C LYS B 253 12.00 -0.81 -22.48
N THR B 254 11.17 -0.20 -21.63
CA THR B 254 10.21 0.80 -22.07
C THR B 254 10.24 2.02 -21.15
N HIS B 255 9.85 3.15 -21.72
CA HIS B 255 9.61 4.34 -20.93
C HIS B 255 8.38 4.17 -20.04
N ILE B 256 8.44 4.80 -18.87
CA ILE B 256 7.30 4.88 -17.96
C ILE B 256 6.90 6.34 -17.85
N ALA B 257 5.85 6.61 -17.08
CA ALA B 257 5.44 7.99 -16.88
C ALA B 257 6.49 8.77 -16.11
N LEU B 258 6.47 10.10 -16.30
CA LEU B 258 7.41 11.07 -15.76
C LEU B 258 8.77 11.02 -16.44
N ASP B 259 9.00 10.07 -17.35
CA ASP B 259 10.25 10.07 -18.11
C ASP B 259 10.31 11.23 -19.09
N GLY B 260 9.16 11.70 -19.57
CA GLY B 260 9.12 12.74 -20.58
C GLY B 260 9.59 14.10 -20.10
N ARG B 261 9.78 14.27 -18.80
CA ARG B 261 10.26 15.56 -18.29
C ARG B 261 11.62 15.91 -18.87
N LEU B 262 12.45 14.90 -19.14
CA LEU B 262 13.73 15.16 -19.79
C LEU B 262 13.52 15.78 -21.16
N ALA B 263 12.52 15.32 -21.90
CA ALA B 263 12.20 15.91 -23.20
C ALA B 263 11.52 17.26 -23.07
N GLY B 264 11.29 17.74 -21.85
CA GLY B 264 10.53 18.97 -21.66
C GLY B 264 9.04 18.77 -21.69
N ILE B 265 8.57 17.59 -21.30
CA ILE B 265 7.15 17.24 -21.35
C ILE B 265 6.65 17.12 -19.93
N VAL B 266 5.79 18.06 -19.52
CA VAL B 266 5.26 18.12 -18.17
C VAL B 266 3.79 17.78 -18.09
N GLN B 267 3.13 17.57 -19.24
CA GLN B 267 1.70 17.34 -19.26
C GLN B 267 1.41 15.86 -19.05
N PRO B 268 0.62 15.49 -18.05
CA PRO B 268 0.32 14.06 -17.84
C PRO B 268 -0.56 13.53 -18.94
N ASN B 269 -0.46 12.23 -19.16
CA ASN B 269 -1.30 11.58 -20.18
C ASN B 269 -2.76 11.68 -19.77
N ASP B 270 -3.58 12.23 -20.67
CA ASP B 270 -4.99 12.40 -20.40
C ASP B 270 -5.82 11.15 -20.70
N GLY B 271 -5.22 10.14 -21.34
CA GLY B 271 -5.95 8.94 -21.65
C GLY B 271 -7.01 9.09 -22.70
N GLN B 272 -6.94 10.13 -23.52
CA GLN B 272 -7.89 10.34 -24.60
C GLN B 272 -7.30 9.83 -25.92
N CYS B 273 -8.11 9.89 -26.97
CA CYS B 273 -7.69 9.44 -28.30
C CYS B 273 -7.26 10.64 -29.11
N HIS B 274 -5.95 10.76 -29.33
CA HIS B 274 -5.39 11.84 -30.13
C HIS B 274 -4.99 11.38 -31.54
N VAL B 275 -5.32 10.15 -31.91
CA VAL B 275 -5.00 9.66 -33.25
C VAL B 275 -5.97 10.29 -34.25
N GLY B 276 -5.41 10.95 -35.26
CA GLY B 276 -6.20 11.61 -36.28
C GLY B 276 -6.44 10.74 -37.49
N SER B 277 -6.91 11.37 -38.56
CA SER B 277 -7.12 10.67 -39.81
C SER B 277 -5.81 10.26 -40.47
N ASP B 278 -4.69 10.90 -40.10
CA ASP B 278 -3.38 10.53 -40.63
C ASP B 278 -2.76 9.36 -39.90
N ASN B 279 -3.45 8.78 -38.92
CA ASN B 279 -3.00 7.59 -38.20
C ASN B 279 -1.68 7.84 -37.46
N HIS B 280 -1.58 9.00 -36.81
CA HIS B 280 -0.41 9.33 -36.00
C HIS B 280 -0.85 9.86 -34.65
N TYR B 281 -0.01 9.63 -33.65
CA TYR B 281 -0.24 10.16 -32.31
C TYR B 281 0.14 11.64 -32.30
N SER B 282 -0.86 12.52 -32.22
CA SER B 282 -0.60 13.94 -32.28
C SER B 282 0.08 14.44 -31.01
N ALA B 283 -0.33 13.91 -29.86
CA ALA B 283 0.17 14.36 -28.57
C ALA B 283 1.46 13.66 -28.16
N SER B 284 2.02 12.83 -29.03
CA SER B 284 3.26 12.11 -28.71
C SER B 284 4.37 13.07 -28.30
N THR B 285 4.40 14.25 -28.90
CA THR B 285 5.38 15.26 -28.51
C THR B 285 4.90 16.11 -27.34
N THR B 286 3.58 16.26 -27.18
CA THR B 286 3.04 17.26 -26.26
C THR B 286 2.72 16.71 -24.88
N MET B 287 2.57 15.40 -24.71
CA MET B 287 2.17 14.87 -23.41
C MET B 287 2.99 13.63 -23.08
N ASP B 288 3.08 13.35 -21.79
CA ASP B 288 4.01 12.37 -21.24
C ASP B 288 3.53 10.94 -21.52
N TYR B 289 4.37 9.99 -21.13
CA TYR B 289 4.02 8.58 -21.24
C TYR B 289 2.92 8.22 -20.24
N PRO B 290 2.04 7.29 -20.59
CA PRO B 290 0.95 6.91 -19.67
C PRO B 290 1.48 6.12 -18.49
N SER B 291 0.97 6.44 -17.30
CA SER B 291 1.33 5.69 -16.12
C SER B 291 0.66 4.31 -16.14
N LEU B 292 1.21 3.40 -15.32
CA LEU B 292 0.66 2.05 -15.26
C LEU B 292 -0.79 2.07 -14.79
N GLY B 293 -1.10 2.90 -13.79
CA GLY B 293 -2.46 2.97 -13.29
C GLY B 293 -3.44 3.39 -14.37
N LEU B 294 -3.12 4.47 -15.10
CA LEU B 294 -4.00 4.91 -16.17
C LEU B 294 -4.09 3.86 -17.27
N MET B 295 -2.98 3.17 -17.57
CA MET B 295 -3.05 2.05 -18.50
C MET B 295 -3.93 0.94 -17.96
N THR B 296 -3.79 0.64 -16.67
CA THR B 296 -4.63 -0.40 -16.07
C THR B 296 -6.11 -0.02 -16.12
N GLU B 297 -6.42 1.23 -15.78
CA GLU B 297 -7.81 1.67 -15.74
C GLU B 297 -8.44 1.60 -17.13
N LYS B 298 -7.80 2.20 -18.12
CA LYS B 298 -8.38 2.26 -19.47
C LYS B 298 -8.41 0.88 -20.11
N LEU B 299 -7.47 0.00 -19.76
CA LEU B 299 -7.44 -1.33 -20.35
C LEU B 299 -8.70 -2.11 -20.00
N SER B 300 -9.14 -2.05 -18.74
CA SER B 300 -10.32 -2.78 -18.32
C SER B 300 -11.61 -2.12 -18.79
N GLN B 301 -11.62 -0.79 -18.92
CA GLN B 301 -12.82 -0.11 -19.37
C GLN B 301 -13.23 -0.55 -20.77
N LYS B 302 -12.25 -0.78 -21.64
CA LYS B 302 -12.50 -1.24 -22.99
C LYS B 302 -12.48 -2.75 -23.12
N ASN B 303 -12.30 -3.48 -22.01
CA ASN B 303 -12.28 -4.94 -22.00
C ASN B 303 -11.23 -5.46 -22.98
N ILE B 304 -10.04 -4.87 -22.92
CA ILE B 304 -8.93 -5.23 -23.79
C ILE B 304 -7.88 -5.95 -22.96
N ASN B 305 -7.45 -7.11 -23.46
CA ASN B 305 -6.41 -7.90 -22.81
C ASN B 305 -5.06 -7.59 -23.44
N LEU B 306 -4.06 -7.31 -22.60
CA LEU B 306 -2.73 -6.97 -23.06
C LEU B 306 -1.82 -8.18 -22.96
N ILE B 307 -1.08 -8.46 -24.03
CA ILE B 307 -0.16 -9.59 -24.10
C ILE B 307 1.23 -9.06 -24.40
N PHE B 308 2.22 -9.50 -23.61
CA PHE B 308 3.61 -9.13 -23.80
C PHE B 308 4.35 -10.28 -24.48
N ALA B 309 4.84 -10.04 -25.69
CA ALA B 309 5.68 -10.99 -26.41
C ALA B 309 7.03 -10.32 -26.62
N VAL B 310 8.03 -10.71 -25.84
CA VAL B 310 9.30 -9.99 -25.80
C VAL B 310 10.45 -10.98 -25.91
N THR B 311 11.65 -10.42 -26.05
CA THR B 311 12.87 -11.22 -26.18
C THR B 311 13.25 -11.84 -24.84
N GLU B 312 13.96 -12.97 -24.91
CA GLU B 312 14.26 -13.74 -23.71
C GLU B 312 14.99 -12.91 -22.65
N ASN B 313 15.87 -12.01 -23.09
CA ASN B 313 16.62 -11.19 -22.13
C ASN B 313 15.70 -10.31 -21.31
N VAL B 314 14.70 -9.70 -21.95
CA VAL B 314 13.84 -8.73 -21.31
C VAL B 314 12.52 -9.35 -20.84
N VAL B 315 12.42 -10.69 -20.87
CA VAL B 315 11.18 -11.36 -20.47
C VAL B 315 10.89 -11.11 -19.00
N ASN B 316 11.88 -11.32 -18.13
CA ASN B 316 11.65 -11.20 -16.70
C ASN B 316 11.22 -9.79 -16.32
N LEU B 317 11.68 -8.78 -17.06
CA LEU B 317 11.24 -7.42 -16.83
C LEU B 317 9.74 -7.28 -17.05
N TYR B 318 9.28 -7.50 -18.29
CA TYR B 318 7.87 -7.37 -18.59
C TYR B 318 7.04 -8.39 -17.83
N GLN B 319 7.63 -9.54 -17.49
CA GLN B 319 6.95 -10.48 -16.60
C GLN B 319 6.69 -9.83 -15.25
N ASN B 320 7.67 -9.09 -14.73
CA ASN B 320 7.45 -8.34 -13.50
C ASN B 320 6.54 -7.16 -13.70
N TYR B 321 6.60 -6.50 -14.87
CA TYR B 321 5.66 -5.44 -15.18
C TYR B 321 4.24 -5.95 -15.19
N SER B 322 4.02 -7.14 -15.77
CA SER B 322 2.67 -7.68 -15.92
C SER B 322 2.00 -7.90 -14.57
N GLU B 323 2.78 -8.19 -13.52
CA GLU B 323 2.20 -8.41 -12.21
C GLU B 323 1.50 -7.15 -11.71
N LEU B 324 1.98 -5.97 -12.11
CA LEU B 324 1.35 -4.71 -11.72
C LEU B 324 0.12 -4.38 -12.56
N ILE B 325 -0.09 -5.07 -13.68
CA ILE B 325 -1.28 -4.87 -14.49
C ILE B 325 -2.01 -6.21 -14.56
N PRO B 326 -2.87 -6.51 -13.59
CA PRO B 326 -3.49 -7.83 -13.55
C PRO B 326 -4.30 -8.11 -14.81
N GLY B 327 -4.28 -9.37 -15.23
CA GLY B 327 -4.96 -9.77 -16.45
C GLY B 327 -4.10 -9.75 -17.70
N THR B 328 -2.80 -9.52 -17.55
CA THR B 328 -1.88 -9.45 -18.67
C THR B 328 -0.83 -10.55 -18.54
N THR B 329 -0.53 -11.21 -19.64
CA THR B 329 0.42 -12.32 -19.66
C THR B 329 1.63 -11.97 -20.52
N VAL B 330 2.72 -12.69 -20.29
CA VAL B 330 3.98 -12.48 -21.00
C VAL B 330 4.41 -13.79 -21.62
N GLY B 331 5.05 -13.69 -22.80
CA GLY B 331 5.53 -14.86 -23.48
C GLY B 331 6.87 -14.60 -24.14
N VAL B 332 7.61 -15.68 -24.38
CA VAL B 332 8.97 -15.60 -24.90
C VAL B 332 8.93 -15.63 -26.42
N LEU B 333 9.71 -14.75 -27.04
CA LEU B 333 9.85 -14.67 -28.49
C LEU B 333 11.22 -15.22 -28.86
N SER B 334 11.25 -16.40 -29.48
CA SER B 334 12.53 -17.03 -29.82
C SER B 334 12.36 -17.84 -31.10
N MET B 335 13.46 -18.01 -31.82
CA MET B 335 13.44 -18.76 -33.07
C MET B 335 13.34 -20.26 -32.85
N ASP B 336 13.49 -20.75 -31.63
CA ASP B 336 13.37 -22.16 -31.32
C ASP B 336 12.21 -22.37 -30.35
N SER B 337 11.85 -23.64 -30.16
CA SER B 337 10.75 -24.07 -29.29
C SER B 337 9.40 -23.63 -29.85
N SER B 338 8.52 -23.07 -29.01
CA SER B 338 7.14 -22.84 -29.41
C SER B 338 6.99 -21.64 -30.32
N ASN B 339 7.44 -20.47 -29.86
CA ASN B 339 7.39 -19.21 -30.60
C ASN B 339 5.94 -18.82 -30.92
N VAL B 340 5.76 -17.89 -31.87
CA VAL B 340 4.52 -17.15 -32.03
C VAL B 340 3.33 -18.09 -32.19
N LEU B 341 3.54 -19.21 -32.88
CA LEU B 341 2.45 -20.07 -33.32
C LEU B 341 1.60 -20.53 -32.15
N GLN B 342 2.17 -21.34 -31.27
CA GLN B 342 1.47 -21.80 -30.09
C GLN B 342 1.57 -20.83 -28.93
N LEU B 343 2.28 -19.71 -29.11
CA LEU B 343 2.41 -18.73 -28.03
C LEU B 343 1.08 -18.03 -27.76
N ILE B 344 0.49 -17.41 -28.78
CA ILE B 344 -0.68 -16.56 -28.56
C ILE B 344 -1.85 -17.37 -28.04
N VAL B 345 -2.09 -18.55 -28.62
CA VAL B 345 -3.19 -19.39 -28.17
C VAL B 345 -3.02 -19.75 -26.70
N ASP B 346 -1.79 -20.05 -26.28
CA ASP B 346 -1.53 -20.27 -24.86
C ASP B 346 -1.82 -19.03 -24.04
N ALA B 347 -1.43 -17.85 -24.54
CA ALA B 347 -1.74 -16.61 -23.84
C ALA B 347 -3.25 -16.38 -23.77
N TYR B 348 -3.94 -16.59 -24.89
CA TYR B 348 -5.40 -16.48 -24.87
C TYR B 348 -6.02 -17.53 -23.96
N GLY B 349 -5.40 -18.70 -23.86
CA GLY B 349 -5.87 -19.69 -22.91
C GLY B 349 -5.73 -19.24 -21.48
N LYS B 350 -4.60 -18.60 -21.14
CA LYS B 350 -4.41 -18.09 -19.79
C LYS B 350 -5.46 -17.05 -19.45
N ILE B 351 -5.75 -16.14 -20.38
CA ILE B 351 -6.73 -15.09 -20.13
C ILE B 351 -8.09 -15.70 -19.83
N ARG B 352 -8.49 -16.69 -20.61
CA ARG B 352 -9.77 -17.36 -20.40
C ARG B 352 -9.71 -18.43 -19.32
N SER B 353 -8.55 -18.64 -18.70
CA SER B 353 -8.39 -19.62 -17.63
C SER B 353 -8.81 -19.09 -16.27
N LYS B 354 -9.18 -17.81 -16.18
CA LYS B 354 -9.52 -17.18 -14.92
C LYS B 354 -10.77 -16.34 -15.11
N VAL B 355 -11.65 -16.37 -14.11
CA VAL B 355 -12.86 -15.55 -14.10
C VAL B 355 -12.91 -14.79 -12.78
N GLU B 356 -12.90 -13.46 -12.87
CA GLU B 356 -13.00 -12.60 -11.69
C GLU B 356 -13.99 -11.49 -11.97
N LEU B 357 -14.78 -11.14 -10.98
CA LEU B 357 -15.82 -10.12 -11.13
C LEU B 357 -15.28 -8.77 -10.69
N GLU B 358 -15.51 -7.76 -11.52
CA GLU B 358 -15.16 -6.38 -11.19
C GLU B 358 -16.44 -5.56 -11.01
N VAL B 359 -16.40 -4.62 -10.07
CA VAL B 359 -17.57 -3.84 -9.68
C VAL B 359 -17.33 -2.38 -10.06
N ARG B 360 -18.23 -1.84 -10.87
CA ARG B 360 -18.15 -0.43 -11.29
C ARG B 360 -19.30 0.35 -10.68
N ASP B 361 -19.01 1.58 -10.27
CA ASP B 361 -20.02 2.54 -9.79
C ASP B 361 -20.79 2.01 -8.59
N LEU B 362 -20.11 1.30 -7.70
CA LEU B 362 -20.75 0.79 -6.49
C LEU B 362 -20.95 1.94 -5.50
N PRO B 363 -22.18 2.20 -5.06
CA PRO B 363 -22.40 3.29 -4.10
C PRO B 363 -21.71 3.03 -2.77
N GLU B 364 -21.35 4.12 -2.09
CA GLU B 364 -20.57 4.03 -0.86
C GLU B 364 -21.33 3.32 0.25
N GLU B 365 -22.66 3.46 0.27
CA GLU B 365 -23.44 3.07 1.44
C GLU B 365 -23.63 1.57 1.58
N LEU B 366 -23.33 0.79 0.55
CA LEU B 366 -23.53 -0.66 0.61
C LEU B 366 -22.27 -1.39 0.16
N SER B 367 -22.14 -2.63 0.61
CA SER B 367 -20.98 -3.47 0.36
C SER B 367 -21.44 -4.82 -0.18
N LEU B 368 -20.50 -5.56 -0.77
CA LEU B 368 -20.79 -6.82 -1.43
C LEU B 368 -19.93 -7.94 -0.86
N SER B 369 -20.53 -9.11 -0.70
CA SER B 369 -19.86 -10.33 -0.27
C SER B 369 -19.94 -11.36 -1.37
N PHE B 370 -18.92 -12.20 -1.47
CA PHE B 370 -18.83 -13.16 -2.58
C PHE B 370 -18.41 -14.53 -2.06
N ASN B 371 -19.24 -15.53 -2.29
CA ASN B 371 -18.84 -16.94 -2.23
C ASN B 371 -18.79 -17.46 -3.66
N ALA B 372 -17.68 -18.11 -4.01
CA ALA B 372 -17.45 -18.56 -5.37
C ALA B 372 -17.69 -20.07 -5.47
N THR B 373 -18.60 -20.46 -6.36
CA THR B 373 -18.81 -21.86 -6.72
C THR B 373 -18.19 -22.07 -8.10
N CYS B 374 -17.06 -22.78 -8.13
CA CYS B 374 -16.35 -23.03 -9.38
C CYS B 374 -16.41 -24.49 -9.80
N LEU B 375 -16.06 -25.41 -8.91
CA LEU B 375 -15.99 -26.83 -9.23
C LEU B 375 -17.10 -27.58 -8.49
N ASN B 376 -18.12 -28.02 -9.23
CA ASN B 376 -19.20 -28.90 -8.78
C ASN B 376 -19.65 -28.62 -7.35
N ASN B 377 -20.13 -27.39 -7.12
CA ASN B 377 -20.77 -27.01 -5.87
C ASN B 377 -19.80 -27.09 -4.69
N GLU B 378 -18.61 -26.50 -4.87
CA GLU B 378 -17.61 -26.45 -3.82
C GLU B 378 -17.81 -25.27 -2.86
N VAL B 379 -18.67 -24.31 -3.22
CA VAL B 379 -19.08 -23.17 -2.41
C VAL B 379 -17.92 -22.57 -1.60
N ILE B 380 -16.82 -22.23 -2.28
CA ILE B 380 -15.68 -21.59 -1.64
C ILE B 380 -16.05 -20.16 -1.26
N PRO B 381 -16.01 -19.79 0.01
CA PRO B 381 -16.49 -18.48 0.43
C PRO B 381 -15.41 -17.41 0.36
N GLY B 382 -15.86 -16.16 0.38
CA GLY B 382 -14.97 -15.02 0.47
C GLY B 382 -14.24 -14.65 -0.80
N LEU B 383 -14.44 -15.41 -1.89
CA LEU B 383 -13.67 -15.22 -3.11
C LEU B 383 -14.61 -14.81 -4.25
N LYS B 384 -14.20 -13.79 -4.99
CA LYS B 384 -14.96 -13.31 -6.15
C LYS B 384 -14.37 -13.78 -7.46
N SER B 385 -13.41 -14.71 -7.42
CA SER B 385 -12.74 -15.18 -8.63
C SER B 385 -12.66 -16.70 -8.63
N CYS B 386 -12.58 -17.27 -9.84
CA CYS B 386 -12.38 -18.69 -10.04
C CYS B 386 -11.24 -18.90 -11.03
N MET B 387 -10.28 -19.75 -10.67
CA MET B 387 -9.13 -20.04 -11.50
C MET B 387 -9.22 -21.46 -12.06
N GLY B 388 -8.25 -21.81 -12.89
CA GLY B 388 -8.13 -23.15 -13.44
C GLY B 388 -9.28 -23.56 -14.33
N LEU B 389 -9.67 -22.68 -15.25
CA LEU B 389 -10.85 -22.89 -16.07
C LEU B 389 -10.47 -23.08 -17.54
N LYS B 390 -11.37 -23.73 -18.27
CA LYS B 390 -11.26 -23.92 -19.70
C LYS B 390 -12.48 -23.30 -20.38
N ILE B 391 -12.33 -23.01 -21.68
CA ILE B 391 -13.44 -22.45 -22.44
C ILE B 391 -14.56 -23.48 -22.50
N GLY B 392 -15.78 -23.03 -22.21
CA GLY B 392 -16.93 -23.91 -22.11
C GLY B 392 -17.37 -24.21 -20.70
N ASP B 393 -16.55 -23.86 -19.71
CA ASP B 393 -16.91 -24.04 -18.32
C ASP B 393 -17.78 -22.88 -17.84
N THR B 394 -18.59 -23.16 -16.82
CA THR B 394 -19.50 -22.18 -16.25
C THR B 394 -19.30 -22.14 -14.74
N VAL B 395 -19.20 -20.94 -14.18
CA VAL B 395 -19.02 -20.77 -12.74
C VAL B 395 -20.17 -19.95 -12.20
N SER B 396 -20.37 -20.04 -10.89
CA SER B 396 -21.44 -19.35 -10.19
C SER B 396 -20.86 -18.52 -9.05
N PHE B 397 -21.53 -17.40 -8.76
CA PHE B 397 -21.15 -16.54 -7.66
C PHE B 397 -22.40 -16.12 -6.90
N SER B 398 -22.39 -16.32 -5.59
CA SER B 398 -23.44 -15.82 -4.72
C SER B 398 -22.97 -14.50 -4.10
N ILE B 399 -23.83 -13.49 -4.15
CA ILE B 399 -23.48 -12.14 -3.76
C ILE B 399 -24.47 -11.65 -2.72
N GLU B 400 -23.95 -11.08 -1.64
CA GLU B 400 -24.77 -10.46 -0.60
C GLU B 400 -24.55 -8.95 -0.64
N ALA B 401 -25.63 -8.19 -0.61
CA ALA B 401 -25.58 -6.73 -0.64
C ALA B 401 -26.22 -6.18 0.62
N LYS B 402 -25.41 -5.48 1.42
CA LYS B 402 -25.87 -4.89 2.68
C LYS B 402 -25.56 -3.41 2.68
N VAL B 403 -26.57 -2.60 2.97
CA VAL B 403 -26.43 -1.14 3.02
C VAL B 403 -26.49 -0.69 4.46
N ARG B 404 -25.63 0.27 4.81
CA ARG B 404 -25.64 0.88 6.13
C ARG B 404 -26.53 2.12 6.08
N GLY B 405 -27.69 2.05 6.74
CA GLY B 405 -28.68 3.12 6.65
C GLY B 405 -29.18 3.29 5.23
N CYS B 406 -29.49 4.54 4.88
CA CYS B 406 -29.79 4.91 3.51
C CYS B 406 -29.70 6.42 3.32
N PRO B 407 -29.02 6.89 2.27
CA PRO B 407 -28.82 8.35 2.11
C PRO B 407 -29.97 9.03 1.38
N GLN B 408 -31.19 8.62 1.70
CA GLN B 408 -32.43 9.21 1.16
C GLN B 408 -32.28 9.48 -0.34
N GLU B 409 -32.06 8.41 -1.08
CA GLU B 409 -31.80 8.50 -2.50
C GLU B 409 -33.04 8.12 -3.30
N LYS B 410 -32.99 8.40 -4.61
CA LYS B 410 -34.05 7.96 -5.51
C LYS B 410 -33.69 6.63 -6.15
N GLU B 411 -32.57 6.59 -6.87
CA GLU B 411 -32.10 5.37 -7.51
C GLU B 411 -30.64 5.55 -7.89
N LYS B 412 -29.86 4.49 -7.68
CA LYS B 412 -28.50 4.39 -8.16
C LYS B 412 -28.35 3.07 -8.90
N SER B 413 -27.17 2.85 -9.49
CA SER B 413 -26.91 1.63 -10.24
C SER B 413 -25.42 1.32 -10.20
N PHE B 414 -25.10 0.04 -10.09
CA PHE B 414 -23.74 -0.43 -10.20
C PHE B 414 -23.74 -1.69 -11.06
N THR B 415 -22.58 -1.98 -11.64
CA THR B 415 -22.43 -3.05 -12.61
C THR B 415 -21.45 -4.08 -12.08
N ILE B 416 -21.84 -5.34 -12.12
CA ILE B 416 -20.97 -6.47 -11.79
C ILE B 416 -20.73 -7.23 -13.09
N LYS B 417 -19.46 -7.37 -13.46
CA LYS B 417 -19.13 -8.03 -14.71
C LYS B 417 -17.84 -8.83 -14.55
N PRO B 418 -17.65 -9.89 -15.33
CA PRO B 418 -16.33 -10.52 -15.39
C PRO B 418 -15.33 -9.61 -16.12
N VAL B 419 -14.07 -9.70 -15.68
CA VAL B 419 -13.04 -8.83 -16.24
C VAL B 419 -12.73 -9.26 -17.66
N GLY B 420 -12.78 -8.31 -18.59
CA GLY B 420 -12.44 -8.58 -19.97
C GLY B 420 -13.59 -9.00 -20.84
N PHE B 421 -14.83 -8.81 -20.40
CA PHE B 421 -16.00 -9.20 -21.17
C PHE B 421 -17.04 -8.07 -21.16
N LYS B 422 -17.80 -7.98 -22.24
CA LYS B 422 -18.85 -6.98 -22.35
C LYS B 422 -20.07 -7.36 -21.52
N ASP B 423 -20.40 -8.66 -21.49
CA ASP B 423 -21.57 -9.13 -20.76
C ASP B 423 -21.45 -8.79 -19.27
N SER B 424 -22.53 -8.26 -18.71
CA SER B 424 -22.47 -7.67 -17.38
C SER B 424 -23.82 -7.79 -16.68
N LEU B 425 -23.78 -7.65 -15.36
CA LEU B 425 -24.96 -7.67 -14.50
C LEU B 425 -25.17 -6.27 -13.94
N ILE B 426 -26.27 -5.64 -14.31
CA ILE B 426 -26.60 -4.28 -13.86
C ILE B 426 -27.59 -4.40 -12.72
N VAL B 427 -27.31 -3.71 -11.61
CA VAL B 427 -28.15 -3.75 -10.43
C VAL B 427 -28.67 -2.35 -10.15
N GLN B 428 -29.99 -2.18 -10.21
CA GLN B 428 -30.64 -0.92 -9.88
C GLN B 428 -30.91 -0.90 -8.38
N VAL B 429 -30.49 0.17 -7.71
CA VAL B 429 -30.55 0.27 -6.26
C VAL B 429 -31.58 1.32 -5.86
N THR B 430 -32.55 0.92 -5.06
CA THR B 430 -33.57 1.80 -4.51
C THR B 430 -33.68 1.54 -3.02
N PHE B 431 -33.86 2.59 -2.25
CA PHE B 431 -33.90 2.50 -0.79
C PHE B 431 -35.28 2.89 -0.28
N ASP B 432 -35.85 2.06 0.59
CA ASP B 432 -37.11 2.36 1.26
C ASP B 432 -36.79 2.89 2.66
N CYS B 433 -36.92 4.20 2.85
CA CYS B 433 -36.60 4.81 4.13
C CYS B 433 -37.78 5.55 4.75
N ASP B 434 -38.48 6.37 3.97
CA ASP B 434 -39.60 7.13 4.51
C ASP B 434 -40.89 6.31 4.46
N CYS B 435 -41.76 6.56 5.46
CA CYS B 435 -43.05 5.90 5.51
C CYS B 435 -43.96 6.41 4.39
N ALA B 436 -44.86 5.53 3.92
CA ALA B 436 -45.74 5.91 2.82
C ALA B 436 -46.77 6.95 3.25
N CYS B 437 -47.23 6.89 4.49
CA CYS B 437 -48.20 7.85 4.99
C CYS B 437 -47.54 9.12 5.53
N GLN B 438 -46.21 9.22 5.44
CA GLN B 438 -45.53 10.44 5.84
C GLN B 438 -45.87 11.60 4.91
N ALA B 439 -46.09 11.31 3.63
CA ALA B 439 -46.46 12.37 2.68
C ALA B 439 -47.88 12.87 2.90
N GLN B 440 -48.74 12.08 3.55
CA GLN B 440 -50.11 12.49 3.81
C GLN B 440 -50.21 13.59 4.85
N ALA B 441 -49.13 13.86 5.60
CA ALA B 441 -49.17 14.86 6.65
C ALA B 441 -49.35 16.26 6.05
N GLU B 442 -50.24 17.05 6.66
CA GLU B 442 -50.49 18.41 6.22
C GLU B 442 -49.65 19.36 7.06
N PRO B 443 -48.64 20.03 6.47
CA PRO B 443 -47.50 20.51 7.26
C PRO B 443 -47.80 21.54 8.34
N ASN B 444 -48.93 22.25 8.29
CA ASN B 444 -49.10 23.42 9.13
C ASN B 444 -49.34 23.01 10.60
N SER B 445 -49.41 24.02 11.46
CA SER B 445 -49.54 23.83 12.90
C SER B 445 -50.99 23.52 13.28
N HIS B 446 -51.22 23.31 14.57
CA HIS B 446 -52.52 23.04 15.17
C HIS B 446 -53.10 21.69 14.78
N ARG B 447 -52.32 20.84 14.12
CA ARG B 447 -52.86 19.55 13.67
C ARG B 447 -53.10 18.60 14.84
N CYS B 448 -52.26 18.62 15.88
CA CYS B 448 -52.51 17.69 16.98
C CYS B 448 -53.30 18.30 18.14
N ASN B 449 -52.75 19.31 18.82
CA ASN B 449 -53.31 19.74 20.08
C ASN B 449 -52.80 21.12 20.48
N ASN B 450 -53.71 21.96 20.98
CA ASN B 450 -53.40 23.27 21.55
C ASN B 450 -52.60 24.15 20.59
N GLY B 451 -52.61 23.81 19.31
CA GLY B 451 -51.81 24.51 18.33
C GLY B 451 -50.32 24.37 18.58
N ASN B 452 -49.50 24.90 17.67
CA ASN B 452 -48.06 24.96 17.83
C ASN B 452 -47.47 23.59 18.22
N GLY B 453 -47.63 22.63 17.31
CA GLY B 453 -47.18 21.28 17.58
C GLY B 453 -46.79 20.56 16.31
N THR B 454 -46.25 19.35 16.48
CA THR B 454 -45.84 18.48 15.40
C THR B 454 -46.83 17.32 15.29
N PHE B 455 -46.56 16.43 14.33
CA PHE B 455 -47.52 15.40 13.94
C PHE B 455 -46.83 14.51 12.92
N GLU B 456 -47.42 13.35 12.68
CA GLU B 456 -47.02 12.48 11.59
C GLU B 456 -48.12 11.43 11.42
N CYS B 457 -47.84 10.43 10.59
CA CYS B 457 -48.77 9.33 10.35
C CYS B 457 -48.91 8.49 11.62
N GLY B 458 -50.09 8.52 12.22
CA GLY B 458 -50.31 7.83 13.47
C GLY B 458 -49.38 8.29 14.58
N VAL B 459 -49.08 9.59 14.63
CA VAL B 459 -48.10 10.15 15.55
C VAL B 459 -48.54 11.55 15.95
N CYS B 460 -48.49 11.84 17.25
CA CYS B 460 -48.49 13.21 17.75
C CYS B 460 -47.37 13.36 18.77
N ARG B 461 -46.48 14.32 18.54
CA ARG B 461 -45.43 14.68 19.48
C ARG B 461 -45.27 16.19 19.45
N CYS B 462 -45.37 16.82 20.61
CA CYS B 462 -45.31 18.28 20.66
C CYS B 462 -43.87 18.75 20.44
N GLY B 463 -43.67 20.06 20.46
CA GLY B 463 -42.41 20.66 20.05
C GLY B 463 -41.41 20.80 21.17
N PRO B 464 -40.33 21.55 20.91
CA PRO B 464 -39.30 21.74 21.94
C PRO B 464 -39.84 22.51 23.13
N GLY B 465 -39.48 22.05 24.31
CA GLY B 465 -39.95 22.66 25.55
C GLY B 465 -41.36 22.24 25.91
N TRP B 466 -42.11 21.73 24.92
CA TRP B 466 -43.47 21.25 25.13
C TRP B 466 -43.53 19.73 25.24
N LEU B 467 -43.11 19.01 24.19
CA LEU B 467 -42.68 17.62 24.25
C LEU B 467 -43.58 16.72 25.11
N GLY B 468 -44.82 16.50 24.71
CA GLY B 468 -45.73 15.68 25.49
C GLY B 468 -46.49 14.69 24.63
N SER B 469 -47.31 13.87 25.30
CA SER B 469 -48.20 12.96 24.59
C SER B 469 -49.10 13.73 23.63
N GLN B 470 -49.67 14.83 24.10
CA GLN B 470 -50.23 15.83 23.20
C GLN B 470 -49.41 17.11 23.28
N CYS B 471 -49.37 17.77 24.44
CA CYS B 471 -48.47 18.91 24.69
C CYS B 471 -48.48 19.18 26.19
N GLU B 472 -47.41 18.79 26.88
CA GLU B 472 -47.09 19.23 28.23
C GLU B 472 -45.77 18.59 28.64
N CYS B 473 -45.03 19.25 29.54
CA CYS B 473 -43.78 18.70 30.04
C CYS B 473 -43.29 19.52 31.23
N SER B 474 -42.01 19.33 31.56
CA SER B 474 -41.31 20.06 32.61
C SER B 474 -41.31 21.55 32.35
N GLU B 475 -40.83 22.30 33.35
CA GLU B 475 -41.18 23.68 33.70
C GLU B 475 -42.53 23.70 34.41
N GLU B 476 -43.26 22.59 34.44
CA GLU B 476 -44.15 22.25 35.55
C GLU B 476 -43.73 20.94 36.18
N ASP B 477 -43.76 19.86 35.39
CA ASP B 477 -43.25 18.53 35.73
C ASP B 477 -44.02 17.90 36.89
N TYR B 478 -44.91 18.67 37.52
CA TYR B 478 -45.72 18.25 38.66
C TYR B 478 -44.92 17.38 39.62
N ARG B 479 -45.56 16.34 40.12
CA ARG B 479 -44.85 15.16 40.60
C ARG B 479 -44.45 14.33 39.38
N PRO B 480 -43.53 13.38 39.54
CA PRO B 480 -43.20 12.50 38.40
C PRO B 480 -44.42 11.92 37.71
N SER B 481 -45.53 11.73 38.45
CA SER B 481 -46.85 11.35 37.93
C SER B 481 -46.85 9.91 37.46
N GLN B 482 -45.66 9.33 37.33
CA GLN B 482 -45.35 7.94 37.10
C GLN B 482 -43.83 7.85 37.03
N GLN B 483 -43.32 6.63 37.23
CA GLN B 483 -41.96 6.36 36.82
C GLN B 483 -41.86 6.18 35.32
N ASP B 484 -42.98 5.97 34.64
CA ASP B 484 -43.06 5.73 33.20
C ASP B 484 -42.19 4.55 32.81
N GLU B 485 -41.75 3.78 33.80
CA GLU B 485 -40.75 2.73 33.63
C GLU B 485 -39.62 3.22 32.72
N CYS B 486 -38.98 4.30 33.16
CA CYS B 486 -37.81 4.78 32.44
C CYS B 486 -36.67 3.77 32.51
N SER B 487 -36.77 2.77 33.38
CA SER B 487 -35.92 1.60 33.41
C SER B 487 -36.74 0.36 33.11
N PRO B 488 -36.11 -0.72 32.62
CA PRO B 488 -36.89 -1.94 32.31
C PRO B 488 -37.64 -2.50 33.51
N ARG B 489 -37.14 -2.29 34.72
CA ARG B 489 -37.84 -2.66 35.95
C ARG B 489 -37.87 -1.45 36.87
N GLU B 490 -38.92 -1.38 37.69
CA GLU B 490 -39.11 -0.24 38.58
C GLU B 490 -38.12 -0.22 39.74
N GLY B 491 -37.34 -1.28 39.92
CA GLY B 491 -36.36 -1.32 40.99
C GLY B 491 -35.02 -0.75 40.58
N GLN B 492 -35.02 0.07 39.54
CA GLN B 492 -33.81 0.67 39.00
C GLN B 492 -33.97 2.19 38.94
N PRO B 493 -32.86 2.93 38.94
CA PRO B 493 -32.95 4.40 38.95
C PRO B 493 -33.40 5.00 37.62
N VAL B 494 -33.34 6.33 37.53
CA VAL B 494 -33.79 7.06 36.35
C VAL B 494 -33.06 6.59 35.09
N CYS B 495 -33.66 6.89 33.94
CA CYS B 495 -33.21 6.34 32.66
C CYS B 495 -31.74 6.61 32.38
N SER B 496 -30.93 5.55 32.44
CA SER B 496 -29.53 5.57 32.01
C SER B 496 -28.75 6.75 32.59
N GLN B 497 -29.08 7.12 33.84
CA GLN B 497 -28.52 8.31 34.50
C GLN B 497 -28.72 9.48 33.54
N ARG B 498 -27.69 10.27 33.23
CA ARG B 498 -27.66 11.11 32.04
C ARG B 498 -28.89 12.01 31.94
N GLY B 499 -28.96 12.98 32.85
CA GLY B 499 -30.05 13.93 32.77
C GLY B 499 -31.40 13.39 33.19
N GLU B 500 -31.44 12.32 33.96
CA GLU B 500 -32.62 11.79 34.63
C GLU B 500 -33.76 11.52 33.63
N CYS B 501 -35.01 11.52 34.13
CA CYS B 501 -36.21 11.31 33.33
C CYS B 501 -37.17 12.46 33.60
N LEU B 502 -37.72 13.04 32.55
CA LEU B 502 -38.58 14.22 32.66
C LEU B 502 -39.87 13.98 31.90
N CYS B 503 -41.01 14.24 32.57
CA CYS B 503 -42.30 14.43 31.92
C CYS B 503 -42.63 13.32 30.93
N GLY B 504 -42.38 12.07 31.34
CA GLY B 504 -42.60 10.97 30.43
C GLY B 504 -41.39 10.71 29.54
N GLN B 505 -41.44 11.20 28.31
CA GLN B 505 -40.35 10.98 27.37
C GLN B 505 -39.02 11.47 27.94
N CYS B 506 -38.07 10.56 28.09
CA CYS B 506 -36.81 10.81 28.78
C CYS B 506 -35.92 11.67 27.89
N VAL B 507 -35.58 12.87 28.37
CA VAL B 507 -34.75 13.83 27.62
C VAL B 507 -33.37 13.85 28.26
N CYS B 508 -32.37 13.49 27.45
CA CYS B 508 -30.99 13.36 27.91
C CYS B 508 -30.06 13.58 26.71
N HIS B 509 -29.65 14.84 26.53
CA HIS B 509 -28.75 15.20 25.44
C HIS B 509 -27.32 15.37 25.98
N SER B 510 -27.15 16.29 26.93
CA SER B 510 -25.89 16.52 27.64
C SER B 510 -24.81 17.07 26.70
N SER B 511 -25.09 17.05 25.40
CA SER B 511 -24.33 17.79 24.39
C SER B 511 -22.85 17.42 24.33
N ASP B 512 -22.44 16.42 25.11
CA ASP B 512 -21.02 16.16 25.31
C ASP B 512 -20.48 15.26 24.21
N PHE B 513 -19.64 15.84 23.34
CA PHE B 513 -18.84 15.14 22.33
C PHE B 513 -19.61 13.99 21.66
N GLY B 514 -20.75 14.35 21.07
CA GLY B 514 -21.53 13.41 20.30
C GLY B 514 -23.01 13.66 20.50
N LYS B 515 -23.80 12.67 20.11
CA LYS B 515 -25.26 12.72 20.25
C LYS B 515 -25.71 11.47 20.99
N ILE B 516 -26.58 11.66 21.99
CA ILE B 516 -27.08 10.59 22.84
C ILE B 516 -28.57 10.44 22.59
N THR B 517 -29.02 9.21 22.36
CA THR B 517 -30.41 8.95 22.02
C THR B 517 -30.86 7.63 22.62
N GLY B 518 -32.13 7.32 22.40
CA GLY B 518 -32.76 6.13 22.94
C GLY B 518 -34.09 6.47 23.59
N LYS B 519 -34.88 5.45 23.94
CA LYS B 519 -36.06 5.71 24.76
C LYS B 519 -35.66 5.98 26.20
N TYR B 520 -34.73 5.20 26.73
CA TYR B 520 -34.15 5.44 28.04
C TYR B 520 -32.77 6.09 27.93
N CYS B 521 -32.35 6.49 26.73
CA CYS B 521 -31.03 7.05 26.48
C CYS B 521 -29.92 6.06 26.78
N GLU B 522 -30.16 4.78 26.51
CA GLU B 522 -29.14 3.77 26.70
C GLU B 522 -28.12 3.74 25.57
N CYS B 523 -28.37 4.47 24.48
CA CYS B 523 -27.50 4.47 23.32
C CYS B 523 -26.57 5.67 23.39
N ASP B 524 -25.28 5.41 23.59
CA ASP B 524 -24.30 6.49 23.70
C ASP B 524 -23.90 7.02 22.34
N ASP B 525 -23.63 6.13 21.39
CA ASP B 525 -23.25 6.46 20.01
C ASP B 525 -21.81 6.99 19.94
N PHE B 526 -21.18 7.24 21.08
CA PHE B 526 -19.76 7.56 21.10
C PHE B 526 -18.95 6.53 21.87
N SER B 527 -19.36 6.16 23.07
CA SER B 527 -18.67 5.11 23.81
C SER B 527 -18.88 3.78 23.11
N CYS B 528 -17.78 3.10 22.80
CA CYS B 528 -17.82 1.89 22.00
C CYS B 528 -16.62 1.03 22.37
N VAL B 529 -16.41 -0.03 21.59
CA VAL B 529 -15.27 -0.93 21.75
C VAL B 529 -14.16 -0.44 20.83
N ARG B 530 -12.92 -0.52 21.31
CA ARG B 530 -11.75 -0.09 20.57
C ARG B 530 -10.75 -1.22 20.47
N TYR B 531 -10.08 -1.32 19.32
CA TYR B 531 -9.09 -2.37 19.09
C TYR B 531 -7.67 -1.90 19.41
N LYS B 532 -7.18 -0.88 18.69
CA LYS B 532 -5.84 -0.36 18.89
C LYS B 532 -5.90 1.16 18.70
N GLY B 533 -6.02 1.90 19.81
CA GLY B 533 -5.99 3.34 19.78
C GLY B 533 -7.14 4.02 19.07
N GLU B 534 -8.06 3.27 18.45
CA GLU B 534 -9.15 3.86 17.70
C GLU B 534 -10.43 3.07 17.94
N MET B 535 -11.56 3.76 17.78
CA MET B 535 -12.86 3.15 17.99
C MET B 535 -13.28 2.36 16.76
N CYS B 536 -13.67 1.11 16.97
CA CYS B 536 -13.99 0.18 15.88
C CYS B 536 -12.86 0.13 14.84
N SER B 537 -11.62 0.34 15.30
CA SER B 537 -10.42 0.36 14.46
C SER B 537 -10.48 1.43 13.38
N GLY B 538 -11.29 2.48 13.57
CA GLY B 538 -11.46 3.49 12.55
C GLY B 538 -12.18 3.03 11.30
N HIS B 539 -12.53 1.76 11.21
CA HIS B 539 -13.16 1.18 10.03
C HIS B 539 -14.66 0.98 10.19
N GLY B 540 -15.26 1.51 11.25
CA GLY B 540 -16.68 1.33 11.45
C GLY B 540 -17.27 2.42 12.32
N GLN B 541 -18.59 2.61 12.18
CA GLN B 541 -19.33 3.54 13.01
C GLN B 541 -19.69 2.88 14.34
N CYS B 542 -20.37 3.63 15.20
CA CYS B 542 -20.80 3.15 16.50
C CYS B 542 -22.26 3.49 16.71
N SER B 543 -23.09 2.48 16.90
CA SER B 543 -24.53 2.65 17.17
C SER B 543 -24.87 1.89 18.44
N CYS B 544 -25.20 2.64 19.50
CA CYS B 544 -25.65 2.07 20.77
C CYS B 544 -24.64 1.07 21.33
N GLY B 545 -23.36 1.42 21.23
CA GLY B 545 -22.31 0.54 21.71
C GLY B 545 -21.96 -0.60 20.77
N ASP B 546 -22.51 -0.62 19.57
CA ASP B 546 -22.20 -1.64 18.57
C ASP B 546 -21.56 -0.99 17.36
N CYS B 547 -20.65 -1.73 16.72
CA CYS B 547 -19.91 -1.23 15.56
C CYS B 547 -20.58 -1.71 14.29
N LEU B 548 -20.80 -0.78 13.36
CA LEU B 548 -21.26 -1.09 12.01
C LEU B 548 -20.07 -0.83 11.09
N CYS B 549 -19.41 -1.91 10.65
CA CYS B 549 -18.15 -1.77 9.94
C CYS B 549 -18.38 -1.24 8.52
N ASP B 550 -17.39 -0.49 8.03
CA ASP B 550 -17.43 0.01 6.67
C ASP B 550 -17.19 -1.14 5.68
N SER B 551 -17.37 -0.83 4.39
CA SER B 551 -17.26 -1.85 3.35
C SER B 551 -15.89 -2.50 3.38
N ASP B 552 -15.85 -3.80 3.07
CA ASP B 552 -14.63 -4.60 3.05
C ASP B 552 -14.02 -4.75 4.45
N TRP B 553 -14.84 -4.65 5.49
CA TRP B 553 -14.39 -4.86 6.86
C TRP B 553 -15.48 -5.57 7.65
N THR B 554 -15.07 -6.52 8.48
CA THR B 554 -15.99 -7.30 9.30
C THR B 554 -15.38 -7.50 10.68
N GLY B 555 -16.15 -8.10 11.57
CA GLY B 555 -15.68 -8.42 12.90
C GLY B 555 -16.29 -7.51 13.96
N TYR B 556 -16.25 -7.99 15.20
CA TYR B 556 -16.72 -7.20 16.33
C TYR B 556 -15.88 -5.95 16.51
N TYR B 557 -14.56 -6.07 16.38
CA TYR B 557 -13.66 -4.94 16.43
C TYR B 557 -13.46 -4.30 15.06
N CYS B 558 -14.10 -4.83 14.02
CA CYS B 558 -13.96 -4.36 12.64
C CYS B 558 -12.50 -4.35 12.18
N ASN B 559 -11.68 -5.24 12.74
CA ASN B 559 -10.28 -5.35 12.32
C ASN B 559 -10.03 -6.49 11.34
N CYS B 560 -11.08 -7.22 10.95
CA CYS B 560 -10.95 -8.31 9.99
C CYS B 560 -11.25 -7.82 8.59
N THR B 561 -10.55 -8.39 7.61
CA THR B 561 -10.57 -7.91 6.23
C THR B 561 -11.20 -8.93 5.30
N THR B 562 -11.94 -8.43 4.31
CA THR B 562 -12.51 -9.29 3.27
C THR B 562 -11.47 -9.68 2.22
N ARG B 563 -10.35 -8.97 2.14
CA ARG B 563 -9.40 -9.17 1.07
C ARG B 563 -8.82 -10.58 1.11
N THR B 564 -8.85 -11.25 -0.03
CA THR B 564 -8.16 -12.52 -0.23
C THR B 564 -6.87 -12.36 -1.04
N ASP B 565 -6.57 -11.14 -1.49
CA ASP B 565 -5.42 -10.93 -2.38
C ASP B 565 -4.11 -11.23 -1.67
N THR B 566 -3.96 -10.79 -0.42
CA THR B 566 -2.73 -11.08 0.31
C THR B 566 -2.62 -12.52 0.73
N CYS B 567 -3.69 -13.30 0.58
CA CYS B 567 -3.67 -14.73 0.84
C CYS B 567 -3.27 -15.54 -0.40
N MET B 568 -3.16 -14.90 -1.56
CA MET B 568 -2.84 -15.59 -2.80
C MET B 568 -1.35 -15.91 -2.86
N SER B 569 -1.03 -17.09 -3.38
CA SER B 569 0.33 -17.59 -3.46
C SER B 569 0.92 -17.27 -4.83
N SER B 570 2.15 -17.74 -5.06
CA SER B 570 2.81 -17.54 -6.34
C SER B 570 2.10 -18.31 -7.45
N ASN B 571 1.63 -19.53 -7.15
CA ASN B 571 0.93 -20.33 -8.13
C ASN B 571 -0.46 -19.78 -8.45
N GLY B 572 -1.00 -18.91 -7.62
CA GLY B 572 -2.31 -18.35 -7.81
C GLY B 572 -3.40 -18.95 -6.95
N LEU B 573 -3.14 -20.10 -6.34
CA LEU B 573 -4.10 -20.73 -5.43
C LEU B 573 -3.88 -20.17 -4.03
N LEU B 574 -4.97 -19.79 -3.37
CA LEU B 574 -4.88 -19.14 -2.07
C LEU B 574 -4.28 -20.08 -1.03
N CYS B 575 -3.33 -19.57 -0.26
CA CYS B 575 -2.60 -20.31 0.76
C CYS B 575 -1.95 -21.58 0.22
N SER B 576 -1.64 -21.59 -1.08
CA SER B 576 -1.00 -22.72 -1.77
C SER B 576 -1.76 -24.03 -1.60
N GLY B 577 -3.08 -23.96 -1.38
CA GLY B 577 -3.86 -25.15 -1.13
C GLY B 577 -3.58 -25.83 0.20
N ARG B 578 -2.60 -25.35 0.97
CA ARG B 578 -2.23 -25.96 2.24
C ARG B 578 -2.94 -25.33 3.42
N GLY B 579 -3.81 -24.35 3.20
CA GLY B 579 -4.48 -23.70 4.31
C GLY B 579 -5.67 -22.89 3.83
N LYS B 580 -6.24 -22.14 4.77
CA LYS B 580 -7.43 -21.33 4.52
C LYS B 580 -7.16 -19.88 4.92
N CYS B 581 -7.74 -18.96 4.15
CA CYS B 581 -7.53 -17.53 4.35
C CYS B 581 -8.54 -16.97 5.36
N GLU B 582 -8.03 -16.30 6.39
CA GLU B 582 -8.88 -15.68 7.40
C GLU B 582 -8.34 -14.30 7.73
N CYS B 583 -9.17 -13.27 7.52
CA CYS B 583 -8.84 -11.88 7.81
C CYS B 583 -7.55 -11.44 7.12
N GLY B 584 -7.38 -11.84 5.87
CA GLY B 584 -6.26 -11.38 5.07
C GLY B 584 -4.94 -12.08 5.32
N SER B 585 -4.88 -13.01 6.28
CA SER B 585 -3.67 -13.76 6.55
C SER B 585 -3.99 -15.25 6.51
N CYS B 586 -3.19 -16.00 5.76
CA CYS B 586 -3.41 -17.44 5.65
C CYS B 586 -3.15 -18.13 6.98
N VAL B 587 -4.05 -19.05 7.34
CA VAL B 587 -3.87 -19.94 8.48
C VAL B 587 -3.62 -21.33 7.92
N CYS B 588 -2.37 -21.77 7.95
CA CYS B 588 -2.00 -23.02 7.30
C CYS B 588 -2.53 -24.19 8.12
N ILE B 589 -3.24 -25.09 7.45
CA ILE B 589 -3.70 -26.35 8.04
C ILE B 589 -3.13 -27.47 7.17
N GLN B 590 -1.96 -27.97 7.56
CA GLN B 590 -1.30 -29.11 6.92
C GLN B 590 -0.12 -29.49 7.79
N PRO B 591 0.32 -30.74 7.78
CA PRO B 591 1.53 -31.10 8.54
C PRO B 591 2.75 -30.39 7.97
N GLY B 592 3.42 -29.64 8.84
CA GLY B 592 4.68 -29.00 8.48
C GLY B 592 4.58 -27.98 7.37
N SER B 593 3.61 -27.08 7.44
CA SER B 593 3.45 -26.02 6.46
C SER B 593 3.36 -24.68 7.17
N TYR B 594 4.02 -23.68 6.61
CA TYR B 594 4.06 -22.35 7.21
C TYR B 594 4.43 -21.34 6.13
N GLY B 595 4.48 -20.08 6.53
CA GLY B 595 4.72 -18.98 5.63
C GLY B 595 3.48 -18.14 5.43
N ASP B 596 3.69 -16.95 4.84
CA ASP B 596 2.58 -16.04 4.60
C ASP B 596 1.55 -16.66 3.67
N THR B 597 2.01 -17.21 2.55
CA THR B 597 1.13 -17.89 1.61
C THR B 597 1.12 -19.40 1.81
N CYS B 598 1.66 -19.88 2.93
CA CYS B 598 1.82 -21.32 3.19
C CYS B 598 2.62 -21.99 2.08
N GLU B 599 3.58 -21.26 1.50
CA GLU B 599 4.39 -21.79 0.42
C GLU B 599 5.52 -22.69 0.92
N LYS B 600 5.86 -22.62 2.20
CA LYS B 600 6.97 -23.37 2.75
C LYS B 600 6.47 -24.69 3.33
N CYS B 601 7.03 -25.80 2.85
CA CYS B 601 6.64 -27.13 3.30
C CYS B 601 7.84 -28.06 3.19
N PRO B 602 8.86 -27.85 4.04
CA PRO B 602 10.06 -28.68 3.93
C PRO B 602 9.81 -30.15 4.19
N THR B 603 8.96 -30.47 5.17
CA THR B 603 8.67 -31.86 5.54
C THR B 603 7.22 -32.15 5.22
N CYS B 604 6.98 -32.75 4.06
CA CYS B 604 5.65 -33.17 3.64
C CYS B 604 5.79 -33.98 2.36
N PRO B 605 4.75 -34.72 1.94
CA PRO B 605 4.88 -35.52 0.72
C PRO B 605 5.34 -34.68 -0.46
N ASP B 606 6.27 -35.23 -1.23
CA ASP B 606 6.96 -34.49 -2.27
C ASP B 606 6.71 -35.12 -3.64
N ALA B 607 6.61 -34.25 -4.65
CA ALA B 607 6.61 -34.67 -6.04
C ALA B 607 5.55 -35.71 -6.35
N CYS B 608 5.99 -36.95 -6.62
CA CYS B 608 5.09 -37.99 -7.13
C CYS B 608 3.88 -38.19 -6.24
N THR B 609 4.08 -38.15 -4.92
CA THR B 609 2.99 -38.42 -4.00
C THR B 609 1.78 -37.56 -4.29
N PHE B 610 2.00 -36.32 -4.73
CA PHE B 610 0.91 -35.51 -5.23
C PHE B 610 0.50 -35.91 -6.66
N LYS B 611 1.48 -36.18 -7.52
CA LYS B 611 1.21 -36.38 -8.94
C LYS B 611 0.83 -37.81 -9.30
N LYS B 612 1.27 -38.81 -8.51
CA LYS B 612 0.83 -40.17 -8.76
C LYS B 612 -0.68 -40.32 -8.59
N GLU B 613 -1.30 -39.43 -7.82
CA GLU B 613 -2.75 -39.42 -7.72
C GLU B 613 -3.38 -38.94 -9.03
N CYS B 614 -2.69 -38.07 -9.76
CA CYS B 614 -3.23 -37.53 -11.00
C CYS B 614 -3.09 -38.49 -12.17
N VAL B 615 -2.02 -39.29 -12.20
CA VAL B 615 -1.87 -40.25 -13.30
C VAL B 615 -2.90 -41.37 -13.19
N GLU B 616 -3.15 -41.86 -11.98
CA GLU B 616 -4.26 -42.78 -11.78
C GLU B 616 -5.58 -42.13 -12.19
N CYS B 617 -5.72 -40.84 -11.88
CA CYS B 617 -6.89 -40.08 -12.29
C CYS B 617 -7.02 -40.05 -13.80
N LYS B 618 -6.03 -39.47 -14.49
CA LYS B 618 -6.13 -39.19 -15.91
C LYS B 618 -5.91 -40.44 -16.76
N LYS B 619 -4.78 -41.12 -16.57
CA LYS B 619 -4.41 -42.18 -17.49
C LYS B 619 -5.09 -43.51 -17.15
N PHE B 620 -5.13 -43.90 -15.88
CA PHE B 620 -5.71 -45.18 -15.51
C PHE B 620 -7.18 -45.09 -15.13
N ASP B 621 -7.75 -43.88 -15.11
CA ASP B 621 -9.16 -43.67 -14.77
C ASP B 621 -9.50 -44.26 -13.40
N ARG B 622 -8.51 -44.36 -12.52
CA ARG B 622 -8.70 -44.92 -11.19
C ARG B 622 -8.85 -43.79 -10.18
N GLY B 623 -9.64 -44.07 -9.14
CA GLY B 623 -10.27 -43.03 -8.34
C GLY B 623 -9.40 -42.40 -7.28
N ALA B 624 -10.08 -41.84 -6.27
CA ALA B 624 -9.55 -41.07 -5.16
C ALA B 624 -9.12 -39.68 -5.60
N LEU B 625 -9.07 -39.46 -6.91
CA LEU B 625 -9.11 -38.14 -7.51
C LEU B 625 -10.14 -38.10 -8.63
N HIS B 626 -10.60 -39.26 -9.06
CA HIS B 626 -11.67 -39.43 -10.03
C HIS B 626 -13.03 -39.58 -9.37
N ASP B 627 -13.07 -39.78 -8.04
CA ASP B 627 -14.34 -39.93 -7.34
C ASP B 627 -15.08 -38.60 -7.20
N GLU B 628 -14.35 -37.52 -6.94
CA GLU B 628 -14.95 -36.21 -6.76
C GLU B 628 -15.05 -35.43 -8.07
N ASN B 629 -14.71 -36.06 -9.19
CA ASN B 629 -14.79 -35.43 -10.52
C ASN B 629 -13.91 -34.20 -10.61
N THR B 630 -12.88 -34.15 -9.77
CA THR B 630 -11.93 -33.05 -9.77
C THR B 630 -10.75 -33.30 -10.70
N CYS B 631 -10.83 -34.33 -11.54
CA CYS B 631 -9.70 -34.71 -12.37
C CYS B 631 -9.27 -33.60 -13.32
N ASN B 632 -10.15 -33.25 -14.27
CA ASN B 632 -9.82 -32.27 -15.27
C ASN B 632 -9.62 -30.88 -14.67
N ARG B 633 -10.31 -30.59 -13.56
CA ARG B 633 -10.20 -29.26 -12.97
C ARG B 633 -8.89 -29.08 -12.21
N TYR B 634 -8.53 -30.03 -11.36
CA TYR B 634 -7.40 -29.81 -10.46
C TYR B 634 -6.07 -29.89 -11.19
N CYS B 635 -5.73 -31.05 -11.74
CA CYS B 635 -4.46 -31.22 -12.44
C CYS B 635 -4.71 -31.15 -13.94
N ARG B 636 -4.32 -30.02 -14.54
CA ARG B 636 -4.36 -29.83 -15.98
C ARG B 636 -3.05 -30.25 -16.65
N ASP B 637 -2.14 -30.86 -15.89
CA ASP B 637 -0.86 -31.28 -16.43
C ASP B 637 -1.06 -32.27 -17.57
N GLU B 638 -0.42 -31.99 -18.70
CA GLU B 638 -0.54 -32.87 -19.86
C GLU B 638 0.33 -34.10 -19.67
N ILE B 639 -0.24 -35.26 -19.95
CA ILE B 639 0.42 -36.55 -19.76
C ILE B 639 0.57 -37.20 -21.12
N GLU B 640 1.81 -37.36 -21.57
CA GLU B 640 2.12 -38.02 -22.82
C GLU B 640 2.82 -39.34 -22.49
N SER B 641 2.17 -40.45 -22.81
CA SER B 641 2.75 -41.77 -22.55
C SER B 641 3.93 -42.00 -23.49
N VAL B 642 5.10 -42.28 -22.91
CA VAL B 642 6.32 -42.50 -23.68
C VAL B 642 6.59 -44.00 -23.75
N LYS B 643 7.10 -44.44 -24.89
CA LYS B 643 7.32 -45.86 -25.15
C LYS B 643 8.70 -46.26 -24.65
N GLU B 644 8.73 -46.91 -23.49
CA GLU B 644 9.92 -47.60 -22.98
C GLU B 644 11.07 -46.65 -22.68
N LEU B 645 10.89 -45.35 -22.90
CA LEU B 645 12.00 -44.41 -22.95
C LEU B 645 11.89 -43.42 -21.79
N LYS B 646 12.83 -43.54 -20.85
CA LYS B 646 13.17 -42.45 -19.95
C LYS B 646 14.49 -41.88 -20.45
N ASP B 647 14.48 -40.60 -20.79
CA ASP B 647 15.50 -40.01 -21.66
C ASP B 647 16.84 -39.93 -20.95
N THR B 648 17.82 -39.34 -21.66
CA THR B 648 19.14 -39.15 -21.08
C THR B 648 19.10 -38.34 -19.80
N GLY B 649 18.08 -37.51 -19.62
CA GLY B 649 17.87 -36.84 -18.36
C GLY B 649 18.14 -35.35 -18.46
N LYS B 650 17.26 -34.57 -17.83
CA LYS B 650 17.44 -33.15 -17.60
C LYS B 650 17.12 -32.89 -16.14
N ASP B 651 16.93 -31.64 -15.74
CA ASP B 651 16.38 -31.39 -14.42
C ASP B 651 15.02 -32.08 -14.35
N ALA B 652 14.92 -33.14 -13.55
CA ALA B 652 13.72 -33.96 -13.56
C ALA B 652 13.60 -34.70 -12.24
N VAL B 653 12.41 -35.23 -11.99
CA VAL B 653 12.12 -36.04 -10.82
C VAL B 653 11.58 -37.37 -11.32
N ASN B 654 12.35 -38.44 -11.06
CA ASN B 654 11.96 -39.79 -11.48
C ASN B 654 11.20 -40.45 -10.34
N CYS B 655 9.97 -40.86 -10.62
CA CYS B 655 9.04 -41.28 -9.59
C CYS B 655 8.38 -42.60 -9.97
N THR B 656 8.35 -43.52 -9.02
CA THR B 656 7.74 -44.84 -9.22
C THR B 656 6.83 -45.15 -8.05
N TYR B 657 5.87 -46.06 -8.30
CA TYR B 657 4.92 -46.47 -7.27
C TYR B 657 4.21 -47.73 -7.76
N LYS B 658 3.51 -48.39 -6.84
CA LYS B 658 2.74 -49.59 -7.13
C LYS B 658 1.26 -49.26 -7.08
N ASN B 659 0.52 -49.75 -8.08
CA ASN B 659 -0.90 -49.42 -8.24
C ASN B 659 -1.77 -50.50 -7.59
N GLU B 660 -3.08 -50.37 -7.77
CA GLU B 660 -4.00 -51.38 -7.25
C GLU B 660 -3.75 -52.74 -7.87
N ASP B 661 -3.22 -52.77 -9.09
CA ASP B 661 -2.94 -54.00 -9.80
C ASP B 661 -1.56 -54.59 -9.43
N ASP B 662 -0.90 -54.03 -8.41
CA ASP B 662 0.41 -54.49 -7.97
C ASP B 662 1.45 -54.40 -9.08
N CYS B 663 1.31 -53.39 -9.93
CA CYS B 663 2.25 -53.12 -11.01
C CYS B 663 2.99 -51.82 -10.72
N VAL B 664 4.27 -51.78 -11.07
CA VAL B 664 5.13 -50.65 -10.74
C VAL B 664 5.11 -49.66 -11.90
N VAL B 665 4.51 -48.49 -11.68
CA VAL B 665 4.41 -47.45 -12.67
C VAL B 665 5.59 -46.49 -12.49
N ARG B 666 6.37 -46.30 -13.56
CA ARG B 666 7.51 -45.40 -13.55
C ARG B 666 7.20 -44.20 -14.45
N PHE B 667 7.48 -43.00 -13.95
CA PHE B 667 7.23 -41.79 -14.71
C PHE B 667 8.17 -40.70 -14.25
N GLN B 668 8.03 -39.52 -14.86
CA GLN B 668 8.88 -38.37 -14.57
C GLN B 668 8.25 -37.13 -15.20
N TYR B 669 8.67 -35.96 -14.73
CA TYR B 669 8.16 -34.71 -15.27
C TYR B 669 9.28 -33.70 -15.41
N TYR B 670 9.25 -32.94 -16.49
CA TYR B 670 10.17 -31.84 -16.70
C TYR B 670 9.71 -30.60 -15.94
N GLU B 671 10.67 -29.81 -15.50
CA GLU B 671 10.38 -28.53 -14.87
C GLU B 671 10.11 -27.50 -15.98
N ASP B 672 10.08 -26.22 -15.63
CA ASP B 672 9.64 -25.20 -16.56
C ASP B 672 10.66 -25.01 -17.68
N SER B 673 10.20 -25.23 -18.92
CA SER B 673 10.89 -24.79 -20.11
C SER B 673 9.94 -23.78 -20.76
N SER B 674 10.12 -22.50 -20.45
CA SER B 674 9.16 -21.44 -20.73
C SER B 674 7.91 -21.63 -19.87
N GLY B 675 7.94 -22.65 -19.02
CA GLY B 675 6.85 -22.96 -18.11
C GLY B 675 5.86 -23.95 -18.68
N LYS B 676 5.69 -25.09 -18.01
CA LYS B 676 4.68 -26.08 -18.35
C LYS B 676 4.70 -27.16 -17.26
N SER B 677 3.64 -27.98 -17.26
CA SER B 677 3.51 -29.08 -16.32
C SER B 677 3.78 -30.43 -16.97
N ILE B 678 4.55 -30.45 -18.06
CA ILE B 678 4.67 -31.64 -18.89
C ILE B 678 5.12 -32.85 -18.07
N LEU B 679 4.47 -33.98 -18.32
CA LEU B 679 4.66 -35.20 -17.55
C LEU B 679 4.73 -36.40 -18.50
N TYR B 680 5.72 -37.25 -18.30
CA TYR B 680 5.93 -38.43 -19.14
C TYR B 680 5.74 -39.68 -18.30
N VAL B 681 4.86 -40.57 -18.75
CA VAL B 681 4.57 -41.82 -18.06
C VAL B 681 5.00 -42.97 -18.96
N VAL B 682 5.83 -43.87 -18.43
CA VAL B 682 6.29 -45.00 -19.22
C VAL B 682 5.13 -45.98 -19.42
N GLU B 683 4.88 -46.33 -20.68
CA GLU B 683 3.91 -47.37 -20.97
C GLU B 683 4.45 -48.73 -20.54
N GLU B 684 3.54 -49.68 -20.38
CA GLU B 684 3.88 -51.05 -20.05
C GLU B 684 4.67 -51.12 -18.74
N PRO B 685 4.05 -50.85 -17.60
CA PRO B 685 4.75 -50.99 -16.31
C PRO B 685 5.12 -52.44 -16.01
N GLU B 686 5.84 -52.65 -14.92
CA GLU B 686 6.30 -53.99 -14.53
C GLU B 686 5.24 -54.67 -13.68
N CYS B 687 4.88 -55.89 -14.06
CA CYS B 687 3.88 -56.69 -13.37
C CYS B 687 4.42 -58.11 -13.23
N PRO B 688 3.85 -58.90 -12.29
CA PRO B 688 4.29 -60.31 -12.16
C PRO B 688 4.00 -61.14 -13.41
N LYS B 689 4.42 -62.40 -13.39
CA LYS B 689 4.36 -63.27 -14.56
C LYS B 689 3.37 -64.41 -14.32
N GLY B 690 3.30 -65.32 -15.29
CA GLY B 690 2.40 -66.47 -15.20
C GLY B 690 2.44 -67.35 -16.43
N SER C 1 34.32 -2.46 -39.22
CA SER C 1 34.22 -1.48 -38.15
C SER C 1 34.45 -2.11 -36.78
N ASP C 2 33.42 -2.79 -36.26
CA ASP C 2 33.46 -3.41 -34.94
C ASP C 2 32.89 -4.83 -35.06
N VAL C 3 33.72 -5.83 -34.73
CA VAL C 3 33.29 -7.23 -34.83
C VAL C 3 34.36 -8.16 -34.26
N PRO C 4 33.98 -9.39 -33.84
CA PRO C 4 34.97 -10.44 -33.50
C PRO C 4 35.71 -10.93 -34.73
N ARG C 5 36.28 -12.13 -34.66
CA ARG C 5 36.98 -12.86 -35.74
C ARG C 5 38.47 -12.91 -35.44
N ASP C 6 39.29 -13.26 -36.43
CA ASP C 6 40.66 -13.72 -36.21
C ASP C 6 40.68 -14.84 -35.19
N LEU C 7 39.86 -15.86 -35.48
CA LEU C 7 39.58 -16.96 -34.57
C LEU C 7 40.61 -18.06 -34.74
N GLU C 8 41.36 -18.34 -33.68
CA GLU C 8 42.40 -19.36 -33.68
C GLU C 8 41.98 -20.54 -32.81
N VAL C 9 42.84 -21.56 -32.80
CA VAL C 9 42.75 -22.69 -31.89
C VAL C 9 44.15 -22.93 -31.33
N VAL C 10 44.30 -22.78 -30.00
CA VAL C 10 45.62 -22.72 -29.36
C VAL C 10 45.95 -24.02 -28.64
N ALA C 11 45.21 -24.35 -27.59
CA ALA C 11 45.53 -25.51 -26.74
C ALA C 11 44.65 -26.69 -27.12
N ALA C 12 45.29 -27.84 -27.33
CA ALA C 12 44.60 -29.06 -27.72
C ALA C 12 44.96 -30.19 -26.77
N THR C 13 43.94 -30.81 -26.18
CA THR C 13 44.09 -31.97 -25.33
C THR C 13 43.25 -33.09 -25.94
N PRO C 14 43.26 -34.31 -25.39
CA PRO C 14 42.31 -35.32 -25.88
C PRO C 14 40.85 -34.87 -25.86
N THR C 15 40.50 -33.90 -25.01
CA THR C 15 39.14 -33.38 -24.95
C THR C 15 39.20 -31.86 -24.84
N SER C 16 38.05 -31.24 -24.61
CA SER C 16 37.90 -29.79 -24.45
C SER C 16 38.47 -29.05 -25.65
N LEU C 17 38.88 -27.81 -25.44
CA LEU C 17 39.41 -26.93 -26.49
C LEU C 17 39.89 -25.64 -25.85
N LEU C 18 40.53 -24.80 -26.66
CA LEU C 18 40.88 -23.44 -26.28
C LEU C 18 40.76 -22.55 -27.51
N ILE C 19 40.07 -21.44 -27.37
CA ILE C 19 39.76 -20.54 -28.48
C ILE C 19 40.28 -19.16 -28.16
N SER C 20 40.92 -18.53 -29.14
CA SER C 20 41.42 -17.16 -29.03
C SER C 20 41.01 -16.38 -30.26
N TRP C 21 40.75 -15.08 -30.07
CA TRP C 21 40.31 -14.21 -31.15
C TRP C 21 40.89 -12.82 -30.92
N ASP C 22 40.59 -11.91 -31.85
CA ASP C 22 41.03 -10.53 -31.75
C ASP C 22 39.90 -9.63 -31.29
N ALA C 23 40.25 -8.56 -30.60
CA ALA C 23 39.27 -7.68 -30.01
C ALA C 23 38.48 -6.94 -31.08
N PRO C 24 37.20 -6.63 -30.82
CA PRO C 24 36.40 -5.87 -31.78
C PRO C 24 36.85 -4.43 -31.98
N ALA C 25 37.91 -3.98 -31.31
CA ALA C 25 38.49 -2.64 -31.38
C ALA C 25 37.65 -1.59 -30.67
N VAL C 26 36.49 -1.94 -30.14
CA VAL C 26 35.66 -1.04 -29.36
C VAL C 26 35.47 -1.65 -27.98
N THR C 27 35.04 -0.83 -27.02
CA THR C 27 34.84 -1.30 -25.66
C THR C 27 33.81 -2.43 -25.64
N VAL C 28 34.16 -3.52 -24.95
CA VAL C 28 33.35 -4.73 -24.93
C VAL C 28 33.00 -5.06 -23.48
N ARG C 29 31.72 -5.29 -23.21
CA ARG C 29 31.32 -5.68 -21.87
C ARG C 29 31.78 -7.10 -21.56
N TYR C 30 31.50 -8.04 -22.45
CA TYR C 30 31.83 -9.44 -22.25
C TYR C 30 31.62 -10.17 -23.58
N TYR C 31 31.80 -11.49 -23.54
CA TYR C 31 31.63 -12.34 -24.72
C TYR C 31 30.70 -13.49 -24.38
N ARG C 32 30.15 -14.12 -25.43
CA ARG C 32 29.24 -15.26 -25.29
C ARG C 32 29.66 -16.34 -26.26
N ILE C 33 30.03 -17.50 -25.73
CA ILE C 33 30.52 -18.63 -26.52
C ILE C 33 29.35 -19.57 -26.79
N THR C 34 29.11 -19.89 -28.05
CA THR C 34 27.98 -20.71 -28.48
C THR C 34 28.48 -21.80 -29.43
N TYR C 35 28.06 -23.04 -29.19
CA TYR C 35 28.55 -24.16 -29.99
C TYR C 35 27.48 -25.24 -30.10
N GLY C 36 27.62 -26.08 -31.11
CA GLY C 36 26.67 -27.16 -31.33
C GLY C 36 27.13 -28.05 -32.46
N GLU C 37 26.35 -29.10 -32.69
CA GLU C 37 26.63 -30.04 -33.76
C GLU C 37 26.31 -29.44 -35.12
N THR C 38 26.84 -30.07 -36.17
CA THR C 38 26.65 -29.58 -37.52
C THR C 38 25.23 -29.91 -38.02
N GLY C 39 24.93 -29.46 -39.23
CA GLY C 39 23.62 -29.70 -39.80
C GLY C 39 22.53 -28.88 -39.12
N GLY C 40 21.34 -29.44 -39.11
CA GLY C 40 20.23 -28.82 -38.42
C GLY C 40 19.93 -29.50 -37.10
N ASN C 41 20.98 -29.87 -36.39
CA ASN C 41 20.85 -30.66 -35.17
C ASN C 41 20.44 -29.83 -33.96
N SER C 42 20.58 -30.42 -32.77
CA SER C 42 20.00 -29.94 -31.53
C SER C 42 20.45 -28.52 -31.19
N PRO C 43 19.63 -27.79 -30.42
CA PRO C 43 19.98 -26.40 -30.07
C PRO C 43 21.32 -26.28 -29.36
N VAL C 44 21.81 -25.05 -29.31
CA VAL C 44 23.19 -24.74 -28.94
C VAL C 44 23.25 -24.19 -27.52
N GLN C 45 24.31 -24.55 -26.80
CA GLN C 45 24.55 -24.05 -25.45
C GLN C 45 25.43 -22.81 -25.50
N GLU C 46 25.32 -21.96 -24.48
CA GLU C 46 26.08 -20.72 -24.45
C GLU C 46 26.51 -20.38 -23.03
N PHE C 47 27.68 -19.75 -22.92
CA PHE C 47 28.22 -19.29 -21.65
C PHE C 47 28.81 -17.89 -21.87
N THR C 48 29.46 -17.35 -20.83
CA THR C 48 29.95 -15.98 -20.85
C THR C 48 31.38 -15.89 -20.32
N VAL C 49 32.14 -14.96 -20.89
CA VAL C 49 33.49 -14.63 -20.42
C VAL C 49 33.68 -13.12 -20.47
N PRO C 50 34.57 -12.59 -19.63
CA PRO C 50 34.74 -11.13 -19.56
C PRO C 50 35.29 -10.55 -20.86
N GLY C 51 35.30 -9.21 -20.92
CA GLY C 51 35.69 -8.51 -22.14
C GLY C 51 37.13 -8.07 -22.20
N SER C 52 37.84 -8.13 -21.08
CA SER C 52 39.24 -7.77 -21.04
C SER C 52 40.17 -8.95 -21.36
N LYS C 53 39.61 -10.13 -21.59
CA LYS C 53 40.38 -11.31 -21.93
C LYS C 53 39.99 -11.80 -23.33
N SER C 54 41.00 -12.14 -24.12
CA SER C 54 40.80 -12.55 -25.51
C SER C 54 40.68 -14.07 -25.66
N THR C 55 40.67 -14.81 -24.57
CA THR C 55 40.62 -16.27 -24.59
C THR C 55 39.35 -16.78 -23.91
N ALA C 56 39.15 -18.08 -23.98
CA ALA C 56 38.02 -18.75 -23.34
C ALA C 56 38.36 -20.22 -23.16
N THR C 57 37.63 -20.87 -22.25
CA THR C 57 37.86 -22.27 -21.94
C THR C 57 36.53 -22.96 -21.65
N ILE C 58 36.36 -24.17 -22.19
CA ILE C 58 35.14 -24.94 -22.03
C ILE C 58 35.52 -26.39 -21.75
N SER C 59 34.71 -27.06 -20.93
CA SER C 59 34.92 -28.43 -20.50
C SER C 59 33.94 -29.37 -21.20
N GLY C 60 34.03 -30.65 -20.85
CA GLY C 60 33.18 -31.67 -21.42
C GLY C 60 33.95 -32.63 -22.31
N LEU C 61 33.37 -33.82 -22.49
CA LEU C 61 33.98 -34.88 -23.29
C LEU C 61 32.93 -35.39 -24.28
N LYS C 62 33.14 -35.10 -25.57
CA LYS C 62 32.23 -35.53 -26.62
C LYS C 62 33.06 -35.86 -27.86
N PRO C 63 32.54 -36.70 -28.76
CA PRO C 63 33.23 -36.92 -30.04
C PRO C 63 33.14 -35.72 -30.95
N GLY C 64 33.75 -35.80 -32.13
CA GLY C 64 33.79 -34.69 -33.06
C GLY C 64 32.43 -34.31 -33.60
N VAL C 65 31.81 -35.22 -34.35
CA VAL C 65 30.50 -35.02 -34.99
C VAL C 65 30.49 -33.70 -35.76
N ASP C 66 31.62 -33.37 -36.39
CA ASP C 66 31.78 -32.13 -37.15
C ASP C 66 31.36 -30.91 -36.34
N TYR C 67 32.04 -30.71 -35.22
CA TYR C 67 31.70 -29.64 -34.30
C TYR C 67 32.02 -28.27 -34.89
N THR C 68 31.17 -27.29 -34.59
CA THR C 68 31.37 -25.91 -35.03
C THR C 68 30.99 -24.98 -33.88
N ILE C 69 31.83 -23.97 -33.64
CA ILE C 69 31.67 -23.07 -32.51
C ILE C 69 31.24 -21.70 -33.02
N THR C 70 30.72 -20.88 -32.12
CA THR C 70 30.43 -19.48 -32.35
C THR C 70 30.71 -18.71 -31.07
N VAL C 71 31.07 -17.44 -31.21
CA VAL C 71 31.34 -16.58 -30.07
C VAL C 71 30.69 -15.23 -30.31
N TYR C 72 29.88 -14.77 -29.34
CA TYR C 72 29.11 -13.54 -29.48
C TYR C 72 29.78 -12.43 -28.70
N ALA C 73 30.25 -11.41 -29.42
CA ALA C 73 30.75 -10.19 -28.80
C ALA C 73 29.58 -9.24 -28.61
N VAL C 74 29.22 -8.97 -27.36
CA VAL C 74 28.05 -8.17 -27.03
C VAL C 74 28.50 -6.76 -26.71
N THR C 75 28.22 -5.85 -27.64
CA THR C 75 28.49 -4.42 -27.47
C THR C 75 27.27 -3.67 -27.95
N GLY C 76 26.52 -3.08 -27.03
CA GLY C 76 25.40 -2.27 -27.44
C GLY C 76 24.91 -1.36 -26.32
N ARG C 77 24.75 -0.08 -26.63
CA ARG C 77 24.17 0.89 -25.73
C ARG C 77 23.28 1.80 -26.54
N GLY C 78 22.10 2.11 -26.01
CA GLY C 78 21.08 2.79 -26.77
C GLY C 78 20.29 1.82 -27.61
N ASP C 79 19.35 2.36 -28.37
CA ASP C 79 18.48 1.52 -29.21
C ASP C 79 19.32 0.90 -30.32
N SER C 80 19.76 -0.33 -30.09
CA SER C 80 20.50 -1.16 -31.03
C SER C 80 20.65 -2.54 -30.40
N PRO C 81 20.76 -3.60 -31.20
CA PRO C 81 21.04 -4.91 -30.61
C PRO C 81 22.41 -4.93 -29.96
N ALA C 82 22.51 -5.70 -28.88
CA ALA C 82 23.77 -5.81 -28.14
C ALA C 82 24.54 -7.02 -28.68
N SER C 83 25.12 -6.81 -29.86
CA SER C 83 25.93 -7.78 -30.59
C SER C 83 26.43 -7.07 -31.85
N SER C 84 27.30 -7.75 -32.59
CA SER C 84 27.68 -7.26 -33.91
C SER C 84 27.28 -8.24 -35.01
N LYS C 85 27.85 -9.45 -35.01
CA LYS C 85 27.49 -10.56 -35.89
C LYS C 85 28.18 -11.83 -35.41
N PRO C 86 27.50 -12.98 -35.43
CA PRO C 86 28.17 -14.23 -35.07
C PRO C 86 29.12 -14.70 -36.15
N ILE C 87 30.31 -15.13 -35.72
CA ILE C 87 31.31 -15.75 -36.58
C ILE C 87 31.60 -17.13 -36.02
N SER C 88 32.29 -17.95 -36.81
CA SER C 88 32.33 -19.38 -36.48
C SER C 88 33.60 -20.02 -37.02
N ILE C 89 33.86 -21.23 -36.50
CA ILE C 89 34.93 -22.10 -36.97
C ILE C 89 34.36 -23.50 -37.10
N ASN C 90 35.16 -24.41 -37.68
CA ASN C 90 34.79 -25.81 -37.81
C ASN C 90 35.99 -26.67 -37.43
N TYR C 91 35.83 -27.48 -36.39
CA TYR C 91 36.91 -28.32 -35.89
C TYR C 91 36.35 -29.63 -35.39
N ARG C 92 37.15 -30.68 -35.50
CA ARG C 92 36.74 -32.04 -35.12
C ARG C 92 37.64 -32.57 -34.01
N THR C 93 37.10 -33.50 -33.22
CA THR C 93 37.84 -34.12 -32.14
C THR C 93 38.53 -35.40 -32.61
C1 NAG D . 6.84 33.00 -27.44
C2 NAG D . 5.42 32.51 -27.19
C3 NAG D . 5.07 31.40 -28.20
C4 NAG D . 5.37 31.84 -29.62
C5 NAG D . 6.77 32.44 -29.74
C6 NAG D . 7.04 33.06 -31.09
C7 NAG D . 4.98 32.84 -24.81
C8 NAG D . 4.85 32.17 -23.47
N2 NAG D . 5.25 32.03 -25.84
O3 NAG D . 3.70 31.07 -28.07
O4 NAG D . 5.32 30.69 -30.47
O5 NAG D . 6.95 33.47 -28.76
O6 NAG D . 7.01 34.48 -31.01
O7 NAG D . 4.83 34.05 -24.94
C1 NAG D . 4.35 30.83 -31.51
C2 NAG D . 4.87 30.04 -32.71
C3 NAG D . 3.87 30.12 -33.85
C4 NAG D . 2.49 29.68 -33.39
C5 NAG D . 2.07 30.47 -32.15
C6 NAG D . 0.78 29.98 -31.54
C7 NAG D . 7.30 29.83 -32.96
C8 NAG D . 7.16 28.50 -32.30
N2 NAG D . 6.17 30.52 -33.13
O3 NAG D . 4.30 29.27 -34.92
O4 NAG D . 1.54 29.92 -34.42
O5 NAG D . 3.08 30.34 -31.13
O6 NAG D . 1.02 29.29 -30.31
O7 NAG D . 8.39 30.26 -33.33
C1 BMA D . 1.05 28.66 -34.92
C2 BMA D . -0.48 28.70 -34.86
C3 BMA D . -1.03 27.38 -35.46
C4 BMA D . -0.46 27.13 -36.87
C5 BMA D . 1.07 27.11 -36.77
C6 BMA D . 1.77 26.89 -38.11
O2 BMA D . -0.95 29.80 -35.63
O3 BMA D . -2.48 27.21 -35.38
O4 BMA D . -0.92 25.89 -37.38
O5 BMA D . 1.53 28.37 -36.23
O6 BMA D . 3.15 26.62 -37.85
C1 MAN D . -3.22 27.97 -36.36
C2 MAN D . -4.04 29.05 -35.63
C3 MAN D . -5.20 28.39 -34.89
C4 MAN D . -6.03 27.54 -35.86
C5 MAN D . -5.14 26.49 -36.54
C6 MAN D . -5.88 25.70 -37.60
O2 MAN D . -4.63 29.97 -36.56
O3 MAN D . -6.02 29.36 -34.24
O4 MAN D . -7.07 26.89 -35.14
O5 MAN D . -4.02 27.14 -37.19
O6 MAN D . -5.03 24.65 -38.05
C1 NAG E . 36.32 9.18 0.53
C2 NAG E . 37.79 8.89 0.65
C3 NAG E . 38.17 8.37 2.05
C4 NAG E . 36.99 8.17 3.01
C5 NAG E . 35.76 9.07 2.76
C6 NAG E . 35.46 9.98 3.93
C7 NAG E . 38.00 6.79 -0.76
C8 NAG E . 36.93 6.09 0.04
N2 NAG E . 38.33 8.05 -0.42
O3 NAG E . 39.12 9.26 2.63
O4 NAG E . 36.59 6.81 3.01
O5 NAG E . 35.91 9.90 1.61
O6 NAG E . 35.70 11.34 3.59
O7 NAG E . 38.55 6.21 -1.70
C1 NAG E . 37.62 6.07 3.70
C2 NAG E . 37.02 5.43 4.95
C3 NAG E . 38.09 4.67 5.72
C4 NAG E . 38.80 3.68 4.80
C5 NAG E . 39.31 4.39 3.54
C6 NAG E . 39.90 3.43 2.54
C7 NAG E . 35.08 6.59 5.92
C8 NAG E . 34.24 5.63 5.12
N2 NAG E . 36.40 6.43 5.80
O3 NAG E . 37.50 3.99 6.81
O4 NAG E . 39.91 3.09 5.48
O5 NAG E . 38.22 5.06 2.89
O6 NAG E . 41.29 3.20 2.77
O7 NAG E . 34.58 7.45 6.64
C1 NAG F . 24.42 1.82 -4.15
C2 NAG F . 25.76 1.21 -3.76
C3 NAG F . 26.80 1.48 -4.84
C4 NAG F . 26.29 1.05 -6.21
C5 NAG F . 24.90 1.64 -6.48
C6 NAG F . 24.27 1.11 -7.74
C7 NAG F . 25.88 1.13 -1.31
C8 NAG F . 26.44 1.79 -0.07
N2 NAG F . 26.21 1.71 -2.47
O3 NAG F . 27.99 0.76 -4.53
O4 NAG F . 27.17 1.51 -7.22
O5 NAG F . 24.01 1.31 -5.40
O6 NAG F . 24.16 -0.31 -7.71
O7 NAG F . 25.19 0.13 -1.25
C1 NAG F . 27.82 0.38 -7.84
C2 NAG F . 28.56 0.88 -9.08
C3 NAG F . 29.30 -0.27 -9.74
C4 NAG F . 30.18 -1.01 -8.74
C5 NAG F . 29.38 -1.40 -7.51
C6 NAG F . 30.24 -1.98 -6.41
C7 NAG F . 27.34 2.81 -9.95
C8 NAG F . 26.39 3.31 -11.00
N2 NAG F . 27.66 1.52 -10.02
O3 NAG F . 30.09 0.23 -10.82
O4 NAG F . 30.74 -2.17 -9.34
O5 NAG F . 28.72 -0.25 -6.95
O6 NAG F . 31.34 -1.13 -6.12
O7 NAG F . 27.79 3.55 -9.08
C1 BMA F . 32.15 -1.98 -9.50
C2 BMA F . 32.88 -3.31 -9.30
C3 BMA F . 34.38 -3.09 -9.46
C4 BMA F . 34.69 -2.35 -10.77
C5 BMA F . 33.85 -1.04 -10.88
C6 BMA F . 33.99 -0.34 -12.23
O2 BMA F . 32.48 -4.24 -10.30
O3 BMA F . 35.09 -4.32 -9.41
O4 BMA F . 36.07 -2.02 -10.81
O5 BMA F . 32.47 -1.38 -10.73
O6 BMA F . 35.37 -0.17 -12.57
C1 BMA F . 35.64 -0.88 -13.80
C2 BMA F . 34.53 -0.70 -14.84
C3 BMA F . 34.68 -1.75 -15.93
C4 BMA F . 36.13 -2.33 -16.03
C5 BMA F . 37.24 -1.28 -15.61
C6 BMA F . 37.56 -0.24 -16.70
O2 BMA F . 34.61 0.57 -15.47
O3 BMA F . 34.26 -1.26 -17.19
O4 BMA F . 36.27 -3.52 -15.23
O5 BMA F . 36.92 -0.59 -14.36
O6 BMA F . 37.66 -0.91 -17.96
C1 MAN F . 36.05 -4.78 -15.93
C2 MAN F . 36.21 -4.70 -17.50
C3 MAN F . 34.87 -4.76 -18.26
C4 MAN F . 33.86 -5.68 -17.58
C5 MAN F . 33.68 -5.21 -16.15
C6 MAN F . 32.57 -5.96 -15.41
O2 MAN F . 36.96 -5.80 -18.00
O3 MAN F . 35.05 -5.16 -19.62
O4 MAN F . 32.61 -5.62 -18.26
O5 MAN F . 34.91 -5.47 -15.46
O6 MAN F . 32.28 -5.25 -14.21
C1 MAN F . 35.01 -4.86 -8.07
C2 MAN F . 36.28 -4.47 -7.28
C3 MAN F . 37.48 -5.33 -7.73
C4 MAN F . 37.11 -6.82 -7.72
C5 MAN F . 35.86 -7.05 -8.59
C6 MAN F . 35.39 -8.50 -8.62
O2 MAN F . 36.12 -4.74 -5.88
O3 MAN F . 38.63 -5.10 -6.92
O4 MAN F . 38.19 -7.59 -8.23
O5 MAN F . 34.77 -6.24 -8.08
O6 MAN F . 34.37 -8.62 -9.59
C1 NAG G . -22.20 29.95 53.26
C2 NAG G . -20.92 29.48 53.94
C3 NAG G . -19.86 30.57 53.91
C4 NAG G . -19.65 31.05 52.48
C5 NAG G . -20.98 31.47 51.86
C6 NAG G . -20.86 31.85 50.40
C7 NAG G . -20.47 28.17 55.98
C8 NAG G . -20.89 27.88 57.39
N2 NAG G . -21.20 29.08 55.32
O3 NAG G . -18.64 30.08 54.44
O4 NAG G . -18.74 32.15 52.45
O5 NAG G . -21.91 30.38 51.93
O6 NAG G . -22.12 31.78 49.74
O7 NAG G . -19.50 27.60 55.45
C1 NAG G . -17.54 31.71 51.80
C2 NAG G . -16.85 32.88 51.10
C3 NAG G . -15.59 32.40 50.39
C4 NAG G . -14.69 31.64 51.37
C5 NAG G . -15.49 30.54 52.06
C6 NAG G . -14.70 29.83 53.14
C7 NAG G . -18.31 34.72 50.37
C8 NAG G . -19.21 35.23 49.28
N2 NAG G . -17.75 33.52 50.15
O3 NAG G . -14.89 33.51 49.86
O4 NAG G . -13.60 31.05 50.66
O5 NAG G . -16.64 31.10 52.70
O6 NAG G . -15.50 29.59 54.30
O7 NAG G . -18.11 35.35 51.39
C1 BMA G . -12.34 31.63 51.08
C2 BMA G . -11.33 31.49 49.93
C3 BMA G . -10.01 32.15 50.27
C4 BMA G . -10.22 33.56 50.82
C5 BMA G . -11.24 33.54 51.98
C6 BMA G . -11.55 34.93 52.52
O2 BMA G . -11.83 32.19 48.81
O3 BMA G . -9.17 32.22 49.11
O4 BMA G . -8.99 34.09 51.28
O5 BMA G . -12.47 32.97 51.49
O6 BMA G . -10.34 35.69 52.61
C1 MAN G . -8.78 30.90 48.67
C2 MAN G . -7.49 30.47 49.41
C3 MAN G . -6.30 31.22 48.83
C4 MAN G . -6.24 31.06 47.29
C5 MAN G . -7.56 31.54 46.68
C6 MAN G . -7.63 31.32 45.18
O2 MAN G . -7.22 29.09 49.20
O3 MAN G . -5.07 30.78 49.41
O4 MAN G . -5.17 31.82 46.77
O5 MAN G . -8.66 30.80 47.27
O6 MAN G . -8.68 32.13 44.66
C1 NAG H . -15.13 22.24 24.37
C2 NAG H . -15.77 22.23 22.98
C3 NAG H . -14.83 21.56 21.98
C4 NAG H . -14.45 20.15 22.43
C5 NAG H . -14.07 20.17 23.91
C6 NAG H . -12.76 19.46 24.20
C7 NAG H . -18.20 22.17 23.33
C8 NAG H . -19.43 21.32 23.31
N2 NAG H . -17.05 21.55 23.02
O3 NAG H . -13.66 22.35 21.81
O4 NAG H . -15.55 19.28 22.25
O5 NAG H . -13.91 21.52 24.35
O6 NAG H . -11.71 20.39 24.42
O7 NAG H . -18.23 23.37 23.63
C1 NAG H . -15.17 18.16 21.43
C2 NAG H . -15.11 18.58 19.95
C3 NAG H . -14.72 17.38 19.09
C4 NAG H . -13.44 16.73 19.60
C5 NAG H . -13.57 16.40 21.08
C6 NAG H . -12.31 15.87 21.70
C7 NAG H . -16.49 20.32 18.90
C8 NAG H . -17.87 20.73 18.53
N2 NAG H . -16.37 19.13 19.52
O3 NAG H . -14.52 17.82 17.74
O4 NAG H . -13.18 15.54 18.87
O5 NAG H . -13.92 17.59 21.82
O6 NAG H . -12.54 15.26 22.95
O7 NAG H . -15.51 21.01 18.66
C1 NAG I . 5.84 -35.49 21.68
C2 NAG I . 5.04 -35.21 22.95
C3 NAG I . 3.71 -34.53 22.62
C4 NAG I . 2.92 -35.34 21.61
C5 NAG I . 3.82 -35.83 20.49
C6 NAG I . 3.25 -35.58 19.10
C7 NAG I . 5.73 -36.99 24.50
C8 NAG I . 5.31 -38.27 25.18
N2 NAG I . 4.82 -36.44 23.69
O3 NAG I . 3.97 -33.23 22.11
O4 NAG I . 2.34 -36.47 22.24
O5 NAG I . 5.07 -35.13 20.54
O6 NAG I . 3.84 -36.43 18.13
O7 NAG I . 6.83 -36.50 24.67
C1 NAG I . 0.93 -36.53 21.91
C2 NAG I . 0.65 -37.77 21.06
C3 NAG I . 0.03 -38.89 21.90
C4 NAG I . 0.62 -38.87 23.30
C5 NAG I . 0.19 -37.60 24.02
C6 NAG I . 1.16 -37.14 25.08
C7 NAG I . 0.05 -37.83 18.68
C8 NAG I . 1.29 -38.63 18.47
N2 NAG I . -0.21 -37.45 19.93
O3 NAG I . 0.28 -40.15 21.29
O4 NAG I . 0.17 -40.01 24.04
O5 NAG I . 0.04 -36.52 23.08
O6 NAG I . 0.60 -36.16 25.92
O7 NAG I . -0.70 -37.53 17.75
C1 NAG J . 7.60 -49.19 5.97
C2 NAG J . 6.40 -48.24 5.86
C3 NAG J . 5.77 -48.02 7.23
C4 NAG J . 5.44 -49.35 7.88
C5 NAG J . 6.68 -50.23 7.93
C6 NAG J . 6.43 -51.61 8.49
C7 NAG J . 6.13 -46.37 4.30
C8 NAG J . 6.70 -45.06 3.81
N2 NAG J . 6.82 -46.97 5.28
O3 NAG J . 4.59 -47.23 7.08
O4 NAG J . 4.97 -49.14 9.21
O5 NAG J . 7.20 -50.40 6.60
O6 NAG J . 5.32 -52.22 7.85
O7 NAG J . 5.10 -46.84 3.83
C1 NAG J . 3.55 -49.33 9.25
C2 NAG J . 3.23 -50.50 10.20
C3 NAG J . 2.81 -49.98 11.58
C4 NAG J . 1.59 -49.07 11.50
C5 NAG J . 1.56 -48.35 10.15
C6 NAG J . 0.91 -46.98 10.23
C7 NAG J . 2.37 -52.69 9.54
C8 NAG J . 1.21 -53.44 8.94
N2 NAG J . 2.22 -51.37 9.65
O3 NAG J . 3.89 -49.27 12.17
O4 NAG J . 0.39 -49.83 11.65
O5 NAG J . 2.90 -48.14 9.71
O6 NAG J . 1.07 -46.26 9.02
O7 NAG J . 3.39 -53.27 9.90
C1 BMA J . 0.35 -50.40 12.98
C2 BMA J . -0.66 -49.62 13.90
C3 BMA J . -2.10 -50.18 13.83
C4 BMA J . -2.16 -51.66 13.43
C5 BMA J . -0.85 -52.34 13.83
C6 BMA J . -0.89 -53.85 13.68
O2 BMA J . -0.73 -48.25 13.54
O3 BMA J . -2.92 -49.40 12.95
O4 BMA J . -3.24 -52.30 14.07
O5 BMA J . 0.16 -51.82 12.94
O6 BMA J . 0.17 -54.41 14.44
C1 NAG K . -21.27 -17.56 2.10
C2 NAG K . -22.66 -16.94 1.92
C3 NAG K . -23.35 -16.76 3.26
C4 NAG K . -23.41 -18.08 4.01
C5 NAG K . -21.98 -18.58 4.21
C6 NAG K . -21.92 -19.93 4.90
C7 NAG K . -23.21 -15.47 0.04
C8 NAG K . -23.02 -14.12 -0.57
N2 NAG K . -22.58 -15.68 1.20
O3 NAG K . -24.67 -16.26 3.04
O4 NAG K . -24.16 -17.99 5.21
O5 NAG K . -21.35 -18.75 2.94
O6 NAG K . -21.49 -19.79 6.25
O7 NAG K . -23.91 -16.33 -0.49
C1 NAG K . -23.58 -17.20 6.26
C2 NAG K . -24.61 -16.18 6.71
C3 NAG K . -23.99 -15.24 7.74
C4 NAG K . -22.81 -15.88 8.47
C5 NAG K . -22.89 -17.40 8.58
C6 NAG K . -23.86 -17.87 9.63
C7 NAG K . -26.44 -15.33 5.31
C8 NAG K . -27.37 -16.04 6.25
N2 NAG K . -25.13 -15.43 5.58
O3 NAG K . -24.99 -14.86 8.69
O4 NAG K . -21.58 -15.49 7.85
O5 NAG K . -23.24 -18.05 7.34
O6 NAG K . -23.84 -19.28 9.78
O7 NAG K . -26.86 -14.69 4.35
C1 NAG L . -8.84 -8.20 16.13
C2 NAG L . -7.70 -9.18 15.89
C3 NAG L . -7.91 -10.44 16.72
C4 NAG L . -8.12 -10.09 18.19
C5 NAG L . -9.21 -9.04 18.35
C6 NAG L . -9.35 -8.53 19.76
C7 NAG L . -6.72 -8.91 13.65
C8 NAG L . -6.73 -9.38 12.23
N2 NAG L . -7.59 -9.51 14.48
O3 NAG L . -6.79 -11.30 16.57
O4 NAG L . -8.51 -11.26 18.90
O5 NAG L . -8.92 -7.90 17.52
O6 NAG L . -8.85 -7.20 19.88
O7 NAG L . -5.96 -8.04 14.05
C1 NAG L . -7.52 -11.64 19.89
C2 NAG L . -8.23 -12.18 21.13
C3 NAG L . -7.57 -13.45 21.61
C4 NAG L . -7.63 -14.51 20.52
C5 NAG L . -6.92 -13.99 19.26
C6 NAG L . -7.76 -14.08 18.02
C7 NAG L . -9.39 -10.63 22.63
C8 NAG L . -9.24 -9.61 23.73
N2 NAG L . -8.26 -11.18 22.19
O3 NAG L . -8.25 -13.92 22.77
O4 NAG L . -7.07 -15.75 20.93
O5 NAG L . -6.51 -12.61 19.41
O6 NAG L . -6.98 -14.10 16.83
O7 NAG L . -10.49 -10.92 22.17
C1 BMA L . -5.87 -15.64 21.72
C2 BMA L . -6.07 -16.49 23.01
C3 BMA L . -5.98 -17.99 22.69
C4 BMA L . -5.14 -18.28 21.43
C5 BMA L . -4.04 -17.21 21.31
C6 BMA L . -3.00 -17.53 20.24
O2 BMA L . -7.36 -16.27 23.57
O3 BMA L . -7.26 -18.59 22.58
O4 BMA L . -4.55 -19.57 21.51
O5 BMA L . -4.67 -15.95 21.00
O6 BMA L . -2.37 -18.77 20.55
C1 NAG M . -17.15 43.26 23.83
C2 NAG M . -18.38 43.99 24.38
C3 NAG M . -19.54 43.91 23.37
C4 NAG M . -19.08 44.41 22.01
C5 NAG M . -17.83 43.67 21.56
C6 NAG M . -17.26 44.20 20.27
C7 NAG M . -19.37 44.17 26.62
C8 NAG M . -19.72 43.44 27.88
N2 NAG M . -18.80 43.44 25.66
O3 NAG M . -20.63 44.69 23.84
O4 NAG M . -20.12 44.22 21.05
O5 NAG M . -16.80 43.80 22.55
O6 NAG M . -15.86 44.42 20.37
O7 NAG M . -19.59 45.37 26.48
C1 NAG N . 2.35 17.19 36.11
C2 NAG N . 1.28 18.28 36.01
C3 NAG N . 1.32 19.17 37.25
C4 NAG N . 0.97 18.34 38.47
C5 NAG N . 1.91 17.14 38.59
C6 NAG N . 1.20 15.81 38.60
C7 NAG N . 0.45 19.55 34.08
C8 NAG N . 0.82 20.35 32.87
N2 NAG N . 1.47 19.07 34.80
O3 NAG N . 0.39 20.24 37.10
O4 NAG N . 1.09 19.15 39.64
O5 NAG N . 2.86 17.11 37.50
O6 NAG N . 1.93 14.83 39.31
O7 NAG N . -0.72 19.35 34.40
C1 NAG O . 28.68 -22.40 14.56
C2 NAG O . 28.01 -21.45 15.55
C3 NAG O . 28.47 -20.01 15.30
C4 NAG O . 29.99 -19.92 15.31
C5 NAG O . 30.59 -20.92 14.32
C6 NAG O . 32.10 -20.98 14.37
C7 NAG O . 25.83 -22.19 16.38
C8 NAG O . 24.35 -22.18 16.15
N2 NAG O . 26.56 -21.54 15.48
O3 NAG O . 27.93 -19.16 16.30
O4 NAG O . 30.42 -18.61 14.96
O5 NAG O . 30.11 -22.25 14.62
O6 NAG O . 32.60 -22.15 13.75
O7 NAG O . 26.33 -22.76 17.35
MN MN P . 28.77 14.88 5.90
MN MN Q . 16.58 14.06 12.52
MN MN R . 6.59 22.52 14.07
MN MN S . 6.56 34.77 8.01
MN MN T . -19.95 13.13 57.10
C1 NAG U . -29.27 -16.22 0.42
C2 NAG U . -30.22 -16.77 -0.64
C3 NAG U . -30.42 -18.27 -0.43
C4 NAG U . -29.09 -18.98 -0.63
C5 NAG U . -28.02 -18.39 0.28
C6 NAG U . -26.83 -17.84 -0.47
C7 NAG U . -32.01 -15.47 -1.70
C8 NAG U . -33.34 -14.80 -1.49
N2 NAG U . -31.50 -16.08 -0.62
O3 NAG U . -31.38 -18.75 -1.36
O4 NAG U . -29.24 -20.37 -0.34
O5 NAG U . -28.55 -17.32 1.08
O6 NAG U . -26.18 -18.86 -1.22
O7 NAG U . -31.44 -15.45 -2.78
C1 NAG V . 11.48 -9.82 -11.11
C2 NAG V . 12.95 -9.42 -10.96
C3 NAG V . 13.67 -10.37 -10.00
C4 NAG V . 12.93 -10.45 -8.67
C5 NAG V . 11.49 -10.86 -8.92
C6 NAG V . 10.66 -10.88 -7.65
C7 NAG V . 13.37 -8.50 -13.21
C8 NAG V . 14.18 -8.63 -14.46
N2 NAG V . 13.63 -9.40 -12.25
O3 NAG V . 15.01 -9.92 -9.78
O4 NAG V . 13.55 -11.40 -7.81
O5 NAG V . 10.87 -9.91 -9.81
O6 NAG V . 9.32 -10.45 -7.91
O7 NAG V . 12.51 -7.64 -13.07
MN MN W . 14.84 -0.30 -29.63
MN MN X . 16.46 -7.29 -31.24
MN MN Y . 13.84 4.89 -27.32
#